data_3U4A
#
_entry.id   3U4A
#
_cell.length_a   121.748
_cell.length_b   121.748
_cell.length_c   242.816
_cell.angle_alpha   90.00
_cell.angle_beta   90.00
_cell.angle_gamma   90.00
#
_symmetry.space_group_name_H-M   'P 43 21 2'
#
loop_
_entity.id
_entity.type
_entity.pdbx_description
1 polymer JMB19063
2 branched beta-D-glucopyranose-(1-4)-beta-D-glucopyranose
3 non-polymer beta-D-glucopyranose
4 non-polymer 'CALCIUM ION'
5 water water
#
_entity_poly.entity_id   1
_entity_poly.type   'polypeptide(L)'
_entity_poly.pdbx_seq_one_letter_code
;MKMNQFINALMAKMTLDEKIGQLNLPGAGDITTGQASSSGIAQKIKEGKVGGLFNIKSVTKIKEVQRIAVEESRLKIPLL
FGMDVIHGYETAFPIPLGLSCTWDMELIEKSARIAAIEASADGICWTFSPMVDISRDPRWGRVSEGSGEDPYLGAQIAKA
MVKGYQGKDFSDNTSIMACVKHFALYGAGEAGRDYNTVDMSRVRMYNEYFPPYKAAVDAGVGSVMTSFNEIDGIPATGNK
WLMTDVLRKRIGAFKGFVVTNYTAINEMIDHGMGDLQTVSALALRAGVDMDMVGEGFLTTLKKSLQEGKITQAQIDAACK
RILEAKYKLGLFSDPYKYCNEERARTQIFTPEHRKIAREIAAQSFVLLKNDNNVLPLKKSGTIALVGPLADNRVNMPGTW
SVAAKHAESVSLLEGLKKAAGNDARILYAHGSNLDEDKSLIERATMFGKTLKYDPRPKDVVIKEAVDIANQADVIVAALG
ESAEMSGEASSRSNIEIPALQRELLQALLKTGKPVVLVLFTGRPLALTWEHENVPAILNVWFAGTEAGDAISDALFGVVN
PSGKLSATFPRNVGQVPIYYNHKNTGRPLPEGQWFQKFRSNYLDVPNDPLYPFGYGLSFTKFTYGDLKLSSTNLKGNQTL
TASIELTNSGDYDGAEVVQLYIRDLVGSTTRPVKELKGFQKVFLKKGETKTITFKITPEDLKFYNYDLKYDWEPGEFVIM
VGGNSRDLKSQKINWLKDPAFLYKVVINSKLEGKPIPNPLLGLDSTRTGHHHHHH
;
_entity_poly.pdbx_strand_id   A,B
#
# COMPACT_ATOMS: atom_id res chain seq x y z
N MET A 1 23.18 -27.23 42.46
CA MET A 1 23.28 -25.87 41.95
C MET A 1 22.56 -25.74 40.62
N LYS A 2 21.28 -25.37 40.69
CA LYS A 2 20.51 -25.15 39.48
C LYS A 2 20.77 -23.75 38.92
N MET A 3 20.20 -23.48 37.75
CA MET A 3 20.50 -22.25 37.03
C MET A 3 20.21 -20.99 37.85
N ASN A 4 19.02 -20.92 38.43
CA ASN A 4 18.58 -19.71 39.12
C ASN A 4 19.51 -19.36 40.28
N GLN A 5 19.89 -20.37 41.04
CA GLN A 5 20.79 -20.17 42.16
C GLN A 5 22.14 -19.67 41.67
N PHE A 6 22.69 -20.35 40.67
CA PHE A 6 23.99 -19.99 40.12
C PHE A 6 24.00 -18.56 39.58
N ILE A 7 22.96 -18.22 38.82
CA ILE A 7 22.86 -16.90 38.20
C ILE A 7 22.70 -15.80 39.26
N ASN A 8 21.86 -16.06 40.26
CA ASN A 8 21.67 -15.09 41.33
C ASN A 8 22.98 -14.84 42.05
N ALA A 9 23.67 -15.92 42.42
CA ALA A 9 24.98 -15.83 43.07
C ALA A 9 25.95 -14.99 42.25
N LEU A 10 26.01 -15.26 40.94
CA LEU A 10 26.91 -14.52 40.06
C LEU A 10 26.60 -13.03 40.06
N MET A 11 25.33 -12.69 39.88
CA MET A 11 24.91 -11.29 39.79
C MET A 11 25.15 -10.53 41.09
N ALA A 12 25.10 -11.24 42.21
CA ALA A 12 25.43 -10.66 43.51
C ALA A 12 26.89 -10.23 43.58
N LYS A 13 27.73 -10.77 42.71
CA LYS A 13 29.14 -10.43 42.70
C LYS A 13 29.43 -9.24 41.77
N MET A 14 28.51 -9.00 40.85
CA MET A 14 28.71 -8.03 39.79
C MET A 14 28.50 -6.59 40.24
N THR A 15 29.32 -5.69 39.70
CA THR A 15 29.07 -4.26 39.86
C THR A 15 27.97 -3.82 38.89
N LEU A 16 27.44 -2.63 39.11
CA LEU A 16 26.46 -2.04 38.23
C LEU A 16 26.97 -2.02 36.79
N ASP A 17 28.21 -1.58 36.61
CA ASP A 17 28.81 -1.47 35.28
C ASP A 17 28.94 -2.82 34.60
N GLU A 18 29.14 -3.87 35.39
CA GLU A 18 29.30 -5.20 34.83
C GLU A 18 27.94 -5.74 34.35
N LYS A 19 26.89 -5.47 35.12
CA LYS A 19 25.53 -5.79 34.71
C LYS A 19 25.19 -5.09 33.40
N ILE A 20 25.45 -3.79 33.33
CA ILE A 20 25.24 -3.02 32.11
C ILE A 20 26.07 -3.57 30.95
N GLY A 21 27.34 -3.87 31.23
CA GLY A 21 28.22 -4.46 30.23
C GLY A 21 27.64 -5.69 29.54
N GLN A 22 26.91 -6.50 30.30
CA GLN A 22 26.28 -7.71 29.75
C GLN A 22 25.27 -7.36 28.67
N LEU A 23 24.74 -6.15 28.71
CA LEU A 23 23.70 -5.74 27.76
C LEU A 23 24.30 -5.19 26.47
N ASN A 24 25.61 -5.24 26.36
CA ASN A 24 26.31 -4.64 25.21
C ASN A 24 26.69 -5.66 24.15
N LEU A 25 26.26 -5.43 22.93
CA LEU A 25 26.62 -6.29 21.80
C LEU A 25 27.27 -5.42 20.73
N PRO A 26 28.54 -5.06 20.93
CA PRO A 26 29.15 -4.07 20.03
C PRO A 26 29.67 -4.67 18.74
N GLY A 27 29.93 -3.80 17.77
CA GLY A 27 30.70 -4.18 16.60
C GLY A 27 32.14 -4.42 17.03
N ALA A 28 32.80 -5.37 16.39
CA ALA A 28 34.09 -5.83 16.89
C ALA A 28 35.32 -5.08 16.37
N GLY A 29 35.25 -4.53 15.16
CA GLY A 29 36.44 -3.95 14.56
C GLY A 29 37.38 -5.08 14.15
N ASP A 30 38.39 -4.79 13.33
CA ASP A 30 39.28 -5.85 12.88
C ASP A 30 40.12 -6.45 14.01
N ILE A 31 40.31 -7.76 13.96
CA ILE A 31 41.05 -8.48 14.99
C ILE A 31 42.17 -9.29 14.34
N THR A 32 43.41 -8.91 14.61
CA THR A 32 44.54 -9.59 14.00
C THR A 32 44.82 -10.88 14.73
N THR A 33 44.61 -12.01 14.06
CA THR A 33 44.90 -13.30 14.66
C THR A 33 46.37 -13.35 15.07
N GLY A 34 46.60 -13.78 16.30
CA GLY A 34 47.95 -13.78 16.86
C GLY A 34 48.16 -12.63 17.82
N GLN A 35 47.22 -11.69 17.84
CA GLN A 35 47.29 -10.58 18.80
C GLN A 35 45.90 -10.10 19.21
N ALA A 36 44.98 -11.04 19.36
CA ALA A 36 43.62 -10.71 19.76
C ALA A 36 43.63 -9.96 21.08
N SER A 37 44.43 -10.42 22.02
CA SER A 37 44.42 -9.86 23.36
C SER A 37 44.87 -8.40 23.42
N SER A 38 45.43 -7.88 22.34
CA SER A 38 45.79 -6.46 22.31
C SER A 38 45.06 -5.69 21.21
N SER A 39 43.98 -6.28 20.69
CA SER A 39 43.17 -5.67 19.63
C SER A 39 42.19 -4.63 20.17
N GLY A 40 41.55 -3.90 19.26
CA GLY A 40 40.62 -2.84 19.63
C GLY A 40 39.52 -3.28 20.58
N ILE A 41 39.00 -4.48 20.37
CA ILE A 41 37.90 -4.98 21.20
C ILE A 41 38.38 -5.50 22.56
N ALA A 42 39.67 -5.84 22.64
CA ALA A 42 40.23 -6.48 23.83
C ALA A 42 40.01 -5.70 25.13
N GLN A 43 40.30 -4.41 25.11
CA GLN A 43 40.19 -3.60 26.31
C GLN A 43 38.77 -3.63 26.86
N LYS A 44 37.79 -3.47 25.98
CA LYS A 44 36.37 -3.47 26.40
C LYS A 44 35.98 -4.77 27.08
N ILE A 45 36.36 -5.89 26.48
CA ILE A 45 36.09 -7.20 27.06
C ILE A 45 36.74 -7.34 28.44
N LYS A 46 37.99 -6.88 28.56
CA LYS A 46 38.71 -6.96 29.82
C LYS A 46 38.00 -6.18 30.92
N GLU A 47 37.43 -5.05 30.55
CA GLU A 47 36.75 -4.19 31.51
C GLU A 47 35.33 -4.67 31.81
N GLY A 48 34.95 -5.80 31.24
CA GLY A 48 33.62 -6.37 31.47
C GLY A 48 32.52 -5.65 30.71
N LYS A 49 32.88 -4.96 29.63
CA LYS A 49 31.93 -4.11 28.91
C LYS A 49 31.26 -4.80 27.71
N VAL A 50 31.45 -6.10 27.59
CA VAL A 50 30.98 -6.85 26.43
C VAL A 50 30.21 -8.10 26.84
N GLY A 51 28.94 -8.17 26.47
CA GLY A 51 28.12 -9.33 26.76
C GLY A 51 28.20 -10.35 25.63
N GLY A 52 28.45 -9.87 24.42
CA GLY A 52 28.55 -10.74 23.25
C GLY A 52 29.13 -10.03 22.05
N LEU A 53 29.40 -10.80 21.00
CA LEU A 53 29.93 -10.26 19.75
C LEU A 53 29.31 -11.06 18.59
N PHE A 54 29.40 -10.54 17.39
CA PHE A 54 28.77 -11.22 16.26
C PHE A 54 29.47 -10.96 14.94
N ASN A 55 29.20 -11.84 13.98
CA ASN A 55 29.83 -11.80 12.66
C ASN A 55 31.37 -11.87 12.69
N ILE A 56 31.90 -12.43 13.77
CA ILE A 56 33.31 -12.82 13.81
C ILE A 56 33.43 -14.27 13.36
N LYS A 57 34.32 -14.54 12.39
CA LYS A 57 34.36 -15.85 11.75
C LYS A 57 35.60 -16.68 12.12
N SER A 58 35.41 -18.00 12.16
CA SER A 58 36.47 -19.00 12.37
C SER A 58 36.71 -19.33 13.85
N VAL A 59 36.69 -20.62 14.14
CA VAL A 59 36.85 -21.10 15.50
C VAL A 59 38.19 -20.64 16.09
N THR A 60 39.20 -20.47 15.24
CA THR A 60 40.52 -19.99 15.70
C THR A 60 40.44 -18.60 16.31
N LYS A 61 39.81 -17.68 15.58
CA LYS A 61 39.66 -16.30 16.02
C LYS A 61 38.74 -16.22 17.24
N ILE A 62 37.62 -16.93 17.18
CA ILE A 62 36.65 -16.92 18.27
C ILE A 62 37.22 -17.47 19.60
N LYS A 63 37.97 -18.55 19.54
CA LYS A 63 38.52 -19.10 20.76
C LYS A 63 39.42 -18.07 21.45
N GLU A 64 40.23 -17.37 20.67
CA GLU A 64 41.18 -16.43 21.24
C GLU A 64 40.45 -15.24 21.84
N VAL A 65 39.41 -14.79 21.17
CA VAL A 65 38.61 -13.69 21.69
C VAL A 65 37.91 -14.12 22.99
N GLN A 66 37.34 -15.32 22.97
CA GLN A 66 36.70 -15.89 24.15
C GLN A 66 37.70 -16.01 25.31
N ARG A 67 38.97 -16.27 24.97
CA ARG A 67 40.02 -16.39 25.98
C ARG A 67 40.27 -15.08 26.72
N ILE A 68 40.09 -13.95 26.04
CA ILE A 68 40.22 -12.65 26.71
C ILE A 68 39.18 -12.53 27.83
N ALA A 69 37.96 -13.01 27.56
CA ALA A 69 36.89 -12.93 28.55
C ALA A 69 37.14 -13.90 29.70
N VAL A 70 37.40 -15.16 29.36
CA VAL A 70 37.59 -16.20 30.37
C VAL A 70 38.81 -15.95 31.25
N GLU A 71 39.90 -15.46 30.65
CA GLU A 71 41.16 -15.30 31.39
C GLU A 71 41.44 -13.88 31.88
N GLU A 72 40.91 -12.88 31.20
CA GLU A 72 41.37 -11.51 31.46
C GLU A 72 40.29 -10.53 31.91
N SER A 73 39.10 -11.02 32.18
CA SER A 73 38.07 -10.18 32.79
C SER A 73 37.86 -10.61 34.23
N ARG A 74 37.40 -9.68 35.07
CA ARG A 74 37.30 -9.94 36.49
C ARG A 74 36.43 -11.15 36.84
N LEU A 75 35.24 -11.25 36.24
CA LEU A 75 34.36 -12.34 36.62
C LEU A 75 34.47 -13.53 35.67
N LYS A 76 35.25 -13.38 34.61
CA LYS A 76 35.45 -14.44 33.63
C LYS A 76 34.15 -14.88 32.96
N ILE A 77 33.23 -13.96 32.75
CA ILE A 77 31.97 -14.29 32.09
C ILE A 77 32.18 -14.40 30.58
N PRO A 78 31.84 -15.58 30.02
CA PRO A 78 32.09 -15.85 28.59
C PRO A 78 31.11 -15.10 27.68
N LEU A 79 31.53 -14.91 26.44
CA LEU A 79 30.73 -14.17 25.47
C LEU A 79 29.85 -15.09 24.63
N LEU A 80 28.73 -14.54 24.17
CA LEU A 80 27.96 -15.16 23.10
C LEU A 80 28.63 -14.81 21.80
N PHE A 81 28.64 -15.75 20.85
CA PHE A 81 29.09 -15.42 19.51
C PHE A 81 27.98 -15.69 18.51
N GLY A 82 27.44 -14.63 17.95
CA GLY A 82 26.33 -14.72 17.03
C GLY A 82 26.76 -14.49 15.59
N MET A 83 25.85 -14.78 14.68
CA MET A 83 26.07 -14.57 13.25
C MET A 83 24.73 -14.69 12.51
N ASP A 84 24.63 -14.04 11.35
CA ASP A 84 23.52 -14.30 10.43
C ASP A 84 23.72 -15.61 9.68
N VAL A 85 23.33 -16.72 10.29
CA VAL A 85 23.26 -17.98 9.58
C VAL A 85 21.80 -18.15 9.15
N ILE A 86 21.54 -17.78 7.90
CA ILE A 86 20.20 -17.54 7.41
C ILE A 86 19.65 -18.73 6.62
N HIS A 87 20.42 -19.21 5.66
CA HIS A 87 20.07 -20.41 4.90
C HIS A 87 21.32 -21.22 4.63
N GLY A 88 22.00 -21.59 5.72
CA GLY A 88 23.21 -22.37 5.65
C GLY A 88 24.39 -21.59 6.18
N TYR A 89 25.48 -22.29 6.50
CA TYR A 89 26.71 -21.64 6.93
C TYR A 89 27.66 -21.56 5.73
N GLU A 90 28.54 -22.55 5.59
CA GLU A 90 29.41 -22.58 4.42
C GLU A 90 28.71 -23.28 3.25
N THR A 91 28.03 -24.39 3.55
CA THR A 91 27.15 -25.00 2.57
C THR A 91 25.87 -24.18 2.52
N ALA A 92 25.55 -23.63 1.35
CA ALA A 92 24.40 -22.75 1.24
C ALA A 92 23.20 -23.45 0.61
N PHE A 93 22.09 -23.45 1.34
CA PHE A 93 20.83 -23.95 0.83
C PHE A 93 20.15 -22.81 0.07
N PRO A 94 19.00 -23.07 -0.57
CA PRO A 94 18.34 -21.96 -1.27
C PRO A 94 18.01 -20.85 -0.30
N ILE A 95 17.87 -19.62 -0.78
CA ILE A 95 17.33 -18.56 0.06
C ILE A 95 16.00 -19.01 0.69
N PRO A 96 15.68 -18.47 1.88
CA PRO A 96 14.46 -18.89 2.59
C PRO A 96 13.17 -18.85 1.76
N LEU A 97 12.98 -17.80 0.96
CA LEU A 97 11.76 -17.71 0.15
C LEU A 97 11.70 -18.94 -0.76
N GLY A 98 12.84 -19.32 -1.32
CA GLY A 98 12.92 -20.53 -2.11
C GLY A 98 12.61 -21.77 -1.30
N LEU A 99 13.18 -21.84 -0.10
CA LEU A 99 13.02 -23.03 0.73
C LEU A 99 11.56 -23.23 1.13
N SER A 100 10.85 -22.13 1.33
CA SER A 100 9.48 -22.20 1.76
C SER A 100 8.62 -22.86 0.68
N CYS A 101 9.06 -22.79 -0.57
CA CYS A 101 8.30 -23.38 -1.68
C CYS A 101 8.38 -24.90 -1.73
N THR A 102 9.26 -25.49 -0.94
CA THR A 102 9.28 -26.94 -0.82
C THR A 102 8.00 -27.41 -0.14
N TRP A 103 7.45 -26.56 0.72
CA TRP A 103 6.30 -26.94 1.55
C TRP A 103 6.61 -28.25 2.27
N ASP A 104 7.89 -28.47 2.55
CA ASP A 104 8.34 -29.71 3.14
C ASP A 104 9.04 -29.38 4.46
N MET A 105 8.30 -29.51 5.55
CA MET A 105 8.79 -29.06 6.84
C MET A 105 9.99 -29.90 7.31
N GLU A 106 10.06 -31.16 6.88
CA GLU A 106 11.21 -32.00 7.19
C GLU A 106 12.48 -31.44 6.57
N LEU A 107 12.42 -31.12 5.28
CA LEU A 107 13.58 -30.57 4.60
C LEU A 107 13.98 -29.22 5.20
N ILE A 108 12.99 -28.43 5.61
CA ILE A 108 13.29 -27.13 6.19
C ILE A 108 14.08 -27.33 7.47
N GLU A 109 13.56 -28.17 8.35
CA GLU A 109 14.25 -28.47 9.61
C GLU A 109 15.67 -29.02 9.36
N LYS A 110 15.80 -29.91 8.37
CA LYS A 110 17.08 -30.51 8.06
C LYS A 110 18.11 -29.47 7.60
N SER A 111 17.68 -28.51 6.81
CA SER A 111 18.64 -27.51 6.35
C SER A 111 19.11 -26.67 7.53
N ALA A 112 18.23 -26.50 8.52
CA ALA A 112 18.58 -25.74 9.71
C ALA A 112 19.52 -26.54 10.60
N ARG A 113 19.29 -27.85 10.65
CA ARG A 113 20.12 -28.74 11.43
C ARG A 113 21.56 -28.66 10.92
N ILE A 114 21.70 -28.80 9.61
CA ILE A 114 23.01 -28.81 8.98
C ILE A 114 23.71 -27.49 9.14
N ALA A 115 22.94 -26.40 9.06
CA ALA A 115 23.48 -25.07 9.27
C ALA A 115 24.02 -24.95 10.69
N ALA A 116 23.28 -25.48 11.67
CA ALA A 116 23.68 -25.41 13.06
C ALA A 116 24.94 -26.24 13.30
N ILE A 117 24.99 -27.41 12.67
CA ILE A 117 26.13 -28.30 12.80
C ILE A 117 27.38 -27.58 12.32
N GLU A 118 27.29 -26.97 11.14
CA GLU A 118 28.41 -26.24 10.55
C GLU A 118 28.81 -25.03 11.39
N ALA A 119 27.82 -24.20 11.74
CA ALA A 119 28.11 -22.98 12.50
C ALA A 119 28.69 -23.27 13.88
N SER A 120 28.10 -24.22 14.59
CA SER A 120 28.60 -24.57 15.92
C SER A 120 30.01 -25.17 15.87
N ALA A 121 30.33 -25.83 14.76
CA ALA A 121 31.64 -26.44 14.57
C ALA A 121 32.72 -25.37 14.44
N ASP A 122 32.28 -24.16 14.09
CA ASP A 122 33.19 -23.05 13.83
C ASP A 122 33.06 -21.98 14.91
N GLY A 123 32.49 -22.36 16.06
CA GLY A 123 32.48 -21.48 17.21
C GLY A 123 31.26 -20.60 17.41
N ILE A 124 30.30 -20.69 16.49
CA ILE A 124 29.08 -19.90 16.55
C ILE A 124 28.02 -20.61 17.39
N CYS A 125 27.42 -19.91 18.34
CA CYS A 125 26.42 -20.55 19.20
C CYS A 125 25.08 -19.81 19.19
N TRP A 126 24.91 -18.90 18.23
CA TRP A 126 23.73 -18.04 18.18
C TRP A 126 23.52 -17.50 16.77
N THR A 127 22.37 -17.79 16.16
CA THR A 127 22.07 -17.26 14.83
C THR A 127 20.87 -16.29 14.81
N PHE A 128 21.01 -15.22 14.03
CA PHE A 128 19.95 -14.23 13.86
C PHE A 128 18.97 -14.76 12.80
N SER A 129 18.22 -15.79 13.17
CA SER A 129 17.39 -16.56 12.25
C SER A 129 16.44 -17.39 13.10
N PRO A 130 15.21 -17.69 12.61
CA PRO A 130 14.66 -17.37 11.29
C PRO A 130 14.03 -15.99 11.19
N MET A 131 14.04 -15.45 9.98
CA MET A 131 13.28 -14.25 9.66
C MET A 131 11.89 -14.72 9.20
N VAL A 132 10.86 -14.31 9.93
CA VAL A 132 9.51 -14.79 9.71
C VAL A 132 8.52 -13.66 9.43
N ASP A 133 9.03 -12.51 9.00
CA ASP A 133 8.19 -11.38 8.65
C ASP A 133 7.24 -11.73 7.50
N ILE A 134 5.95 -11.63 7.76
CA ILE A 134 4.96 -11.74 6.69
C ILE A 134 5.11 -10.57 5.75
N SER A 135 5.11 -10.84 4.46
CA SER A 135 5.05 -9.74 3.49
C SER A 135 4.11 -10.01 2.30
N ARG A 136 3.42 -8.96 1.88
CA ARG A 136 2.53 -8.98 0.72
C ARG A 136 3.04 -8.02 -0.34
N ASP A 137 4.30 -7.62 -0.21
CA ASP A 137 4.85 -6.57 -1.07
C ASP A 137 6.18 -7.00 -1.70
N PRO A 138 6.13 -7.48 -2.94
CA PRO A 138 7.27 -8.00 -3.71
C PRO A 138 8.37 -6.97 -3.96
N ARG A 139 8.06 -5.69 -3.84
CA ARG A 139 9.09 -4.66 -4.02
C ARG A 139 10.18 -4.77 -2.95
N TRP A 140 9.78 -5.22 -1.76
CA TRP A 140 10.66 -5.26 -0.59
C TRP A 140 11.71 -6.34 -0.78
N GLY A 141 12.97 -5.94 -0.76
CA GLY A 141 14.07 -6.87 -0.99
C GLY A 141 14.07 -8.04 -0.03
N ARG A 142 13.55 -7.83 1.17
CA ARG A 142 13.68 -8.82 2.25
C ARG A 142 12.67 -9.97 2.17
N VAL A 143 11.79 -9.95 1.17
CA VAL A 143 10.87 -11.08 1.00
C VAL A 143 11.69 -12.34 0.75
N SER A 144 12.93 -12.16 0.30
CA SER A 144 13.81 -13.30 0.00
C SER A 144 14.20 -14.05 1.26
N GLU A 145 14.19 -13.35 2.39
CA GLU A 145 14.62 -13.91 3.67
C GLU A 145 13.47 -14.54 4.43
N GLY A 146 12.25 -14.39 3.90
CA GLY A 146 11.06 -14.83 4.59
C GLY A 146 10.43 -16.07 3.97
N SER A 147 9.17 -16.31 4.31
CA SER A 147 8.48 -17.51 3.82
C SER A 147 7.15 -17.20 3.14
N GLY A 148 7.01 -16.00 2.61
CA GLY A 148 5.84 -15.65 1.83
C GLY A 148 4.75 -14.91 2.58
N GLU A 149 3.52 -14.99 2.07
CA GLU A 149 2.44 -14.13 2.55
C GLU A 149 1.50 -14.79 3.56
N ASP A 150 1.69 -16.08 3.82
CA ASP A 150 0.71 -16.79 4.63
C ASP A 150 1.14 -17.06 6.07
N PRO A 151 0.27 -16.67 7.03
CA PRO A 151 0.55 -16.87 8.46
C PRO A 151 0.65 -18.34 8.87
N TYR A 152 -0.16 -19.22 8.27
CA TYR A 152 -0.12 -20.63 8.64
C TYR A 152 1.17 -21.32 8.19
N LEU A 153 1.41 -21.31 6.88
CA LEU A 153 2.66 -21.83 6.32
C LEU A 153 3.87 -21.19 7.04
N GLY A 154 3.82 -19.88 7.22
CA GLY A 154 4.88 -19.16 7.91
C GLY A 154 5.11 -19.69 9.31
N ALA A 155 4.03 -19.89 10.05
CA ALA A 155 4.13 -20.43 11.41
C ALA A 155 4.71 -21.85 11.41
N GLN A 156 4.33 -22.66 10.44
CA GLN A 156 4.87 -24.02 10.34
C GLN A 156 6.38 -23.97 10.12
N ILE A 157 6.83 -23.06 9.27
CA ILE A 157 8.24 -22.98 8.91
C ILE A 157 9.06 -22.45 10.08
N ALA A 158 8.52 -21.46 10.80
CA ALA A 158 9.12 -20.97 12.02
C ALA A 158 9.44 -22.11 12.98
N LYS A 159 8.48 -23.00 13.22
CA LYS A 159 8.70 -24.10 14.14
C LYS A 159 9.80 -25.03 13.62
N ALA A 160 9.77 -25.30 12.32
CA ALA A 160 10.76 -26.17 11.71
C ALA A 160 12.17 -25.60 11.83
N MET A 161 12.30 -24.30 11.64
CA MET A 161 13.59 -23.63 11.69
C MET A 161 14.15 -23.62 13.11
N VAL A 162 13.33 -23.18 14.06
CA VAL A 162 13.75 -23.12 15.46
C VAL A 162 14.18 -24.51 15.97
N LYS A 163 13.44 -25.53 15.57
CA LYS A 163 13.72 -26.89 16.02
C LYS A 163 15.01 -27.42 15.41
N GLY A 164 15.25 -27.05 14.15
CA GLY A 164 16.47 -27.47 13.47
C GLY A 164 17.69 -26.86 14.11
N TYR A 165 17.60 -25.58 14.45
CA TYR A 165 18.70 -24.86 15.07
C TYR A 165 18.97 -25.33 16.49
N GLN A 166 17.91 -25.42 17.29
CA GLN A 166 18.04 -25.55 18.74
C GLN A 166 18.00 -26.98 19.28
N GLY A 167 17.51 -27.92 18.47
CA GLY A 167 17.42 -29.30 18.92
C GLY A 167 16.60 -29.44 20.19
N LYS A 168 16.88 -30.48 20.97
CA LYS A 168 16.14 -30.69 22.22
C LYS A 168 16.88 -30.14 23.44
N ASP A 169 18.10 -29.66 23.24
CA ASP A 169 18.90 -29.14 24.35
C ASP A 169 19.88 -28.05 23.92
N PHE A 170 19.71 -26.86 24.46
CA PHE A 170 20.63 -25.74 24.17
C PHE A 170 22.09 -26.09 24.48
N SER A 171 22.30 -26.98 25.45
CA SER A 171 23.64 -27.31 25.91
C SER A 171 24.39 -28.24 24.95
N ASP A 172 23.69 -28.86 24.01
CA ASP A 172 24.38 -29.67 23.02
C ASP A 172 25.36 -28.83 22.22
N ASN A 173 26.51 -29.41 21.87
CA ASN A 173 27.50 -28.64 21.11
C ASN A 173 27.21 -28.61 19.60
N THR A 174 26.11 -29.23 19.18
CA THR A 174 25.69 -29.15 17.79
C THR A 174 24.48 -28.24 17.65
N SER A 175 23.94 -27.80 18.77
CA SER A 175 22.81 -26.88 18.75
C SER A 175 23.23 -25.45 19.03
N ILE A 176 22.55 -24.52 18.37
CA ILE A 176 22.77 -23.09 18.58
C ILE A 176 21.44 -22.42 18.90
N MET A 177 21.52 -21.29 19.59
CA MET A 177 20.32 -20.54 19.92
C MET A 177 19.82 -19.78 18.71
N ALA A 178 18.52 -19.88 18.46
CA ALA A 178 17.89 -19.18 17.34
C ALA A 178 17.36 -17.84 17.80
N CYS A 179 17.02 -16.98 16.84
CA CYS A 179 16.56 -15.64 17.13
C CYS A 179 15.50 -15.26 16.11
N VAL A 180 14.24 -15.23 16.53
CA VAL A 180 13.19 -14.90 15.59
C VAL A 180 13.21 -13.41 15.34
N LYS A 181 13.07 -13.03 14.07
CA LYS A 181 13.08 -11.62 13.68
C LYS A 181 12.14 -11.41 12.49
N HIS A 182 11.73 -10.16 12.24
CA HIS A 182 12.09 -9.03 13.08
C HIS A 182 10.81 -8.52 13.73
N PHE A 183 10.73 -8.64 15.04
CA PHE A 183 9.54 -8.29 15.81
C PHE A 183 9.36 -6.78 15.84
N ALA A 184 8.37 -6.24 15.12
CA ALA A 184 7.41 -7.00 14.33
C ALA A 184 6.85 -6.15 13.18
N LEU A 185 6.20 -6.80 12.22
CA LEU A 185 5.41 -6.12 11.17
C LEU A 185 6.30 -5.48 10.11
N TYR A 186 7.59 -5.76 10.20
CA TYR A 186 8.62 -5.17 9.33
C TYR A 186 8.23 -5.29 7.85
N GLY A 187 7.52 -6.35 7.50
CA GLY A 187 7.24 -6.65 6.10
C GLY A 187 6.14 -5.79 5.49
N ALA A 188 5.55 -4.91 6.27
CA ALA A 188 4.50 -4.04 5.77
C ALA A 188 5.00 -2.62 5.52
N GLY A 189 6.32 -2.42 5.49
CA GLY A 189 6.86 -1.13 5.13
C GLY A 189 6.13 -0.50 3.95
N GLU A 190 5.74 0.76 4.07
CA GLU A 190 4.99 1.41 3.00
C GLU A 190 5.72 1.47 1.65
N ALA A 191 4.98 1.18 0.59
CA ALA A 191 5.48 1.24 -0.78
C ALA A 191 6.67 0.32 -1.01
N GLY A 192 6.75 -0.75 -0.24
CA GLY A 192 7.79 -1.75 -0.38
C GLY A 192 9.20 -1.22 -0.21
N ARG A 193 9.33 -0.04 0.41
CA ARG A 193 10.64 0.59 0.57
C ARG A 193 11.20 0.25 1.95
N ASP A 194 12.34 -0.43 1.97
CA ASP A 194 12.91 -0.88 3.25
C ASP A 194 12.93 0.22 4.32
N TYR A 195 12.60 -0.18 5.54
CA TYR A 195 12.63 0.70 6.71
C TYR A 195 11.51 1.72 6.74
N ASN A 196 10.70 1.76 5.70
CA ASN A 196 9.64 2.76 5.64
C ASN A 196 8.58 2.55 6.71
N THR A 197 7.72 3.56 6.88
CA THR A 197 6.66 3.53 7.87
C THR A 197 5.79 2.28 7.74
N VAL A 198 5.40 1.73 8.89
CA VAL A 198 4.44 0.64 8.93
C VAL A 198 3.20 1.12 9.69
N ASP A 199 2.03 0.78 9.17
CA ASP A 199 0.79 1.09 9.87
C ASP A 199 -0.33 0.10 9.55
N MET A 200 -1.07 -0.30 10.58
CA MET A 200 -2.16 -1.25 10.43
C MET A 200 -2.91 -1.37 11.74
N SER A 201 -4.10 -1.96 11.68
CA SER A 201 -4.94 -2.15 12.85
C SER A 201 -4.44 -3.29 13.72
N ARG A 202 -4.88 -3.30 14.97
CA ARG A 202 -4.51 -4.36 15.90
C ARG A 202 -5.04 -5.71 15.40
N VAL A 203 -6.27 -5.71 14.88
CA VAL A 203 -6.90 -6.95 14.46
C VAL A 203 -6.19 -7.56 13.24
N ARG A 204 -5.72 -6.71 12.33
CA ARG A 204 -4.88 -7.20 11.25
C ARG A 204 -3.54 -7.79 11.76
N MET A 205 -2.93 -7.14 12.75
CA MET A 205 -1.70 -7.70 13.33
C MET A 205 -1.92 -9.12 13.81
N TYR A 206 -2.96 -9.29 14.63
CA TYR A 206 -3.22 -10.58 15.26
C TYR A 206 -3.56 -11.71 14.29
N ASN A 207 -4.37 -11.42 13.28
CA ASN A 207 -4.77 -12.46 12.34
C ASN A 207 -3.77 -12.68 11.22
N GLU A 208 -3.13 -11.59 10.77
CA GLU A 208 -2.45 -11.64 9.48
C GLU A 208 -0.90 -11.59 9.54
N TYR A 209 -0.35 -11.06 10.64
CA TYR A 209 1.09 -10.83 10.73
C TYR A 209 1.77 -11.49 11.94
N PHE A 210 1.12 -11.48 13.10
CA PHE A 210 1.69 -12.02 14.33
C PHE A 210 1.94 -13.54 14.35
N PRO A 211 1.06 -14.34 13.71
CA PRO A 211 1.16 -15.79 13.96
C PRO A 211 2.55 -16.43 13.84
N PRO A 212 3.34 -16.07 12.82
CA PRO A 212 4.68 -16.70 12.70
C PRO A 212 5.59 -16.40 13.89
N TYR A 213 5.56 -15.18 14.40
CA TYR A 213 6.36 -14.82 15.56
C TYR A 213 5.93 -15.71 16.72
N LYS A 214 4.63 -15.81 16.92
CA LYS A 214 4.09 -16.57 18.04
C LYS A 214 4.48 -18.04 17.93
N ALA A 215 4.50 -18.56 16.71
CA ALA A 215 4.91 -19.94 16.49
C ALA A 215 6.36 -20.15 16.95
N ALA A 216 7.23 -19.19 16.61
CA ALA A 216 8.63 -19.28 17.00
C ALA A 216 8.76 -19.34 18.51
N VAL A 217 8.03 -18.47 19.19
CA VAL A 217 8.08 -18.37 20.64
C VAL A 217 7.59 -19.65 21.29
N ASP A 218 6.46 -20.15 20.80
CA ASP A 218 5.89 -21.39 21.31
C ASP A 218 6.81 -22.57 21.03
N ALA A 219 7.62 -22.44 19.98
CA ALA A 219 8.59 -23.48 19.64
C ALA A 219 9.80 -23.44 20.59
N GLY A 220 9.91 -22.36 21.36
CA GLY A 220 10.98 -22.22 22.32
C GLY A 220 12.19 -21.46 21.81
N VAL A 221 12.00 -20.62 20.79
CA VAL A 221 13.08 -19.77 20.31
C VAL A 221 13.75 -19.06 21.49
N GLY A 222 15.08 -18.94 21.46
CA GLY A 222 15.81 -18.46 22.61
C GLY A 222 15.85 -16.94 22.75
N SER A 223 15.70 -16.26 21.63
CA SER A 223 15.84 -14.81 21.62
C SER A 223 14.96 -14.21 20.54
N VAL A 224 14.76 -12.90 20.61
CA VAL A 224 13.95 -12.20 19.63
C VAL A 224 14.67 -10.92 19.24
N MET A 225 14.69 -10.62 17.94
CA MET A 225 15.28 -9.37 17.47
C MET A 225 14.21 -8.36 17.05
N THR A 226 14.40 -7.11 17.43
CA THR A 226 13.43 -6.06 17.12
C THR A 226 13.57 -5.60 15.67
N SER A 227 12.53 -4.94 15.18
CA SER A 227 12.50 -4.42 13.81
C SER A 227 12.78 -2.93 13.75
N PHE A 228 13.05 -2.45 12.54
CA PHE A 228 13.44 -1.06 12.32
C PHE A 228 12.24 -0.12 12.25
N ASN A 229 11.07 -0.68 11.99
CA ASN A 229 9.87 0.11 11.73
C ASN A 229 9.16 0.58 12.99
N GLU A 230 8.42 1.67 12.84
CA GLU A 230 7.51 2.12 13.88
C GLU A 230 6.20 1.34 13.76
N ILE A 231 5.46 1.31 14.86
CA ILE A 231 4.13 0.74 14.89
C ILE A 231 3.28 1.64 15.76
N ASP A 232 2.11 2.04 15.26
CA ASP A 232 1.29 3.03 15.94
C ASP A 232 2.10 4.27 16.29
N GLY A 233 3.14 4.52 15.49
CA GLY A 233 3.94 5.73 15.66
C GLY A 233 5.06 5.58 16.69
N ILE A 234 5.31 4.36 17.13
CA ILE A 234 6.43 4.09 18.03
C ILE A 234 7.33 3.00 17.47
N PRO A 235 8.62 3.32 17.28
CA PRO A 235 9.54 2.31 16.77
C PRO A 235 9.45 1.04 17.60
N ALA A 236 9.40 -0.12 16.94
CA ALA A 236 9.32 -1.40 17.65
C ALA A 236 10.32 -1.46 18.82
N THR A 237 11.53 -0.98 18.60
CA THR A 237 12.59 -1.10 19.61
C THR A 237 12.23 -0.36 20.91
N GLY A 238 11.38 0.65 20.81
CA GLY A 238 10.96 1.38 21.99
C GLY A 238 9.49 1.17 22.33
N ASN A 239 8.90 0.13 21.76
CA ASN A 239 7.45 -0.09 21.88
C ASN A 239 7.10 -1.06 22.99
N LYS A 240 6.68 -0.52 24.14
CA LYS A 240 6.45 -1.35 25.32
C LYS A 240 5.31 -2.32 25.12
N TRP A 241 4.24 -1.86 24.49
CA TRP A 241 3.09 -2.71 24.20
C TRP A 241 3.53 -3.97 23.46
N LEU A 242 4.35 -3.76 22.43
CA LEU A 242 4.84 -4.85 21.62
C LEU A 242 5.80 -5.78 22.36
N MET A 243 6.82 -5.18 23.00
CA MET A 243 7.92 -5.94 23.58
C MET A 243 7.60 -6.53 24.95
N THR A 244 6.63 -5.95 25.64
CA THR A 244 6.24 -6.46 26.93
C THR A 244 4.85 -7.09 26.94
N ASP A 245 3.83 -6.28 26.61
CA ASP A 245 2.44 -6.73 26.70
C ASP A 245 2.07 -7.83 25.70
N VAL A 246 2.58 -7.71 24.47
CA VAL A 246 2.36 -8.75 23.47
C VAL A 246 3.37 -9.90 23.65
N LEU A 247 4.66 -9.57 23.54
CA LEU A 247 5.71 -10.59 23.57
C LEU A 247 5.69 -11.42 24.86
N ARG A 248 5.60 -10.73 25.99
CA ARG A 248 5.69 -11.41 27.28
C ARG A 248 4.35 -11.48 28.00
N LYS A 249 3.26 -11.46 27.25
CA LYS A 249 1.92 -11.63 27.80
C LYS A 249 1.88 -12.82 28.75
N ARG A 250 1.39 -12.59 29.97
CA ARG A 250 1.36 -13.63 31.01
C ARG A 250 1.39 -15.07 30.50
N ILE A 251 0.24 -15.59 30.08
CA ILE A 251 0.13 -16.97 29.59
C ILE A 251 0.69 -17.10 28.18
N GLY A 252 1.62 -18.04 28.01
CA GLY A 252 2.38 -18.16 26.77
C GLY A 252 3.70 -17.40 26.89
N ALA A 253 4.30 -17.49 28.07
CA ALA A 253 5.47 -16.70 28.40
C ALA A 253 6.67 -16.96 27.49
N PHE A 254 7.20 -15.90 26.91
CA PHE A 254 8.51 -15.94 26.26
C PHE A 254 9.54 -15.78 27.37
N LYS A 255 10.46 -16.73 27.48
CA LYS A 255 11.45 -16.71 28.56
C LYS A 255 12.79 -16.09 28.16
N GLY A 256 13.07 -16.04 26.86
CA GLY A 256 14.36 -15.61 26.37
C GLY A 256 14.60 -14.11 26.50
N PHE A 257 15.53 -13.60 25.70
CA PHE A 257 15.87 -12.18 25.76
C PHE A 257 15.63 -11.51 24.41
N VAL A 258 15.53 -10.19 24.45
CA VAL A 258 15.31 -9.41 23.25
C VAL A 258 16.59 -8.64 22.90
N VAL A 259 17.06 -8.80 21.67
CA VAL A 259 18.21 -8.03 21.18
C VAL A 259 17.70 -7.05 20.15
N THR A 260 18.28 -5.86 20.09
CA THR A 260 17.84 -4.87 19.11
C THR A 260 18.39 -5.24 17.74
N ASN A 261 17.79 -4.69 16.69
CA ASN A 261 18.43 -4.78 15.39
C ASN A 261 19.66 -3.84 15.38
N TYR A 262 20.39 -3.86 14.28
CA TYR A 262 21.63 -3.08 14.16
C TYR A 262 21.41 -1.58 14.40
N THR A 263 21.96 -1.08 15.52
CA THR A 263 21.78 0.32 15.96
C THR A 263 20.31 0.81 15.94
N ALA A 264 19.36 -0.10 16.14
CA ALA A 264 17.95 0.26 16.17
C ALA A 264 17.62 1.28 17.26
N ILE A 265 18.32 1.19 18.39
CA ILE A 265 18.11 2.19 19.45
C ILE A 265 18.51 3.58 18.98
N ASN A 266 19.72 3.70 18.44
CA ASN A 266 20.21 4.98 17.97
C ASN A 266 19.31 5.56 16.87
N GLU A 267 18.76 4.67 16.04
CA GLU A 267 17.94 5.10 14.92
C GLU A 267 16.61 5.69 15.39
N MET A 268 16.24 5.39 16.63
CA MET A 268 15.05 6.03 17.21
C MET A 268 15.21 7.53 17.32
N ILE A 269 16.45 8.00 17.36
CA ILE A 269 16.75 9.42 17.31
C ILE A 269 16.31 9.99 15.96
N ASP A 270 16.68 9.30 14.89
CA ASP A 270 16.23 9.68 13.55
C ASP A 270 14.70 9.55 13.40
N HIS A 271 14.13 8.50 14.00
CA HIS A 271 12.68 8.31 13.99
C HIS A 271 12.00 9.59 14.52
N GLY A 272 12.64 10.27 15.48
CA GLY A 272 12.09 11.47 16.07
C GLY A 272 11.66 11.28 17.51
N MET A 273 12.26 10.31 18.19
CA MET A 273 11.86 9.95 19.54
C MET A 273 12.66 10.64 20.66
N GLY A 274 13.70 11.39 20.30
CA GLY A 274 14.52 12.06 21.30
C GLY A 274 16.00 11.75 21.16
N ASP A 275 16.77 12.09 22.19
CA ASP A 275 18.22 11.85 22.16
C ASP A 275 18.58 10.43 22.62
N LEU A 276 19.87 10.13 22.56
CA LEU A 276 20.35 8.76 22.81
C LEU A 276 19.95 8.24 24.19
N GLN A 277 20.11 9.07 25.21
CA GLN A 277 19.78 8.64 26.56
C GLN A 277 18.29 8.32 26.64
N THR A 278 17.49 9.25 26.14
CA THR A 278 16.04 9.10 26.15
C THR A 278 15.60 7.81 25.46
N VAL A 279 16.08 7.58 24.25
CA VAL A 279 15.60 6.44 23.47
C VAL A 279 16.15 5.13 24.03
N SER A 280 17.32 5.19 24.66
CA SER A 280 17.90 4.03 25.33
C SER A 280 17.08 3.61 26.52
N ALA A 281 16.63 4.58 27.30
CA ALA A 281 15.79 4.29 28.46
C ALA A 281 14.47 3.72 27.99
N LEU A 282 13.97 4.26 26.88
CA LEU A 282 12.71 3.82 26.31
C LEU A 282 12.83 2.35 25.92
N ALA A 283 13.95 1.99 25.30
CA ALA A 283 14.19 0.62 24.88
C ALA A 283 14.24 -0.35 26.07
N LEU A 284 14.96 0.02 27.12
CA LEU A 284 15.07 -0.84 28.29
C LEU A 284 13.72 -1.01 28.96
N ARG A 285 13.03 0.11 29.19
CA ARG A 285 11.68 0.05 29.78
C ARG A 285 10.71 -0.80 28.94
N ALA A 286 10.90 -0.81 27.62
CA ALA A 286 10.01 -1.55 26.75
C ALA A 286 10.18 -3.06 26.89
N GLY A 287 11.37 -3.49 27.35
CA GLY A 287 11.67 -4.90 27.46
C GLY A 287 12.88 -5.34 26.64
N VAL A 288 13.62 -4.38 26.08
CA VAL A 288 14.83 -4.70 25.34
C VAL A 288 15.97 -5.10 26.28
N ASP A 289 16.69 -6.15 25.92
CA ASP A 289 17.70 -6.72 26.80
C ASP A 289 19.14 -6.52 26.32
N MET A 290 19.35 -6.57 25.01
CA MET A 290 20.72 -6.46 24.49
C MET A 290 20.79 -5.45 23.35
N ASP A 291 21.83 -4.62 23.38
CA ASP A 291 21.96 -3.45 22.52
C ASP A 291 22.99 -3.73 21.44
N MET A 292 22.53 -3.90 20.20
CA MET A 292 23.43 -4.23 19.10
C MET A 292 24.14 -3.00 18.52
N VAL A 293 25.47 -2.97 18.70
CA VAL A 293 26.37 -1.99 18.07
C VAL A 293 26.32 -0.52 18.55
N GLY A 294 25.12 0.03 18.74
CA GLY A 294 25.00 1.46 18.98
C GLY A 294 25.45 1.96 20.35
N GLU A 295 25.64 1.03 21.29
CA GLU A 295 26.20 1.34 22.61
C GLU A 295 25.45 2.39 23.43
N GLY A 296 24.17 2.57 23.11
CA GLY A 296 23.30 3.43 23.90
C GLY A 296 23.13 2.95 25.33
N PHE A 297 22.97 1.63 25.51
CA PHE A 297 22.91 1.06 26.86
C PHE A 297 24.20 1.31 27.65
N LEU A 298 25.32 0.90 27.06
CA LEU A 298 26.61 1.01 27.71
C LEU A 298 26.85 2.44 28.20
N THR A 299 26.58 3.41 27.34
CA THR A 299 27.01 4.78 27.61
C THR A 299 25.98 5.67 28.30
N THR A 300 24.74 5.21 28.48
CA THR A 300 23.73 6.08 29.06
C THR A 300 22.89 5.50 30.20
N LEU A 301 22.88 4.19 30.36
CA LEU A 301 22.01 3.58 31.37
C LEU A 301 22.32 4.02 32.81
N LYS A 302 23.59 4.23 33.12
CA LYS A 302 23.91 4.61 34.49
C LYS A 302 23.34 6.01 34.80
N LYS A 303 23.49 6.92 33.85
CA LYS A 303 23.02 8.27 34.03
C LYS A 303 21.50 8.27 34.27
N SER A 304 20.79 7.46 33.48
CA SER A 304 19.34 7.33 33.61
C SER A 304 18.96 6.77 34.98
N LEU A 305 19.70 5.75 35.41
CA LEU A 305 19.46 5.14 36.71
C LEU A 305 19.67 6.16 37.82
N GLN A 306 20.77 6.89 37.76
CA GLN A 306 21.06 7.93 38.74
C GLN A 306 19.96 8.99 38.78
N GLU A 307 19.30 9.20 37.65
CA GLU A 307 18.24 10.19 37.52
C GLU A 307 16.84 9.61 37.78
N GLY A 308 16.78 8.33 38.11
CA GLY A 308 15.51 7.68 38.38
C GLY A 308 14.59 7.57 37.16
N LYS A 309 15.19 7.55 35.97
CA LYS A 309 14.42 7.40 34.75
C LYS A 309 14.24 5.93 34.38
N ILE A 310 15.03 5.07 35.02
CA ILE A 310 14.91 3.62 34.90
C ILE A 310 15.20 3.07 36.27
N THR A 311 14.95 1.78 36.49
CA THR A 311 15.20 1.21 37.81
C THR A 311 16.29 0.16 37.77
N GLN A 312 16.77 -0.20 38.96
CA GLN A 312 17.76 -1.26 39.12
C GLN A 312 17.18 -2.58 38.66
N ALA A 313 15.92 -2.81 39.02
CA ALA A 313 15.21 -4.02 38.66
C ALA A 313 15.19 -4.22 37.15
N GLN A 314 15.01 -3.13 36.42
CA GLN A 314 14.99 -3.19 34.97
C GLN A 314 16.34 -3.64 34.44
N ILE A 315 17.41 -3.06 34.98
CA ILE A 315 18.74 -3.46 34.57
C ILE A 315 18.97 -4.92 34.96
N ASP A 316 18.61 -5.27 36.18
CA ASP A 316 18.81 -6.63 36.67
C ASP A 316 18.10 -7.70 35.84
N ALA A 317 16.85 -7.44 35.48
CA ALA A 317 16.07 -8.41 34.71
C ALA A 317 16.69 -8.68 33.34
N ALA A 318 17.17 -7.62 32.69
CA ALA A 318 17.81 -7.75 31.39
C ALA A 318 19.12 -8.51 31.50
N CYS A 319 19.90 -8.18 32.53
CA CYS A 319 21.16 -8.86 32.77
C CYS A 319 20.94 -10.35 32.99
N LYS A 320 20.01 -10.68 33.88
CA LYS A 320 19.74 -12.07 34.18
C LYS A 320 19.37 -12.86 32.93
N ARG A 321 18.60 -12.24 32.04
CA ARG A 321 18.16 -12.91 30.82
C ARG A 321 19.35 -13.30 29.93
N ILE A 322 20.31 -12.38 29.80
CA ILE A 322 21.50 -12.65 29.00
C ILE A 322 22.28 -13.81 29.62
N LEU A 323 22.46 -13.75 30.93
CA LEU A 323 23.24 -14.76 31.66
C LEU A 323 22.57 -16.13 31.55
N GLU A 324 21.24 -16.14 31.48
CA GLU A 324 20.51 -17.39 31.38
C GLU A 324 20.70 -18.05 30.01
N ALA A 325 20.75 -17.22 28.98
CA ALA A 325 21.02 -17.72 27.64
C ALA A 325 22.40 -18.40 27.62
N LYS A 326 23.38 -17.71 28.16
CA LYS A 326 24.74 -18.24 28.27
C LYS A 326 24.78 -19.54 29.07
N TYR A 327 24.03 -19.58 30.16
CA TYR A 327 24.00 -20.76 31.01
C TYR A 327 23.42 -21.93 30.21
N LYS A 328 22.29 -21.68 29.55
CA LYS A 328 21.59 -22.71 28.79
C LYS A 328 22.44 -23.26 27.66
N LEU A 329 23.24 -22.38 27.06
CA LEU A 329 24.10 -22.79 25.95
C LEU A 329 25.30 -23.64 26.39
N GLY A 330 25.52 -23.71 27.71
CA GLY A 330 26.58 -24.52 28.27
C GLY A 330 27.87 -23.76 28.56
N LEU A 331 27.82 -22.44 28.44
CA LEU A 331 29.02 -21.61 28.46
C LEU A 331 29.65 -21.44 29.84
N PHE A 332 28.89 -21.64 30.90
CA PHE A 332 29.46 -21.53 32.25
C PHE A 332 30.12 -22.82 32.72
N SER A 333 29.81 -23.93 32.04
CA SER A 333 30.48 -25.19 32.33
C SER A 333 31.66 -25.38 31.38
N ASP A 334 31.54 -24.81 30.18
CA ASP A 334 32.63 -24.83 29.21
C ASP A 334 32.54 -23.69 28.22
N PRO A 335 33.29 -22.62 28.46
CA PRO A 335 33.27 -21.40 27.64
C PRO A 335 33.72 -21.72 26.22
N TYR A 336 34.51 -22.77 26.06
CA TYR A 336 35.05 -23.16 24.74
C TYR A 336 34.23 -24.30 24.11
N LYS A 337 33.02 -24.52 24.63
CA LYS A 337 32.16 -25.60 24.15
C LYS A 337 32.08 -25.68 22.63
N TYR A 338 31.95 -24.53 21.98
CA TYR A 338 31.78 -24.46 20.52
C TYR A 338 33.10 -24.29 19.76
N CYS A 339 34.23 -24.42 20.46
CA CYS A 339 35.54 -24.19 19.86
C CYS A 339 36.39 -25.45 19.80
N ASN A 340 36.15 -26.25 18.77
CA ASN A 340 36.93 -27.46 18.53
C ASN A 340 37.42 -27.45 17.10
N GLU A 341 38.74 -27.38 16.93
CA GLU A 341 39.35 -27.26 15.62
C GLU A 341 39.06 -28.45 14.72
N GLU A 342 38.99 -29.63 15.32
CA GLU A 342 38.79 -30.86 14.55
C GLU A 342 37.37 -30.95 14.01
N ARG A 343 36.41 -30.42 14.77
CA ARG A 343 35.03 -30.32 14.28
C ARG A 343 34.99 -29.39 13.10
N ALA A 344 35.59 -28.22 13.28
CA ALA A 344 35.69 -27.23 12.21
C ALA A 344 36.33 -27.84 10.97
N ARG A 345 37.34 -28.68 11.18
CA ARG A 345 38.06 -29.29 10.07
C ARG A 345 37.26 -30.37 9.37
N THR A 346 36.45 -31.11 10.13
CA THR A 346 35.80 -32.30 9.60
C THR A 346 34.29 -32.15 9.34
N GLN A 347 33.66 -31.13 9.89
CA GLN A 347 32.19 -31.07 9.86
C GLN A 347 31.60 -29.91 9.06
N ILE A 348 32.45 -29.22 8.31
CA ILE A 348 31.99 -28.06 7.56
C ILE A 348 32.17 -28.22 6.05
N PHE A 349 31.12 -27.94 5.29
CA PHE A 349 31.21 -27.97 3.83
C PHE A 349 31.65 -29.34 3.33
N THR A 350 31.25 -30.39 4.04
CA THR A 350 31.61 -31.75 3.66
C THR A 350 30.89 -32.16 2.38
N PRO A 351 31.39 -33.20 1.70
CA PRO A 351 30.72 -33.73 0.50
C PRO A 351 29.28 -34.15 0.83
N GLU A 352 29.09 -34.75 2.01
CA GLU A 352 27.76 -35.18 2.41
C GLU A 352 26.82 -33.98 2.58
N HIS A 353 27.32 -32.93 3.21
CA HIS A 353 26.52 -31.72 3.39
C HIS A 353 26.12 -31.13 2.05
N ARG A 354 27.06 -31.11 1.11
CA ARG A 354 26.80 -30.53 -0.20
C ARG A 354 25.80 -31.39 -0.97
N LYS A 355 25.83 -32.70 -0.73
CA LYS A 355 24.89 -33.60 -1.37
C LYS A 355 23.46 -33.32 -0.91
N ILE A 356 23.28 -33.16 0.41
CA ILE A 356 21.99 -32.85 0.97
C ILE A 356 21.45 -31.53 0.44
N ALA A 357 22.31 -30.51 0.40
CA ALA A 357 21.92 -29.22 -0.14
C ALA A 357 21.41 -29.38 -1.57
N ARG A 358 22.13 -30.17 -2.36
CA ARG A 358 21.76 -30.39 -3.75
C ARG A 358 20.37 -31.01 -3.87
N GLU A 359 20.07 -31.97 -3.00
CA GLU A 359 18.79 -32.65 -3.04
C GLU A 359 17.67 -31.73 -2.56
N ILE A 360 17.96 -30.96 -1.52
CA ILE A 360 16.97 -30.04 -0.98
C ILE A 360 16.64 -28.92 -1.98
N ALA A 361 17.66 -28.42 -2.66
CA ALA A 361 17.50 -27.32 -3.62
C ALA A 361 16.56 -27.69 -4.77
N ALA A 362 16.66 -28.93 -5.25
CA ALA A 362 15.87 -29.39 -6.37
C ALA A 362 14.41 -29.47 -6.01
N GLN A 363 14.12 -29.51 -4.72
CA GLN A 363 12.74 -29.64 -4.26
C GLN A 363 12.14 -28.27 -3.94
N SER A 364 12.94 -27.22 -4.13
CA SER A 364 12.46 -25.85 -3.89
C SER A 364 12.01 -25.14 -5.16
N PHE A 365 12.36 -25.69 -6.31
CA PHE A 365 12.03 -25.06 -7.58
C PHE A 365 10.51 -25.09 -7.83
N VAL A 366 9.99 -24.00 -8.38
CA VAL A 366 8.60 -23.96 -8.79
C VAL A 366 8.52 -23.91 -10.30
N LEU A 367 7.91 -24.94 -10.89
CA LEU A 367 7.64 -24.97 -12.32
C LEU A 367 6.37 -24.16 -12.60
N LEU A 368 6.52 -23.04 -13.31
CA LEU A 368 5.43 -22.09 -13.49
C LEU A 368 4.73 -22.25 -14.83
N LYS A 369 5.35 -22.97 -15.75
CA LYS A 369 4.76 -23.24 -17.05
C LYS A 369 5.54 -24.33 -17.74
N ASN A 370 4.84 -25.23 -18.43
CA ASN A 370 5.52 -26.25 -19.21
C ASN A 370 4.66 -26.75 -20.36
N ASP A 371 4.50 -25.93 -21.39
CA ASP A 371 3.71 -26.31 -22.55
C ASP A 371 4.41 -27.37 -23.41
N ASN A 372 3.61 -28.19 -24.06
CA ASN A 372 4.10 -29.15 -25.05
C ASN A 372 5.31 -29.99 -24.62
N ASN A 373 5.31 -30.45 -23.37
CA ASN A 373 6.30 -31.42 -22.91
C ASN A 373 7.76 -31.01 -23.15
N VAL A 374 8.02 -29.70 -23.18
CA VAL A 374 9.38 -29.23 -23.36
C VAL A 374 10.31 -29.81 -22.28
N LEU A 375 9.85 -29.74 -21.04
CA LEU A 375 10.56 -30.32 -19.91
C LEU A 375 9.91 -31.64 -19.53
N PRO A 376 10.72 -32.63 -19.13
CA PRO A 376 12.17 -32.52 -19.00
C PRO A 376 12.87 -32.64 -20.34
N LEU A 377 14.07 -32.06 -20.43
CA LEU A 377 14.84 -32.11 -21.66
C LEU A 377 15.44 -33.48 -21.90
N LYS A 378 15.49 -33.89 -23.16
CA LYS A 378 16.19 -35.11 -23.50
C LYS A 378 17.67 -34.86 -23.31
N LYS A 379 18.37 -35.87 -22.79
CA LYS A 379 19.82 -35.76 -22.64
C LYS A 379 20.48 -36.24 -23.92
N SER A 380 20.20 -35.52 -25.00
CA SER A 380 20.77 -35.81 -26.31
C SER A 380 20.81 -34.53 -27.11
N GLY A 381 21.32 -34.60 -28.34
CA GLY A 381 21.37 -33.44 -29.21
C GLY A 381 22.21 -32.30 -28.65
N THR A 382 21.82 -31.07 -29.01
CA THR A 382 22.58 -29.90 -28.59
C THR A 382 21.70 -28.92 -27.83
N ILE A 383 22.24 -28.39 -26.73
CA ILE A 383 21.54 -27.45 -25.87
C ILE A 383 22.29 -26.14 -25.77
N ALA A 384 21.59 -25.03 -25.99
CA ALA A 384 22.19 -23.71 -25.87
C ALA A 384 21.81 -23.08 -24.55
N LEU A 385 22.82 -22.67 -23.78
CA LEU A 385 22.62 -22.01 -22.50
C LEU A 385 23.05 -20.55 -22.59
N VAL A 386 22.10 -19.66 -22.36
CA VAL A 386 22.29 -18.23 -22.63
C VAL A 386 21.79 -17.38 -21.47
N GLY A 387 22.46 -16.26 -21.22
CA GLY A 387 22.02 -15.32 -20.19
C GLY A 387 23.11 -14.88 -19.23
N PRO A 388 22.93 -13.69 -18.64
CA PRO A 388 23.88 -13.14 -17.67
C PRO A 388 24.04 -14.04 -16.44
N LEU A 389 23.15 -15.02 -16.28
CA LEU A 389 23.22 -15.90 -15.12
C LEU A 389 23.59 -17.34 -15.44
N ALA A 390 24.02 -17.59 -16.68
CA ALA A 390 24.34 -18.95 -17.12
C ALA A 390 25.65 -19.47 -16.52
N ASP A 391 26.64 -18.60 -16.37
CA ASP A 391 27.95 -19.06 -15.93
C ASP A 391 28.59 -18.14 -14.89
N ASN A 392 27.97 -18.10 -13.71
CA ASN A 392 28.46 -17.31 -12.60
C ASN A 392 28.29 -18.10 -11.32
N ARG A 393 29.35 -18.18 -10.52
CA ARG A 393 29.33 -18.95 -9.29
C ARG A 393 28.86 -18.15 -8.09
N VAL A 394 29.41 -16.95 -7.93
CA VAL A 394 29.23 -16.18 -6.71
C VAL A 394 27.78 -15.73 -6.47
N ASN A 395 26.97 -15.65 -7.52
CA ASN A 395 25.57 -15.26 -7.32
C ASN A 395 24.66 -16.40 -6.90
N MET A 396 25.09 -17.64 -7.14
CA MET A 396 24.22 -18.81 -6.91
C MET A 396 23.65 -18.93 -5.48
N PRO A 397 24.47 -18.60 -4.46
CA PRO A 397 23.93 -18.66 -3.09
C PRO A 397 22.89 -17.59 -2.78
N GLY A 398 22.77 -16.56 -3.61
CA GLY A 398 21.82 -15.49 -3.33
C GLY A 398 22.30 -14.59 -2.21
N THR A 399 21.41 -13.73 -1.72
CA THR A 399 21.75 -12.79 -0.66
C THR A 399 21.77 -13.47 0.72
N TRP A 400 22.15 -12.70 1.73
CA TRP A 400 22.27 -13.21 3.09
C TRP A 400 22.97 -14.57 3.19
N SER A 401 24.14 -14.68 2.55
CA SER A 401 24.93 -15.89 2.62
C SER A 401 26.38 -15.55 2.98
N VAL A 402 26.54 -14.83 4.08
CA VAL A 402 27.84 -14.24 4.41
C VAL A 402 28.97 -15.27 4.62
N ALA A 403 28.62 -16.46 5.08
CA ALA A 403 29.65 -17.47 5.33
C ALA A 403 29.78 -18.46 4.18
N ALA A 404 28.91 -18.34 3.18
CA ALA A 404 28.94 -19.29 2.07
C ALA A 404 30.28 -19.30 1.30
N LYS A 405 30.65 -20.47 0.79
CA LYS A 405 31.80 -20.57 -0.09
C LYS A 405 31.40 -20.17 -1.51
N HIS A 406 31.18 -18.88 -1.72
CA HIS A 406 30.59 -18.40 -2.98
C HIS A 406 31.32 -18.86 -4.24
N ALA A 407 32.66 -18.76 -4.20
CA ALA A 407 33.53 -19.08 -5.33
C ALA A 407 33.63 -20.57 -5.61
N GLU A 408 33.04 -21.38 -4.74
CA GLU A 408 33.05 -22.82 -4.92
C GLU A 408 31.69 -23.35 -5.37
N SER A 409 30.75 -22.43 -5.59
CA SER A 409 29.43 -22.81 -6.09
C SER A 409 29.52 -23.40 -7.48
N VAL A 410 28.49 -24.16 -7.86
CA VAL A 410 28.43 -24.76 -9.18
C VAL A 410 27.58 -23.87 -10.10
N SER A 411 28.20 -23.31 -11.12
CA SER A 411 27.47 -22.50 -12.08
C SER A 411 26.51 -23.39 -12.86
N LEU A 412 25.52 -22.79 -13.49
CA LEU A 412 24.56 -23.54 -14.29
C LEU A 412 25.27 -24.18 -15.47
N LEU A 413 26.16 -23.43 -16.11
CA LEU A 413 26.94 -23.97 -17.21
C LEU A 413 27.73 -25.20 -16.75
N GLU A 414 28.36 -25.08 -15.59
CA GLU A 414 29.18 -26.15 -15.04
C GLU A 414 28.34 -27.38 -14.74
N GLY A 415 27.20 -27.16 -14.07
CA GLY A 415 26.33 -28.24 -13.67
C GLY A 415 25.76 -28.96 -14.87
N LEU A 416 25.44 -28.18 -15.90
CA LEU A 416 24.85 -28.69 -17.13
C LEU A 416 25.83 -29.53 -17.93
N LYS A 417 27.04 -29.01 -18.12
CA LYS A 417 28.09 -29.77 -18.82
C LYS A 417 28.31 -31.12 -18.15
N LYS A 418 28.49 -31.11 -16.84
CA LYS A 418 28.69 -32.35 -16.07
C LYS A 418 27.56 -33.37 -16.30
N ALA A 419 26.32 -32.93 -16.12
CA ALA A 419 25.18 -33.84 -16.24
C ALA A 419 25.07 -34.40 -17.65
N ALA A 420 25.37 -33.56 -18.64
CA ALA A 420 25.26 -33.96 -20.04
C ALA A 420 26.34 -34.97 -20.45
N GLY A 421 27.57 -34.74 -19.98
CA GLY A 421 28.67 -35.61 -20.34
C GLY A 421 28.89 -35.67 -21.85
N ASN A 422 28.95 -36.89 -22.38
CA ASN A 422 29.10 -37.10 -23.82
C ASN A 422 27.78 -37.38 -24.52
N ASP A 423 26.69 -37.38 -23.76
CA ASP A 423 25.37 -37.64 -24.32
C ASP A 423 24.78 -36.42 -25.02
N ALA A 424 25.19 -35.24 -24.61
CA ALA A 424 24.65 -34.00 -25.19
C ALA A 424 25.68 -32.89 -25.24
N ARG A 425 25.60 -32.07 -26.29
CA ARG A 425 26.50 -30.94 -26.45
C ARG A 425 25.88 -29.69 -25.83
N ILE A 426 26.61 -29.05 -24.94
CA ILE A 426 26.15 -27.81 -24.29
C ILE A 426 26.88 -26.61 -24.87
N LEU A 427 26.16 -25.72 -25.54
CA LEU A 427 26.76 -24.50 -26.08
C LEU A 427 26.43 -23.32 -25.17
N TYR A 428 27.32 -22.34 -25.14
CA TYR A 428 27.16 -21.19 -24.24
C TYR A 428 27.27 -19.84 -24.94
N ALA A 429 26.54 -18.86 -24.44
CA ALA A 429 26.67 -17.48 -24.90
C ALA A 429 26.20 -16.52 -23.82
N HIS A 430 26.94 -15.42 -23.65
CA HIS A 430 26.60 -14.42 -22.64
C HIS A 430 25.18 -13.90 -22.85
N GLY A 431 24.86 -13.52 -24.09
CA GLY A 431 23.52 -13.07 -24.44
C GLY A 431 23.31 -11.60 -24.12
N SER A 432 23.54 -11.24 -22.87
CA SER A 432 23.45 -9.84 -22.45
C SER A 432 23.92 -9.68 -21.02
N ASN A 433 24.27 -8.44 -20.67
CA ASN A 433 24.53 -8.10 -19.28
C ASN A 433 23.25 -8.14 -18.46
N LEU A 434 23.39 -7.95 -17.15
CA LEU A 434 22.27 -7.99 -16.23
C LEU A 434 21.24 -6.92 -16.57
N ASP A 435 21.72 -5.77 -17.06
CA ASP A 435 20.85 -4.63 -17.31
C ASP A 435 21.61 -3.61 -18.14
N GLU A 436 20.87 -2.73 -18.82
CA GLU A 436 21.45 -1.51 -19.32
C GLU A 436 21.85 -0.77 -18.05
N ASP A 437 22.27 0.48 -18.14
CA ASP A 437 22.62 1.21 -16.92
C ASP A 437 23.60 0.41 -16.05
N LYS A 438 24.89 0.59 -16.30
CA LYS A 438 25.93 -0.08 -15.55
C LYS A 438 25.88 0.26 -14.06
N SER A 439 25.52 1.50 -13.74
CA SER A 439 25.49 1.91 -12.34
C SER A 439 24.47 1.09 -11.54
N LEU A 440 23.38 0.68 -12.18
CA LEU A 440 22.39 -0.16 -11.52
C LEU A 440 22.97 -1.57 -11.29
N ILE A 441 23.64 -2.11 -12.31
CA ILE A 441 24.32 -3.38 -12.15
C ILE A 441 25.27 -3.36 -10.94
N GLU A 442 26.02 -2.27 -10.81
CA GLU A 442 26.99 -2.15 -9.73
C GLU A 442 26.34 -2.20 -8.35
N ARG A 443 25.35 -1.34 -8.11
CA ARG A 443 24.70 -1.36 -6.80
C ARG A 443 23.93 -2.66 -6.56
N ALA A 444 23.62 -3.38 -7.64
CA ALA A 444 22.95 -4.67 -7.52
C ALA A 444 23.92 -5.85 -7.40
N THR A 445 25.22 -5.58 -7.45
CA THR A 445 26.20 -6.65 -7.34
C THR A 445 27.23 -6.33 -6.26
N MET A 446 26.74 -5.73 -5.18
CA MET A 446 27.60 -5.37 -4.06
C MET A 446 28.08 -6.62 -3.34
N PHE A 447 28.99 -6.41 -2.40
CA PHE A 447 29.45 -7.48 -1.51
C PHE A 447 30.26 -8.55 -2.24
N GLY A 448 30.85 -8.20 -3.38
CA GLY A 448 31.69 -9.13 -4.12
C GLY A 448 30.91 -10.12 -4.97
N LYS A 449 29.61 -9.88 -5.14
CA LYS A 449 28.78 -10.78 -5.94
C LYS A 449 28.74 -10.31 -7.39
N THR A 450 29.91 -10.18 -8.01
CA THR A 450 30.01 -9.53 -9.31
C THR A 450 29.62 -10.42 -10.49
N LEU A 451 29.16 -9.79 -11.56
CA LEU A 451 28.86 -10.50 -12.81
C LEU A 451 29.85 -10.04 -13.88
N LYS A 452 30.13 -10.91 -14.84
CA LYS A 452 30.98 -10.53 -15.97
C LYS A 452 30.26 -9.47 -16.80
N TYR A 453 30.93 -8.35 -17.03
CA TYR A 453 30.32 -7.26 -17.77
C TYR A 453 30.85 -7.20 -19.20
N ASP A 454 29.94 -7.20 -20.17
CA ASP A 454 30.33 -7.18 -21.58
C ASP A 454 30.21 -5.77 -22.16
N PRO A 455 31.35 -5.17 -22.52
CA PRO A 455 31.38 -3.77 -22.99
C PRO A 455 30.85 -3.61 -24.42
N ARG A 456 30.61 -4.72 -25.11
CA ARG A 456 30.14 -4.67 -26.49
C ARG A 456 28.69 -4.21 -26.59
N PRO A 457 28.33 -3.54 -27.70
CA PRO A 457 26.96 -3.13 -28.00
C PRO A 457 25.97 -4.30 -27.82
N LYS A 458 24.85 -4.04 -27.17
CA LYS A 458 23.89 -5.12 -26.89
C LYS A 458 23.47 -5.90 -28.14
N ASP A 459 23.29 -5.23 -29.27
CA ASP A 459 22.89 -5.93 -30.49
C ASP A 459 23.96 -6.93 -30.94
N VAL A 460 25.23 -6.54 -30.77
CA VAL A 460 26.35 -7.43 -31.08
C VAL A 460 26.26 -8.71 -30.24
N VAL A 461 26.08 -8.53 -28.93
CA VAL A 461 26.08 -9.66 -28.00
C VAL A 461 24.87 -10.55 -28.18
N ILE A 462 23.74 -9.94 -28.52
CA ILE A 462 22.55 -10.70 -28.81
C ILE A 462 22.74 -11.52 -30.08
N LYS A 463 23.26 -10.90 -31.12
CA LYS A 463 23.51 -11.62 -32.37
C LYS A 463 24.40 -12.83 -32.14
N GLU A 464 25.32 -12.68 -31.20
CA GLU A 464 26.24 -13.76 -30.86
C GLU A 464 25.44 -14.94 -30.29
N ALA A 465 24.53 -14.64 -29.37
CA ALA A 465 23.73 -15.68 -28.74
C ALA A 465 22.76 -16.34 -29.73
N VAL A 466 22.05 -15.52 -30.50
CA VAL A 466 21.12 -16.01 -31.50
C VAL A 466 21.79 -16.98 -32.46
N ASP A 467 23.00 -16.63 -32.90
CA ASP A 467 23.73 -17.47 -33.83
C ASP A 467 24.20 -18.78 -33.20
N ILE A 468 24.50 -18.73 -31.90
CA ILE A 468 24.83 -19.95 -31.18
C ILE A 468 23.58 -20.80 -30.98
N ALA A 469 22.50 -20.15 -30.59
CA ALA A 469 21.23 -20.82 -30.34
C ALA A 469 20.73 -21.53 -31.59
N ASN A 470 20.97 -20.93 -32.75
CA ASN A 470 20.53 -21.51 -34.01
C ASN A 470 21.20 -22.85 -34.32
N GLN A 471 22.22 -23.18 -33.54
CA GLN A 471 22.93 -24.44 -33.70
C GLN A 471 22.41 -25.51 -32.75
N ALA A 472 21.53 -25.11 -31.83
CA ALA A 472 21.01 -26.01 -30.81
C ALA A 472 19.59 -26.48 -31.13
N ASP A 473 19.16 -27.55 -30.47
CA ASP A 473 17.81 -28.07 -30.66
C ASP A 473 16.87 -27.48 -29.62
N VAL A 474 17.47 -26.84 -28.60
CA VAL A 474 16.68 -26.20 -27.55
C VAL A 474 17.53 -25.16 -26.83
N ILE A 475 16.89 -24.06 -26.43
CA ILE A 475 17.56 -22.97 -25.74
C ILE A 475 17.16 -22.95 -24.28
N VAL A 476 18.15 -22.75 -23.41
CA VAL A 476 17.87 -22.56 -22.00
C VAL A 476 18.30 -21.16 -21.60
N ALA A 477 17.33 -20.31 -21.29
CA ALA A 477 17.62 -18.93 -20.92
C ALA A 477 17.75 -18.75 -19.40
N ALA A 478 18.96 -18.48 -18.96
CA ALA A 478 19.22 -18.21 -17.55
C ALA A 478 19.15 -16.71 -17.29
N LEU A 479 17.96 -16.25 -16.91
CA LEU A 479 17.71 -14.82 -16.74
C LEU A 479 17.17 -14.54 -15.36
N GLY A 480 17.08 -13.26 -15.02
CA GLY A 480 16.44 -12.86 -13.79
C GLY A 480 17.24 -11.82 -13.02
N GLU A 481 17.20 -11.90 -11.70
CA GLU A 481 17.94 -10.98 -10.85
C GLU A 481 19.34 -11.47 -10.52
N SER A 482 20.16 -10.54 -10.02
CA SER A 482 21.39 -10.89 -9.33
C SER A 482 21.07 -11.08 -7.85
N ALA A 483 21.99 -11.72 -7.14
CA ALA A 483 21.80 -12.07 -5.74
C ALA A 483 21.44 -10.88 -4.86
N GLU A 484 22.17 -9.77 -5.02
CA GLU A 484 21.99 -8.63 -4.14
C GLU A 484 20.96 -7.65 -4.67
N MET A 485 20.16 -8.09 -5.64
CA MET A 485 19.03 -7.29 -6.10
C MET A 485 17.89 -7.45 -5.09
N SER A 486 18.01 -8.47 -4.26
CA SER A 486 17.12 -8.64 -3.12
C SER A 486 17.98 -8.64 -1.87
N GLY A 487 17.37 -8.88 -0.71
CA GLY A 487 18.11 -8.78 0.54
C GLY A 487 17.76 -7.48 1.23
N GLU A 488 18.51 -7.14 2.28
CA GLU A 488 18.27 -5.90 3.00
C GLU A 488 18.58 -4.69 2.14
N ALA A 489 17.79 -3.63 2.31
CA ALA A 489 17.96 -2.39 1.56
C ALA A 489 18.14 -2.65 0.07
N SER A 490 17.40 -3.62 -0.43
CA SER A 490 17.35 -3.89 -1.86
C SER A 490 15.90 -3.84 -2.35
N SER A 491 15.27 -2.67 -2.25
CA SER A 491 13.90 -2.49 -2.75
C SER A 491 13.88 -2.10 -4.22
N ARG A 492 12.92 -2.66 -4.96
CA ARG A 492 12.79 -2.36 -6.39
C ARG A 492 11.41 -1.79 -6.65
N SER A 493 11.34 -0.62 -7.28
CA SER A 493 10.05 -0.04 -7.66
C SER A 493 9.51 -0.73 -8.91
N ASN A 494 10.37 -1.51 -9.56
CA ASN A 494 10.00 -2.30 -10.73
C ASN A 494 10.28 -3.77 -10.48
N ILE A 495 9.27 -4.62 -10.63
CA ILE A 495 9.45 -6.05 -10.35
C ILE A 495 9.33 -6.95 -11.58
N GLU A 496 9.81 -6.44 -12.71
CA GLU A 496 9.95 -7.22 -13.93
C GLU A 496 11.38 -7.73 -14.07
N ILE A 497 11.58 -8.66 -15.00
CA ILE A 497 12.91 -9.01 -15.45
C ILE A 497 13.47 -7.76 -16.15
N PRO A 498 14.74 -7.42 -15.85
CA PRO A 498 15.38 -6.24 -16.46
C PRO A 498 15.21 -6.17 -17.98
N ALA A 499 14.83 -5.00 -18.47
CA ALA A 499 14.46 -4.83 -19.87
C ALA A 499 15.45 -5.46 -20.84
N LEU A 500 16.74 -5.25 -20.60
CA LEU A 500 17.78 -5.78 -21.47
C LEU A 500 17.62 -7.29 -21.66
N GLN A 501 17.33 -7.99 -20.58
CA GLN A 501 17.18 -9.44 -20.61
C GLN A 501 15.92 -9.87 -21.35
N ARG A 502 14.86 -9.10 -21.18
CA ARG A 502 13.62 -9.38 -21.89
C ARG A 502 13.85 -9.19 -23.40
N GLU A 503 14.63 -8.18 -23.75
CA GLU A 503 14.94 -7.93 -25.14
C GLU A 503 15.73 -9.09 -25.70
N LEU A 504 16.65 -9.61 -24.88
CA LEU A 504 17.40 -10.81 -25.24
C LEU A 504 16.48 -12.02 -25.42
N LEU A 505 15.58 -12.21 -24.46
CA LEU A 505 14.68 -13.35 -24.47
C LEU A 505 13.83 -13.29 -25.73
N GLN A 506 13.34 -12.10 -26.05
CA GLN A 506 12.59 -11.88 -27.27
C GLN A 506 13.38 -12.37 -28.49
N ALA A 507 14.68 -12.12 -28.49
CA ALA A 507 15.52 -12.49 -29.62
C ALA A 507 15.66 -14.01 -29.73
N LEU A 508 15.73 -14.67 -28.56
CA LEU A 508 15.85 -16.13 -28.50
C LEU A 508 14.56 -16.81 -28.97
N LEU A 509 13.42 -16.26 -28.58
CA LEU A 509 12.14 -16.82 -28.98
C LEU A 509 11.96 -16.73 -30.48
N LYS A 510 12.44 -15.64 -31.07
CA LYS A 510 12.26 -15.36 -32.48
C LYS A 510 13.10 -16.28 -33.37
N THR A 511 14.01 -17.04 -32.78
CA THR A 511 14.77 -18.04 -33.52
C THR A 511 13.84 -19.15 -33.99
N GLY A 512 12.74 -19.33 -33.27
CA GLY A 512 11.79 -20.38 -33.58
C GLY A 512 12.05 -21.62 -32.76
N LYS A 513 13.21 -21.68 -32.10
CA LYS A 513 13.55 -22.81 -31.25
C LYS A 513 12.77 -22.77 -29.95
N PRO A 514 12.57 -23.93 -29.32
CA PRO A 514 11.93 -23.98 -27.99
C PRO A 514 12.84 -23.36 -26.94
N VAL A 515 12.27 -22.50 -26.10
CA VAL A 515 13.03 -21.82 -25.07
C VAL A 515 12.54 -22.18 -23.68
N VAL A 516 13.46 -22.57 -22.82
CA VAL A 516 13.13 -22.80 -21.43
C VAL A 516 13.70 -21.66 -20.61
N LEU A 517 12.83 -20.95 -19.90
CA LEU A 517 13.26 -19.85 -19.06
C LEU A 517 13.57 -20.34 -17.65
N VAL A 518 14.86 -20.41 -17.33
CA VAL A 518 15.32 -20.70 -15.98
C VAL A 518 15.47 -19.37 -15.25
N LEU A 519 14.60 -19.14 -14.27
CA LEU A 519 14.46 -17.83 -13.66
C LEU A 519 15.10 -17.73 -12.28
N PHE A 520 16.09 -16.85 -12.17
CA PHE A 520 16.74 -16.54 -10.89
C PHE A 520 16.13 -15.26 -10.33
N THR A 521 15.69 -15.32 -9.07
CA THR A 521 15.07 -14.17 -8.44
C THR A 521 15.00 -14.35 -6.92
N GLY A 522 14.98 -13.25 -6.19
CA GLY A 522 14.77 -13.29 -4.76
C GLY A 522 13.37 -12.84 -4.38
N ARG A 523 12.54 -12.56 -5.38
CA ARG A 523 11.21 -12.02 -5.16
C ARG A 523 10.24 -12.47 -6.24
N PRO A 524 8.93 -12.41 -5.96
CA PRO A 524 7.94 -12.54 -7.03
C PRO A 524 8.18 -11.48 -8.11
N LEU A 525 8.10 -11.86 -9.38
CA LEU A 525 8.22 -10.91 -10.46
C LEU A 525 6.94 -10.88 -11.28
N ALA A 526 6.75 -9.80 -12.03
CA ALA A 526 5.63 -9.66 -12.96
C ALA A 526 6.01 -10.28 -14.29
N LEU A 527 5.37 -11.39 -14.65
CA LEU A 527 5.84 -12.19 -15.77
C LEU A 527 4.80 -12.46 -16.86
N THR A 528 3.81 -11.58 -17.01
CA THR A 528 2.74 -11.84 -17.97
C THR A 528 3.26 -12.11 -19.38
N TRP A 529 4.15 -11.25 -19.85
CA TRP A 529 4.66 -11.39 -21.21
C TRP A 529 5.43 -12.69 -21.37
N GLU A 530 6.22 -13.03 -20.35
CA GLU A 530 6.99 -14.27 -20.41
C GLU A 530 6.05 -15.48 -20.43
N HIS A 531 5.07 -15.48 -19.54
CA HIS A 531 4.11 -16.57 -19.51
C HIS A 531 3.41 -16.77 -20.85
N GLU A 532 3.11 -15.67 -21.54
CA GLU A 532 2.45 -15.77 -22.83
C GLU A 532 3.35 -16.35 -23.91
N ASN A 533 4.64 -16.03 -23.88
CA ASN A 533 5.52 -16.32 -25.00
C ASN A 533 6.54 -17.46 -24.81
N VAL A 534 6.82 -17.83 -23.57
CA VAL A 534 7.81 -18.87 -23.32
C VAL A 534 7.15 -20.22 -23.04
N PRO A 535 7.62 -21.26 -23.74
CA PRO A 535 7.05 -22.61 -23.58
C PRO A 535 7.14 -23.15 -22.14
N ALA A 536 8.30 -23.01 -21.51
CA ALA A 536 8.49 -23.55 -20.16
C ALA A 536 9.20 -22.55 -19.26
N ILE A 537 8.65 -22.37 -18.06
CA ILE A 537 9.24 -21.46 -17.09
C ILE A 537 9.54 -22.18 -15.78
N LEU A 538 10.82 -22.21 -15.41
CA LEU A 538 11.22 -22.80 -14.15
C LEU A 538 11.82 -21.75 -13.22
N ASN A 539 11.12 -21.50 -12.11
CA ASN A 539 11.60 -20.57 -11.11
C ASN A 539 12.54 -21.28 -10.12
N VAL A 540 13.83 -20.95 -10.19
CA VAL A 540 14.82 -21.60 -9.33
C VAL A 540 15.30 -20.72 -8.18
N TRP A 541 14.65 -19.59 -7.99
CA TRP A 541 15.03 -18.66 -6.92
C TRP A 541 16.55 -18.46 -6.92
N PHE A 542 17.16 -18.56 -5.74
CA PHE A 542 18.61 -18.71 -5.63
C PHE A 542 18.85 -19.98 -4.83
N ALA A 543 19.46 -20.96 -5.48
CA ALA A 543 19.45 -22.33 -5.01
C ALA A 543 20.61 -22.71 -4.07
N GLY A 544 21.60 -21.84 -3.92
CA GLY A 544 22.73 -22.12 -3.02
C GLY A 544 24.00 -22.59 -3.71
N THR A 545 24.97 -23.09 -2.93
CA THR A 545 26.26 -23.50 -3.47
C THR A 545 26.17 -24.64 -4.50
N GLU A 546 25.08 -25.38 -4.51
CA GLU A 546 24.95 -26.50 -5.45
C GLU A 546 23.99 -26.18 -6.60
N ALA A 547 23.65 -24.90 -6.76
CA ALA A 547 22.64 -24.49 -7.75
C ALA A 547 22.76 -25.23 -9.08
N GLY A 548 23.94 -25.18 -9.68
CA GLY A 548 24.15 -25.76 -11.00
C GLY A 548 23.75 -27.22 -11.12
N ASP A 549 24.08 -28.02 -10.11
CA ASP A 549 23.77 -29.45 -10.11
C ASP A 549 22.28 -29.67 -9.87
N ALA A 550 21.73 -28.99 -8.87
CA ALA A 550 20.32 -29.14 -8.53
C ALA A 550 19.43 -28.75 -9.71
N ILE A 551 19.80 -27.66 -10.39
CA ILE A 551 19.03 -27.18 -11.52
C ILE A 551 19.07 -28.16 -12.68
N SER A 552 20.21 -28.79 -12.86
CA SER A 552 20.38 -29.77 -13.92
C SER A 552 19.62 -31.05 -13.65
N ASP A 553 19.47 -31.39 -12.38
CA ASP A 553 18.65 -32.55 -11.98
C ASP A 553 17.20 -32.30 -12.40
N ALA A 554 16.77 -31.05 -12.28
CA ALA A 554 15.42 -30.68 -12.67
C ALA A 554 15.31 -30.71 -14.18
N LEU A 555 16.22 -30.01 -14.86
CA LEU A 555 16.15 -29.88 -16.30
C LEU A 555 16.09 -31.22 -17.03
N PHE A 556 16.83 -32.22 -16.57
CA PHE A 556 16.83 -33.52 -17.23
C PHE A 556 15.87 -34.50 -16.60
N GLY A 557 15.16 -34.05 -15.57
CA GLY A 557 14.15 -34.87 -14.93
C GLY A 557 14.69 -35.93 -14.00
N VAL A 558 15.92 -35.76 -13.52
CA VAL A 558 16.42 -36.59 -12.43
C VAL A 558 15.49 -36.38 -11.24
N VAL A 559 15.11 -35.13 -11.02
CA VAL A 559 14.17 -34.74 -9.98
C VAL A 559 12.95 -34.05 -10.61
N ASN A 560 11.76 -34.53 -10.28
CA ASN A 560 10.54 -33.92 -10.80
C ASN A 560 10.13 -32.74 -9.92
N PRO A 561 10.12 -31.52 -10.48
CA PRO A 561 9.78 -30.30 -9.73
C PRO A 561 8.50 -30.46 -8.93
N SER A 562 8.50 -30.00 -7.68
CA SER A 562 7.35 -30.19 -6.80
C SER A 562 7.13 -29.00 -5.88
N GLY A 563 7.77 -27.88 -6.18
CA GLY A 563 7.61 -26.68 -5.39
C GLY A 563 6.27 -26.00 -5.65
N LYS A 564 5.80 -25.22 -4.68
CA LYS A 564 4.58 -24.43 -4.82
C LYS A 564 4.84 -23.03 -4.26
N LEU A 565 4.31 -22.01 -4.92
CA LEU A 565 4.55 -20.64 -4.50
C LEU A 565 4.01 -20.38 -3.11
N SER A 566 4.82 -19.72 -2.28
CA SER A 566 4.37 -19.30 -0.96
C SER A 566 4.01 -17.82 -0.97
N ALA A 567 4.19 -17.19 -2.13
CA ALA A 567 3.81 -15.79 -2.30
C ALA A 567 3.21 -15.55 -3.68
N THR A 568 2.25 -14.65 -3.74
CA THR A 568 1.53 -14.35 -4.99
C THR A 568 2.40 -13.63 -6.03
N PHE A 569 2.30 -14.07 -7.29
CA PHE A 569 2.98 -13.40 -8.39
C PHE A 569 2.00 -12.51 -9.15
N PRO A 570 2.12 -11.19 -8.97
CA PRO A 570 1.20 -10.22 -9.58
C PRO A 570 1.42 -10.07 -11.08
N ARG A 571 0.47 -9.43 -11.77
CA ARG A 571 0.59 -9.20 -13.20
C ARG A 571 1.43 -7.96 -13.45
N ASN A 572 1.34 -7.02 -12.51
CA ASN A 572 2.16 -5.82 -12.55
C ASN A 572 2.21 -5.23 -11.16
N VAL A 573 3.14 -4.31 -10.93
CA VAL A 573 3.35 -3.78 -9.59
C VAL A 573 2.18 -2.93 -9.13
N GLY A 574 1.38 -2.45 -10.08
CA GLY A 574 0.19 -1.69 -9.75
C GLY A 574 -0.89 -2.51 -9.08
N GLN A 575 -0.72 -3.83 -9.05
CA GLN A 575 -1.69 -4.71 -8.41
C GLN A 575 -1.40 -4.83 -6.92
N VAL A 576 -0.18 -4.46 -6.56
CA VAL A 576 0.32 -4.63 -5.19
C VAL A 576 -0.34 -3.65 -4.22
N PRO A 577 -0.76 -4.15 -3.05
CA PRO A 577 -0.62 -5.53 -2.59
C PRO A 577 -1.74 -6.45 -3.03
N ILE A 578 -1.36 -7.62 -3.56
CA ILE A 578 -2.34 -8.61 -3.98
C ILE A 578 -1.99 -9.96 -3.33
N TYR A 579 -2.98 -10.59 -2.71
CA TYR A 579 -2.71 -11.77 -1.88
C TYR A 579 -3.94 -12.63 -1.76
N TYR A 580 -3.73 -13.92 -1.51
CA TYR A 580 -4.80 -14.92 -1.66
C TYR A 580 -5.82 -14.83 -0.54
N ASN A 581 -5.36 -14.56 0.68
CA ASN A 581 -6.27 -14.48 1.83
C ASN A 581 -6.91 -13.12 2.06
N HIS A 582 -7.63 -12.62 1.05
CA HIS A 582 -8.24 -11.30 1.10
C HIS A 582 -9.72 -11.33 1.46
N LYS A 583 -10.27 -10.19 1.88
CA LYS A 583 -11.70 -10.09 2.14
C LYS A 583 -12.47 -10.01 0.81
N ASN A 584 -13.77 -10.26 0.85
CA ASN A 584 -14.58 -10.32 -0.36
C ASN A 584 -14.90 -8.94 -0.96
N THR A 585 -14.93 -7.92 -0.10
CA THR A 585 -15.49 -6.59 -0.43
C THR A 585 -17.00 -6.66 -0.60
N GLY A 586 -17.66 -5.51 -0.67
CA GLY A 586 -19.09 -5.45 -0.88
C GLY A 586 -19.45 -5.46 -2.37
N ARG A 587 -18.44 -5.43 -3.23
CA ARG A 587 -18.68 -5.45 -4.67
C ARG A 587 -17.70 -6.36 -5.40
N PRO A 588 -17.68 -7.64 -5.01
CA PRO A 588 -16.74 -8.61 -5.59
C PRO A 588 -17.01 -8.78 -7.09
N LEU A 589 -15.97 -9.06 -7.85
CA LEU A 589 -16.11 -9.31 -9.27
C LEU A 589 -16.33 -10.80 -9.48
N PRO A 590 -17.48 -11.17 -10.06
CA PRO A 590 -17.77 -12.58 -10.32
C PRO A 590 -16.62 -13.22 -11.09
N GLU A 591 -16.32 -14.47 -10.78
CA GLU A 591 -15.19 -15.13 -11.41
C GLU A 591 -15.34 -15.16 -12.93
N GLY A 592 -14.33 -14.65 -13.64
CA GLY A 592 -14.29 -14.74 -15.08
C GLY A 592 -14.97 -13.62 -15.83
N GLN A 593 -15.45 -12.62 -15.09
CA GLN A 593 -16.28 -11.57 -15.69
C GLN A 593 -15.59 -10.20 -15.81
N TRP A 594 -14.28 -10.15 -15.59
CA TRP A 594 -13.56 -8.92 -15.86
C TRP A 594 -13.82 -8.58 -17.33
N PHE A 595 -14.19 -7.34 -17.65
CA PHE A 595 -14.32 -6.23 -16.71
C PHE A 595 -15.79 -5.92 -16.45
N GLN A 596 -16.13 -5.44 -15.26
CA GLN A 596 -17.50 -4.98 -14.97
C GLN A 596 -17.45 -3.64 -14.23
N LYS A 597 -18.09 -2.64 -14.81
CA LYS A 597 -18.21 -1.34 -14.15
C LYS A 597 -18.91 -1.48 -12.81
N PHE A 598 -18.48 -0.71 -11.82
CA PHE A 598 -19.10 -0.70 -10.49
C PHE A 598 -18.86 -1.99 -9.70
N ARG A 599 -17.92 -2.80 -10.17
CA ARG A 599 -17.42 -3.90 -9.37
C ARG A 599 -16.00 -3.54 -8.92
N SER A 600 -15.46 -4.28 -7.97
CA SER A 600 -14.12 -3.99 -7.46
C SER A 600 -13.08 -4.54 -8.43
N ASN A 601 -12.66 -3.70 -9.38
CA ASN A 601 -11.73 -4.13 -10.41
C ASN A 601 -11.08 -2.95 -11.14
N TYR A 602 -9.99 -3.22 -11.86
CA TYR A 602 -9.28 -2.17 -12.60
C TYR A 602 -9.76 -2.04 -14.04
N LEU A 603 -9.57 -0.86 -14.62
CA LEU A 603 -9.86 -0.63 -16.02
C LEU A 603 -8.87 -1.35 -16.94
N ASP A 604 -7.66 -1.60 -16.44
CA ASP A 604 -6.56 -1.93 -17.33
C ASP A 604 -5.85 -3.26 -17.05
N VAL A 605 -6.29 -3.98 -16.02
CA VAL A 605 -5.71 -5.29 -15.72
C VAL A 605 -6.76 -6.11 -15.00
N PRO A 606 -6.75 -7.44 -15.22
CA PRO A 606 -7.67 -8.30 -14.47
C PRO A 606 -7.35 -8.30 -12.98
N ASN A 607 -8.26 -8.80 -12.16
CA ASN A 607 -8.08 -8.86 -10.71
C ASN A 607 -7.15 -9.99 -10.31
N ASP A 608 -7.14 -11.06 -11.10
CA ASP A 608 -6.34 -12.24 -10.80
C ASP A 608 -4.85 -11.92 -10.87
N PRO A 609 -4.07 -12.48 -9.93
CA PRO A 609 -2.62 -12.41 -10.13
C PRO A 609 -2.28 -13.32 -11.30
N LEU A 610 -1.02 -13.37 -11.72
CA LEU A 610 -0.61 -14.28 -12.77
C LEU A 610 -0.55 -15.71 -12.23
N TYR A 611 0.12 -15.85 -11.09
CA TYR A 611 0.20 -17.14 -10.40
C TYR A 611 -0.24 -16.94 -8.95
N PRO A 612 -1.27 -17.69 -8.53
CA PRO A 612 -1.78 -17.53 -7.16
C PRO A 612 -0.94 -18.26 -6.11
N PHE A 613 -1.24 -18.01 -4.84
CA PHE A 613 -0.61 -18.70 -3.73
C PHE A 613 -0.84 -20.21 -3.86
N GLY A 614 0.22 -20.99 -3.63
CA GLY A 614 0.13 -22.44 -3.69
C GLY A 614 0.31 -23.02 -5.08
N TYR A 615 0.58 -22.16 -6.06
CA TYR A 615 0.70 -22.62 -7.45
C TYR A 615 2.03 -23.28 -7.75
N GLY A 616 1.97 -24.39 -8.48
CA GLY A 616 3.17 -25.09 -8.92
C GLY A 616 2.80 -26.30 -9.76
N LEU A 617 3.53 -26.50 -10.85
CA LEU A 617 3.23 -27.59 -11.76
C LEU A 617 4.21 -28.74 -11.58
N SER A 618 3.98 -29.83 -12.30
CA SER A 618 4.86 -30.99 -12.26
C SER A 618 5.12 -31.50 -13.67
N PHE A 619 6.14 -32.34 -13.83
CA PHE A 619 6.35 -33.01 -15.10
C PHE A 619 5.20 -34.00 -15.35
N THR A 620 4.55 -34.40 -14.27
CA THR A 620 3.40 -35.30 -14.35
C THR A 620 2.12 -34.51 -14.13
N LYS A 621 1.00 -35.20 -13.99
CA LYS A 621 -0.27 -34.53 -13.71
C LYS A 621 -0.95 -35.17 -12.50
N PHE A 622 -1.61 -34.36 -11.70
CA PHE A 622 -2.35 -34.89 -10.56
C PHE A 622 -3.85 -34.66 -10.68
N THR A 623 -4.62 -35.71 -10.42
CA THR A 623 -6.06 -35.65 -10.50
C THR A 623 -6.70 -35.85 -9.14
N TYR A 624 -7.58 -34.94 -8.77
CA TYR A 624 -8.31 -35.03 -7.51
C TYR A 624 -9.71 -35.61 -7.70
N GLY A 625 -10.05 -36.59 -6.88
CA GLY A 625 -11.42 -37.07 -6.84
C GLY A 625 -12.27 -36.01 -6.15
N ASP A 626 -13.48 -36.38 -5.76
CA ASP A 626 -14.36 -35.46 -5.06
C ASP A 626 -14.07 -35.45 -3.56
N LEU A 627 -14.15 -34.27 -2.97
CA LEU A 627 -13.94 -34.10 -1.54
C LEU A 627 -14.99 -34.86 -0.75
N LYS A 628 -14.55 -35.68 0.20
CA LYS A 628 -15.46 -36.44 1.04
C LYS A 628 -15.35 -35.94 2.48
N LEU A 629 -16.49 -35.57 3.07
CA LEU A 629 -16.50 -35.15 4.46
C LEU A 629 -17.22 -36.18 5.32
N SER A 630 -16.73 -36.38 6.54
CA SER A 630 -17.36 -37.35 7.44
C SER A 630 -18.72 -36.84 7.92
N SER A 631 -18.88 -35.52 7.88
CA SER A 631 -20.11 -34.88 8.35
C SER A 631 -20.17 -33.47 7.75
N THR A 632 -21.37 -32.96 7.54
CA THR A 632 -21.54 -31.58 7.08
C THR A 632 -22.35 -30.82 8.12
N ASN A 633 -22.60 -31.47 9.25
CA ASN A 633 -23.33 -30.86 10.35
C ASN A 633 -22.66 -31.24 11.65
N LEU A 634 -21.80 -30.36 12.14
CA LEU A 634 -21.03 -30.66 13.33
C LEU A 634 -21.50 -29.85 14.52
N LYS A 635 -21.26 -30.40 15.71
CA LYS A 635 -21.71 -29.82 16.95
C LYS A 635 -20.54 -29.84 17.94
N GLY A 636 -20.22 -28.69 18.53
CA GLY A 636 -19.16 -28.61 19.52
C GLY A 636 -17.77 -29.09 19.08
N ASN A 637 -17.04 -29.68 20.03
CA ASN A 637 -15.65 -30.09 19.81
C ASN A 637 -15.48 -31.42 19.12
N GLN A 638 -16.11 -31.57 17.96
CA GLN A 638 -16.00 -32.80 17.20
C GLN A 638 -14.84 -32.71 16.22
N THR A 639 -14.45 -33.85 15.67
CA THR A 639 -13.44 -33.89 14.63
C THR A 639 -14.08 -34.17 13.28
N LEU A 640 -13.83 -33.28 12.32
CA LEU A 640 -14.25 -33.49 10.95
C LEU A 640 -13.12 -34.17 10.19
N THR A 641 -13.42 -35.28 9.55
CA THR A 641 -12.45 -35.90 8.66
C THR A 641 -12.75 -35.54 7.21
N ALA A 642 -11.82 -34.82 6.59
CA ALA A 642 -11.89 -34.50 5.17
C ALA A 642 -10.91 -35.38 4.39
N SER A 643 -11.41 -36.10 3.40
CA SER A 643 -10.55 -36.99 2.63
C SER A 643 -10.74 -36.84 1.12
N ILE A 644 -9.69 -37.12 0.36
CA ILE A 644 -9.77 -37.00 -1.09
C ILE A 644 -8.82 -37.97 -1.78
N GLU A 645 -9.26 -38.50 -2.92
CA GLU A 645 -8.42 -39.39 -3.72
C GLU A 645 -7.53 -38.55 -4.62
N LEU A 646 -6.24 -38.85 -4.61
CA LEU A 646 -5.28 -38.18 -5.48
C LEU A 646 -4.63 -39.20 -6.39
N THR A 647 -4.62 -38.90 -7.67
CA THR A 647 -4.06 -39.81 -8.66
C THR A 647 -2.95 -39.15 -9.47
N ASN A 648 -1.81 -39.82 -9.56
CA ASN A 648 -0.78 -39.41 -10.49
C ASN A 648 -1.17 -39.86 -11.89
N SER A 649 -1.85 -38.99 -12.61
CA SER A 649 -2.42 -39.36 -13.90
C SER A 649 -1.52 -38.95 -15.05
N GLY A 650 -0.27 -38.62 -14.75
CA GLY A 650 0.68 -38.20 -15.75
C GLY A 650 1.69 -39.27 -16.09
N ASP A 651 2.83 -38.87 -16.64
CA ASP A 651 3.78 -39.81 -17.20
C ASP A 651 5.02 -40.06 -16.35
N TYR A 652 5.10 -39.38 -15.21
CA TYR A 652 6.27 -39.50 -14.34
C TYR A 652 5.87 -39.66 -12.87
N ASP A 653 6.70 -40.40 -12.13
CA ASP A 653 6.65 -40.35 -10.67
C ASP A 653 6.82 -38.90 -10.27
N GLY A 654 6.24 -38.52 -9.14
CA GLY A 654 6.36 -37.15 -8.67
C GLY A 654 5.60 -36.86 -7.39
N ALA A 655 5.93 -35.75 -6.76
CA ALA A 655 5.25 -35.34 -5.54
C ALA A 655 4.37 -34.14 -5.78
N GLU A 656 3.31 -34.02 -5.00
CA GLU A 656 2.48 -32.83 -5.08
C GLU A 656 2.10 -32.37 -3.69
N VAL A 657 1.86 -31.07 -3.55
CA VAL A 657 1.51 -30.52 -2.26
C VAL A 657 0.00 -30.35 -2.16
N VAL A 658 -0.64 -31.18 -1.36
CA VAL A 658 -2.08 -31.09 -1.17
C VAL A 658 -2.37 -30.06 -0.09
N GLN A 659 -3.26 -29.12 -0.41
CA GLN A 659 -3.48 -27.95 0.42
C GLN A 659 -4.92 -27.89 0.93
N LEU A 660 -5.07 -27.57 2.21
CA LEU A 660 -6.38 -27.42 2.83
C LEU A 660 -6.67 -25.96 3.12
N TYR A 661 -7.78 -25.47 2.58
CA TYR A 661 -8.23 -24.11 2.84
C TYR A 661 -9.61 -24.12 3.47
N ILE A 662 -9.85 -23.15 4.35
CA ILE A 662 -11.15 -23.03 4.98
C ILE A 662 -11.66 -21.59 4.87
N ARG A 663 -12.92 -21.46 4.47
CA ARG A 663 -13.56 -20.16 4.43
C ARG A 663 -14.67 -20.09 5.48
N ASP A 664 -14.60 -19.08 6.33
CA ASP A 664 -15.66 -18.79 7.27
C ASP A 664 -16.60 -17.83 6.57
N LEU A 665 -17.80 -18.31 6.22
CA LEU A 665 -18.71 -17.56 5.34
C LEU A 665 -19.27 -16.27 5.94
N VAL A 666 -19.73 -16.35 7.18
CA VAL A 666 -20.26 -15.18 7.88
C VAL A 666 -19.60 -15.05 9.24
N GLY A 667 -19.26 -13.82 9.60
CA GLY A 667 -18.70 -13.54 10.90
C GLY A 667 -19.16 -12.21 11.44
N SER A 668 -18.89 -11.97 12.73
CA SER A 668 -19.13 -10.67 13.36
C SER A 668 -18.23 -9.60 12.74
N THR A 669 -17.16 -10.04 12.09
CA THR A 669 -16.37 -9.19 11.20
C THR A 669 -16.18 -9.95 9.91
N THR A 670 -15.81 -9.24 8.83
CA THR A 670 -15.61 -9.90 7.55
C THR A 670 -14.43 -10.88 7.63
N ARG A 671 -14.58 -12.03 6.98
CA ARG A 671 -13.59 -13.08 7.01
C ARG A 671 -12.99 -13.29 5.63
N PRO A 672 -11.74 -13.77 5.57
CA PRO A 672 -11.10 -13.90 4.25
C PRO A 672 -11.83 -14.94 3.40
N VAL A 673 -11.77 -14.79 2.08
CA VAL A 673 -12.43 -15.76 1.19
C VAL A 673 -11.84 -17.15 1.38
N LYS A 674 -10.61 -17.20 1.88
CA LYS A 674 -9.99 -18.48 2.26
C LYS A 674 -8.68 -18.29 3.01
N GLU A 675 -8.36 -19.30 3.82
CA GLU A 675 -7.12 -19.32 4.58
C GLU A 675 -6.58 -20.74 4.60
N LEU A 676 -5.30 -20.87 4.36
CA LEU A 676 -4.63 -22.17 4.46
C LEU A 676 -4.71 -22.66 5.91
N LYS A 677 -5.11 -23.92 6.10
CA LYS A 677 -5.23 -24.49 7.44
C LYS A 677 -4.56 -25.87 7.56
N GLY A 678 -4.08 -26.39 6.44
CA GLY A 678 -3.31 -27.62 6.47
C GLY A 678 -2.63 -27.85 5.15
N PHE A 679 -1.62 -28.72 5.13
CA PHE A 679 -1.03 -29.15 3.88
C PHE A 679 -0.29 -30.46 4.05
N GLN A 680 -0.06 -31.15 2.94
CA GLN A 680 0.63 -32.43 2.94
C GLN A 680 1.32 -32.59 1.61
N LYS A 681 2.62 -32.86 1.65
CA LYS A 681 3.35 -33.18 0.45
C LYS A 681 3.37 -34.69 0.33
N VAL A 682 3.02 -35.21 -0.84
CA VAL A 682 2.98 -36.66 -1.02
C VAL A 682 3.57 -37.05 -2.35
N PHE A 683 4.35 -38.13 -2.34
CA PHE A 683 4.96 -38.66 -3.54
C PHE A 683 4.10 -39.77 -4.12
N LEU A 684 3.92 -39.77 -5.43
CA LEU A 684 3.11 -40.77 -6.10
C LEU A 684 3.82 -41.29 -7.34
N LYS A 685 3.91 -42.61 -7.45
CA LYS A 685 4.47 -43.20 -8.66
C LYS A 685 3.49 -42.98 -9.79
N LYS A 686 3.97 -43.05 -11.02
CA LYS A 686 3.12 -42.84 -12.18
C LYS A 686 1.92 -43.77 -12.07
N GLY A 687 0.72 -43.21 -12.23
CA GLY A 687 -0.50 -43.99 -12.25
C GLY A 687 -1.01 -44.47 -10.90
N GLU A 688 -0.35 -44.04 -9.83
CA GLU A 688 -0.72 -44.48 -8.48
C GLU A 688 -1.75 -43.53 -7.83
N THR A 689 -2.63 -44.10 -7.01
CA THR A 689 -3.63 -43.33 -6.27
C THR A 689 -3.49 -43.50 -4.76
N LYS A 690 -3.58 -42.39 -4.03
CA LYS A 690 -3.60 -42.44 -2.58
C LYS A 690 -4.73 -41.61 -2.01
N THR A 691 -5.31 -42.07 -0.90
CA THR A 691 -6.27 -41.28 -0.16
C THR A 691 -5.57 -40.33 0.78
N ILE A 692 -5.79 -39.04 0.60
CA ILE A 692 -5.22 -38.01 1.45
C ILE A 692 -6.26 -37.54 2.47
N THR A 693 -5.87 -37.50 3.74
CA THR A 693 -6.82 -37.18 4.80
C THR A 693 -6.37 -36.02 5.68
N PHE A 694 -7.30 -35.11 5.97
CA PHE A 694 -7.07 -34.03 6.91
C PHE A 694 -8.07 -34.16 8.05
N LYS A 695 -7.64 -33.85 9.27
CA LYS A 695 -8.56 -33.86 10.40
C LYS A 695 -8.74 -32.46 10.95
N ILE A 696 -9.99 -32.00 10.96
CA ILE A 696 -10.28 -30.63 11.32
C ILE A 696 -11.06 -30.57 12.63
N THR A 697 -10.76 -29.58 13.46
CA THR A 697 -11.51 -29.37 14.70
C THR A 697 -11.82 -27.87 14.75
N PRO A 698 -12.59 -27.44 15.76
CA PRO A 698 -12.84 -26.01 15.92
C PRO A 698 -11.56 -25.15 16.00
N GLU A 699 -10.45 -25.72 16.47
CA GLU A 699 -9.21 -24.95 16.59
C GLU A 699 -8.82 -24.38 15.24
N ASP A 700 -9.20 -25.09 14.18
CA ASP A 700 -8.92 -24.65 12.82
C ASP A 700 -9.84 -23.53 12.37
N LEU A 701 -10.86 -23.25 13.17
CA LEU A 701 -11.89 -22.29 12.79
C LEU A 701 -11.74 -20.97 13.53
N LYS A 702 -10.82 -20.93 14.48
CA LYS A 702 -10.64 -19.77 15.34
C LYS A 702 -9.92 -18.61 14.65
N PHE A 703 -10.22 -17.40 15.12
CA PHE A 703 -9.61 -16.20 14.60
C PHE A 703 -9.73 -15.13 15.69
N TYR A 704 -9.08 -14.00 15.49
CA TYR A 704 -9.21 -12.90 16.45
C TYR A 704 -10.31 -11.96 15.95
N ASN A 705 -11.37 -11.85 16.73
CA ASN A 705 -12.49 -11.02 16.33
C ASN A 705 -12.20 -9.54 16.59
N TYR A 706 -13.24 -8.73 16.52
CA TYR A 706 -13.13 -7.28 16.61
C TYR A 706 -12.56 -6.82 17.93
N ASP A 707 -12.85 -7.57 18.99
CA ASP A 707 -12.36 -7.24 20.32
C ASP A 707 -11.06 -7.98 20.60
N LEU A 708 -10.50 -8.60 19.56
CA LEU A 708 -9.25 -9.33 19.63
C LEU A 708 -9.37 -10.63 20.43
N LYS A 709 -10.60 -11.08 20.62
CA LYS A 709 -10.85 -12.36 21.28
C LYS A 709 -10.61 -13.49 20.28
N TYR A 710 -9.78 -14.45 20.67
CA TYR A 710 -9.50 -15.62 19.85
C TYR A 710 -10.56 -16.68 20.12
N ASP A 711 -11.36 -16.99 19.11
CA ASP A 711 -12.46 -17.93 19.25
C ASP A 711 -13.04 -18.21 17.87
N TRP A 712 -13.99 -19.14 17.81
CA TRP A 712 -14.69 -19.42 16.55
C TRP A 712 -16.19 -19.16 16.74
N GLU A 713 -16.89 -18.90 15.65
CA GLU A 713 -18.32 -18.60 15.71
C GLU A 713 -19.11 -19.65 14.95
N PRO A 714 -20.27 -20.05 15.51
CA PRO A 714 -21.12 -21.03 14.82
C PRO A 714 -21.61 -20.47 13.50
N GLY A 715 -21.80 -21.34 12.52
CA GLY A 715 -22.24 -20.92 11.20
C GLY A 715 -21.71 -21.82 10.11
N GLU A 716 -21.80 -21.36 8.88
CA GLU A 716 -21.36 -22.16 7.75
C GLU A 716 -19.91 -21.91 7.37
N PHE A 717 -19.24 -22.97 6.94
CA PHE A 717 -17.86 -22.90 6.49
C PHE A 717 -17.72 -23.66 5.18
N VAL A 718 -16.78 -23.24 4.34
CA VAL A 718 -16.45 -24.02 3.14
C VAL A 718 -15.08 -24.68 3.32
N ILE A 719 -15.05 -26.00 3.12
CA ILE A 719 -13.82 -26.77 3.20
C ILE A 719 -13.32 -27.01 1.79
N MET A 720 -12.06 -26.67 1.54
CA MET A 720 -11.49 -26.76 0.20
C MET A 720 -10.18 -27.53 0.20
N VAL A 721 -10.00 -28.37 -0.83
CA VAL A 721 -8.76 -29.13 -0.98
C VAL A 721 -8.34 -29.20 -2.45
N GLY A 722 -7.05 -28.98 -2.72
CA GLY A 722 -6.53 -29.03 -4.07
C GLY A 722 -5.06 -28.70 -4.13
N GLY A 723 -4.52 -28.52 -5.34
CA GLY A 723 -3.11 -28.32 -5.55
C GLY A 723 -2.66 -26.87 -5.66
N ASN A 724 -3.57 -25.94 -5.38
CA ASN A 724 -3.22 -24.54 -5.24
C ASN A 724 -4.40 -23.80 -4.66
N SER A 725 -4.23 -22.51 -4.38
CA SER A 725 -5.28 -21.74 -3.71
C SER A 725 -6.45 -21.39 -4.62
N ARG A 726 -6.30 -21.66 -5.91
CA ARG A 726 -7.33 -21.28 -6.89
C ARG A 726 -8.17 -22.47 -7.37
N ASP A 727 -7.51 -23.59 -7.64
CA ASP A 727 -8.16 -24.79 -8.18
C ASP A 727 -8.50 -25.78 -7.08
N LEU A 728 -9.74 -25.74 -6.61
CA LEU A 728 -10.10 -26.44 -5.39
C LEU A 728 -11.37 -27.29 -5.51
N LYS A 729 -11.37 -28.42 -4.80
CA LYS A 729 -12.58 -29.19 -4.61
C LYS A 729 -13.13 -28.75 -3.26
N SER A 730 -14.44 -28.53 -3.17
CA SER A 730 -14.97 -27.91 -1.95
C SER A 730 -16.31 -28.49 -1.51
N GLN A 731 -16.68 -28.18 -0.27
CA GLN A 731 -17.97 -28.60 0.25
C GLN A 731 -18.31 -27.78 1.48
N LYS A 732 -19.55 -27.33 1.54
CA LYS A 732 -20.03 -26.45 2.59
C LYS A 732 -20.48 -27.27 3.80
N ILE A 733 -20.26 -26.73 4.99
CA ILE A 733 -20.69 -27.39 6.21
C ILE A 733 -21.32 -26.42 7.20
N ASN A 734 -21.98 -26.97 8.20
CA ASN A 734 -22.54 -26.18 9.28
C ASN A 734 -21.93 -26.66 10.58
N TRP A 735 -21.37 -25.73 11.36
CA TRP A 735 -20.76 -26.11 12.63
C TRP A 735 -21.39 -25.31 13.76
N LEU A 736 -22.04 -26.00 14.68
CA LEU A 736 -22.74 -25.35 15.77
C LEU A 736 -21.98 -25.50 17.09
N LYS A 737 -22.17 -24.54 17.98
CA LYS A 737 -21.69 -24.61 19.34
C LYS A 737 -22.62 -25.53 20.12
N ASP A 738 -22.35 -25.70 21.41
CA ASP A 738 -23.33 -26.32 22.29
C ASP A 738 -23.22 -25.79 23.72
N PRO A 739 -24.37 -25.53 24.35
CA PRO A 739 -24.44 -24.89 25.67
C PRO A 739 -23.39 -25.41 26.65
N LYS B 2 -42.58 25.64 17.44
CA LYS B 2 -41.26 25.47 16.85
C LYS B 2 -41.08 24.08 16.23
N MET B 3 -39.90 23.85 15.67
CA MET B 3 -39.61 22.60 14.96
C MET B 3 -39.83 21.36 15.79
N ASN B 4 -39.35 21.38 17.03
CA ASN B 4 -39.39 20.18 17.87
C ASN B 4 -40.82 19.79 18.19
N GLN B 5 -41.62 20.79 18.54
CA GLN B 5 -43.02 20.56 18.86
C GLN B 5 -43.76 20.05 17.63
N PHE B 6 -43.45 20.64 16.48
CA PHE B 6 -44.12 20.31 15.23
C PHE B 6 -43.83 18.88 14.79
N ILE B 7 -42.57 18.46 14.93
CA ILE B 7 -42.18 17.13 14.49
C ILE B 7 -42.65 16.05 15.46
N ASN B 8 -42.60 16.34 16.76
CA ASN B 8 -43.11 15.40 17.74
C ASN B 8 -44.57 15.12 17.49
N ALA B 9 -45.31 16.18 17.21
CA ALA B 9 -46.74 16.08 16.94
C ALA B 9 -46.98 15.27 15.68
N LEU B 10 -46.18 15.54 14.65
CA LEU B 10 -46.30 14.81 13.40
C LEU B 10 -46.05 13.32 13.65
N MET B 11 -44.96 13.02 14.33
CA MET B 11 -44.57 11.64 14.60
C MET B 11 -45.61 10.87 15.43
N ALA B 12 -46.36 11.61 16.24
CA ALA B 12 -47.42 11.01 17.04
C ALA B 12 -48.56 10.51 16.17
N LYS B 13 -48.78 11.16 15.03
CA LYS B 13 -49.84 10.76 14.11
C LYS B 13 -49.43 9.58 13.24
N MET B 14 -48.13 9.27 13.25
CA MET B 14 -47.55 8.30 12.31
C MET B 14 -47.68 6.83 12.76
N THR B 15 -47.95 5.97 11.80
CA THR B 15 -47.92 4.53 12.04
C THR B 15 -46.47 4.05 11.97
N LEU B 16 -46.22 2.86 12.49
CA LEU B 16 -44.89 2.27 12.45
C LEU B 16 -44.35 2.22 11.03
N ASP B 17 -45.20 1.80 10.10
CA ASP B 17 -44.79 1.65 8.71
C ASP B 17 -44.45 3.00 8.07
N GLU B 18 -45.19 4.03 8.46
CA GLU B 18 -44.95 5.38 7.94
C GLU B 18 -43.61 5.93 8.44
N LYS B 19 -43.26 5.63 9.69
CA LYS B 19 -41.93 5.98 10.22
C LYS B 19 -40.85 5.26 9.43
N ILE B 20 -41.03 3.95 9.27
CA ILE B 20 -40.08 3.16 8.52
C ILE B 20 -39.93 3.71 7.12
N GLY B 21 -41.06 4.10 6.51
CA GLY B 21 -41.07 4.61 5.15
C GLY B 21 -40.23 5.86 4.96
N GLN B 22 -40.18 6.70 5.99
CA GLN B 22 -39.35 7.89 5.93
C GLN B 22 -37.87 7.55 5.75
N LEU B 23 -37.48 6.35 6.17
CA LEU B 23 -36.08 5.95 6.13
C LEU B 23 -35.70 5.38 4.76
N ASN B 24 -36.67 5.31 3.86
CA ASN B 24 -36.42 4.71 2.55
C ASN B 24 -36.02 5.74 1.49
N LEU B 25 -34.91 5.47 0.80
CA LEU B 25 -34.47 6.29 -0.32
C LEU B 25 -34.31 5.41 -1.56
N PRO B 26 -35.43 5.00 -2.17
CA PRO B 26 -35.34 4.01 -3.26
C PRO B 26 -34.94 4.64 -4.58
N GLY B 27 -34.52 3.79 -5.52
CA GLY B 27 -34.40 4.18 -6.91
C GLY B 27 -35.79 4.41 -7.47
N ALA B 28 -35.93 5.37 -8.37
CA ALA B 28 -37.24 5.81 -8.82
C ALA B 28 -37.78 5.01 -10.00
N GLY B 29 -36.89 4.54 -10.88
CA GLY B 29 -37.34 3.94 -12.12
C GLY B 29 -37.89 5.03 -13.03
N ASP B 30 -38.22 4.68 -14.27
CA ASP B 30 -38.64 5.69 -15.23
C ASP B 30 -40.02 6.25 -14.89
N ILE B 31 -40.14 7.57 -15.02
CA ILE B 31 -41.39 8.26 -14.72
C ILE B 31 -41.87 9.03 -15.95
N THR B 32 -42.85 8.48 -16.64
CA THR B 32 -43.37 9.13 -17.84
C THR B 32 -44.00 10.48 -17.54
N THR B 33 -43.29 11.55 -17.91
CA THR B 33 -43.84 12.89 -17.79
C THR B 33 -45.21 12.95 -18.45
N GLY B 34 -46.24 13.13 -17.63
CA GLY B 34 -47.61 13.12 -18.12
C GLY B 34 -48.49 12.16 -17.34
N GLN B 35 -47.86 11.22 -16.65
CA GLN B 35 -48.60 10.27 -15.82
C GLN B 35 -47.76 9.81 -14.62
N ALA B 36 -47.20 10.77 -13.91
CA ALA B 36 -46.36 10.48 -12.76
C ALA B 36 -47.19 9.79 -11.67
N SER B 37 -48.43 10.24 -11.50
CA SER B 37 -49.29 9.70 -10.45
C SER B 37 -49.67 8.23 -10.65
N SER B 38 -49.38 7.66 -11.83
CA SER B 38 -49.64 6.24 -12.05
C SER B 38 -48.37 5.47 -12.39
N SER B 39 -47.22 6.11 -12.21
CA SER B 39 -45.93 5.49 -12.49
C SER B 39 -45.55 4.46 -11.42
N GLY B 40 -44.44 3.77 -11.61
CA GLY B 40 -44.01 2.73 -10.68
C GLY B 40 -43.79 3.24 -9.27
N ILE B 41 -43.07 4.34 -9.15
CA ILE B 41 -42.75 4.93 -7.86
C ILE B 41 -44.00 5.50 -7.17
N ALA B 42 -45.02 5.81 -7.96
CA ALA B 42 -46.22 6.50 -7.46
C ALA B 42 -46.91 5.78 -6.30
N GLN B 43 -47.21 4.51 -6.48
CA GLN B 43 -47.85 3.71 -5.46
C GLN B 43 -47.12 3.74 -4.12
N LYS B 44 -45.81 3.59 -4.15
CA LYS B 44 -45.02 3.57 -2.92
C LYS B 44 -45.09 4.91 -2.18
N ILE B 45 -45.10 6.00 -2.93
CA ILE B 45 -45.23 7.32 -2.35
C ILE B 45 -46.59 7.48 -1.66
N LYS B 46 -47.65 7.09 -2.37
CA LYS B 46 -49.00 7.18 -1.82
C LYS B 46 -49.10 6.41 -0.51
N GLU B 47 -48.40 5.28 -0.43
CA GLU B 47 -48.46 4.41 0.73
C GLU B 47 -47.56 4.91 1.87
N GLY B 48 -46.86 6.01 1.64
CA GLY B 48 -45.96 6.57 2.64
C GLY B 48 -44.68 5.78 2.82
N LYS B 49 -44.24 5.10 1.76
CA LYS B 49 -43.05 4.25 1.81
C LYS B 49 -41.81 4.93 1.24
N VAL B 50 -41.89 6.24 1.01
CA VAL B 50 -40.78 6.93 0.37
C VAL B 50 -40.42 8.19 1.14
N GLY B 51 -39.18 8.23 1.63
CA GLY B 51 -38.70 9.39 2.35
C GLY B 51 -38.12 10.41 1.41
N GLY B 52 -37.52 9.93 0.32
CA GLY B 52 -36.95 10.83 -0.67
C GLY B 52 -36.53 10.09 -1.92
N LEU B 53 -36.06 10.86 -2.89
CA LEU B 53 -35.62 10.31 -4.17
C LEU B 53 -34.40 11.09 -4.61
N PHE B 54 -33.69 10.57 -5.59
CA PHE B 54 -32.49 11.24 -6.06
C PHE B 54 -32.26 10.99 -7.54
N ASN B 55 -31.51 11.88 -8.16
CA ASN B 55 -31.22 11.81 -9.58
C ASN B 55 -32.45 11.89 -10.47
N ILE B 56 -33.53 12.45 -9.93
CA ILE B 56 -34.65 12.90 -10.76
C ILE B 56 -34.27 14.30 -11.26
N LYS B 57 -34.43 14.54 -12.56
CA LYS B 57 -34.02 15.84 -13.10
C LYS B 57 -35.16 16.61 -13.75
N SER B 58 -35.06 17.94 -13.66
CA SER B 58 -36.05 18.86 -14.21
C SER B 58 -37.10 19.23 -13.18
N VAL B 59 -37.26 20.53 -12.96
CA VAL B 59 -38.22 21.02 -11.98
C VAL B 59 -39.64 20.54 -12.31
N THR B 60 -39.94 20.41 -13.60
CA THR B 60 -41.26 19.94 -14.03
C THR B 60 -41.57 18.54 -13.50
N LYS B 61 -40.61 17.63 -13.65
CA LYS B 61 -40.78 16.24 -13.23
C LYS B 61 -40.87 16.16 -11.72
N ILE B 62 -39.92 16.81 -11.06
CA ILE B 62 -39.81 16.83 -9.60
C ILE B 62 -41.06 17.41 -8.95
N LYS B 63 -41.64 18.43 -9.59
CA LYS B 63 -42.87 19.05 -9.09
C LYS B 63 -44.05 18.08 -9.07
N GLU B 64 -44.18 17.27 -10.11
CA GLU B 64 -45.30 16.35 -10.22
C GLU B 64 -45.10 15.11 -9.35
N VAL B 65 -43.85 14.78 -9.07
CA VAL B 65 -43.58 13.68 -8.15
C VAL B 65 -43.86 14.14 -6.71
N GLN B 66 -43.46 15.37 -6.39
CA GLN B 66 -43.73 15.93 -5.07
C GLN B 66 -45.24 16.07 -4.86
N ARG B 67 -45.96 16.43 -5.92
CA ARG B 67 -47.42 16.53 -5.84
C ARG B 67 -48.03 15.22 -5.33
N ILE B 68 -47.52 14.09 -5.81
CA ILE B 68 -48.00 12.79 -5.36
C ILE B 68 -47.92 12.69 -3.85
N ALA B 69 -46.76 13.03 -3.30
CA ALA B 69 -46.56 13.00 -1.85
C ALA B 69 -47.50 13.97 -1.13
N VAL B 70 -47.58 15.20 -1.62
CA VAL B 70 -48.37 16.24 -0.98
C VAL B 70 -49.87 15.95 -1.05
N GLU B 71 -50.34 15.57 -2.23
CA GLU B 71 -51.78 15.47 -2.47
C GLU B 71 -52.34 14.06 -2.29
N GLU B 72 -51.49 13.05 -2.39
CA GLU B 72 -51.99 11.68 -2.44
C GLU B 72 -51.40 10.69 -1.44
N SER B 73 -50.69 11.21 -0.43
CA SER B 73 -50.23 10.35 0.66
C SER B 73 -51.01 10.71 1.92
N ARG B 74 -51.15 9.76 2.84
CA ARG B 74 -52.02 9.94 4.00
C ARG B 74 -51.61 11.12 4.89
N LEU B 75 -50.32 11.31 5.10
CA LEU B 75 -49.85 12.40 5.96
C LEU B 75 -49.28 13.59 5.19
N LYS B 76 -49.22 13.47 3.87
CA LYS B 76 -48.74 14.56 3.02
C LYS B 76 -47.30 14.98 3.31
N ILE B 77 -46.52 14.06 3.86
CA ILE B 77 -45.11 14.36 4.14
C ILE B 77 -44.33 14.47 2.84
N PRO B 78 -43.77 15.66 2.55
CA PRO B 78 -43.05 15.91 1.30
C PRO B 78 -41.72 15.15 1.24
N LEU B 79 -41.16 15.07 0.04
CA LEU B 79 -39.93 14.32 -0.18
C LEU B 79 -38.73 15.23 -0.31
N LEU B 80 -37.57 14.71 0.11
CA LEU B 80 -36.29 15.26 -0.28
C LEU B 80 -36.02 14.86 -1.72
N PHE B 81 -35.36 15.74 -2.46
CA PHE B 81 -34.87 15.40 -3.79
C PHE B 81 -33.38 15.67 -3.85
N GLY B 82 -32.60 14.61 -4.01
CA GLY B 82 -31.15 14.70 -3.98
C GLY B 82 -30.56 14.45 -5.34
N MET B 83 -29.26 14.74 -5.45
CA MET B 83 -28.53 14.52 -6.68
C MET B 83 -27.02 14.68 -6.44
N ASP B 84 -26.24 13.98 -7.25
CA ASP B 84 -24.79 14.18 -7.27
C ASP B 84 -24.42 15.48 -7.98
N VAL B 85 -24.51 16.60 -7.26
CA VAL B 85 -24.02 17.85 -7.79
C VAL B 85 -22.60 18.02 -7.25
N ILE B 86 -21.63 17.57 -8.03
CA ILE B 86 -20.25 17.38 -7.55
C ILE B 86 -19.32 18.57 -7.79
N HIS B 87 -19.32 19.08 -9.01
CA HIS B 87 -18.55 20.28 -9.34
C HIS B 87 -19.35 21.11 -10.34
N GLY B 88 -20.54 21.52 -9.92
CA GLY B 88 -21.40 22.33 -10.76
C GLY B 88 -22.63 21.55 -11.17
N TYR B 89 -23.70 22.27 -11.47
CA TYR B 89 -24.93 21.64 -11.91
C TYR B 89 -24.93 21.52 -13.43
N GLU B 90 -25.43 22.54 -14.12
CA GLU B 90 -25.38 22.54 -15.58
C GLU B 90 -24.09 23.22 -16.06
N THR B 91 -23.69 24.27 -15.35
CA THR B 91 -22.37 24.88 -15.59
C THR B 91 -21.32 24.05 -14.86
N ALA B 92 -20.39 23.48 -15.62
CA ALA B 92 -19.37 22.62 -15.03
C ALA B 92 -18.12 23.39 -14.62
N PHE B 93 -17.76 23.26 -13.35
CA PHE B 93 -16.47 23.78 -12.88
C PHE B 93 -15.48 22.64 -13.04
N PRO B 94 -14.19 22.92 -12.82
CA PRO B 94 -13.22 21.82 -12.94
C PRO B 94 -13.60 20.71 -11.98
N ILE B 95 -13.13 19.50 -12.24
CA ILE B 95 -13.29 18.42 -11.27
C ILE B 95 -12.69 18.83 -9.92
N PRO B 96 -13.25 18.30 -8.82
CA PRO B 96 -12.81 18.67 -7.46
C PRO B 96 -11.30 18.71 -7.29
N LEU B 97 -10.61 17.65 -7.69
CA LEU B 97 -9.16 17.61 -7.55
C LEU B 97 -8.53 18.82 -8.24
N GLY B 98 -9.03 19.17 -9.42
CA GLY B 98 -8.58 20.35 -10.13
C GLY B 98 -8.87 21.62 -9.34
N LEU B 99 -10.10 21.73 -8.83
CA LEU B 99 -10.50 22.86 -8.02
C LEU B 99 -9.61 23.01 -6.79
N SER B 100 -9.20 21.89 -6.21
CA SER B 100 -8.38 21.94 -5.02
C SER B 100 -7.08 22.69 -5.29
N CYS B 101 -6.56 22.55 -6.51
CA CYS B 101 -5.30 23.19 -6.88
C CYS B 101 -5.36 24.71 -7.00
N THR B 102 -6.54 25.30 -6.87
CA THR B 102 -6.63 26.76 -6.81
C THR B 102 -6.06 27.28 -5.49
N TRP B 103 -6.09 26.43 -4.46
CA TRP B 103 -5.73 26.87 -3.11
C TRP B 103 -6.44 28.18 -2.76
N ASP B 104 -7.61 28.39 -3.35
CA ASP B 104 -8.37 29.61 -3.16
C ASP B 104 -9.74 29.26 -2.59
N MET B 105 -9.91 29.41 -1.28
CA MET B 105 -11.13 28.97 -0.61
C MET B 105 -12.34 29.83 -0.96
N GLU B 106 -12.08 31.09 -1.31
CA GLU B 106 -13.13 31.99 -1.77
C GLU B 106 -13.71 31.50 -3.08
N LEU B 107 -12.84 31.24 -4.04
CA LEU B 107 -13.26 30.76 -5.35
C LEU B 107 -14.02 29.46 -5.19
N ILE B 108 -13.51 28.60 -4.33
CA ILE B 108 -14.11 27.30 -4.11
C ILE B 108 -15.52 27.41 -3.53
N GLU B 109 -15.70 28.30 -2.56
CA GLU B 109 -17.01 28.50 -1.97
C GLU B 109 -17.99 29.05 -3.01
N LYS B 110 -17.50 29.93 -3.87
CA LYS B 110 -18.33 30.52 -4.92
C LYS B 110 -18.86 29.46 -5.87
N SER B 111 -17.97 28.56 -6.30
CA SER B 111 -18.37 27.53 -7.25
C SER B 111 -19.47 26.67 -6.66
N ALA B 112 -19.40 26.42 -5.36
CA ALA B 112 -20.43 25.64 -4.68
C ALA B 112 -21.71 26.46 -4.61
N ARG B 113 -21.55 27.76 -4.42
CA ARG B 113 -22.67 28.66 -4.29
C ARG B 113 -23.45 28.67 -5.59
N ILE B 114 -22.73 28.84 -6.71
CA ILE B 114 -23.35 28.85 -8.03
C ILE B 114 -24.00 27.51 -8.32
N ALA B 115 -23.33 26.42 -7.92
CA ALA B 115 -23.86 25.09 -8.14
C ALA B 115 -25.19 24.87 -7.41
N ALA B 116 -25.26 25.39 -6.19
CA ALA B 116 -26.49 25.31 -5.40
C ALA B 116 -27.58 26.20 -6.01
N ILE B 117 -27.19 27.34 -6.56
CA ILE B 117 -28.15 28.24 -7.17
C ILE B 117 -28.81 27.59 -8.38
N GLU B 118 -28.03 26.90 -9.20
CA GLU B 118 -28.56 26.23 -10.38
C GLU B 118 -29.39 25.00 -10.01
N ALA B 119 -28.86 24.17 -9.12
CA ALA B 119 -29.55 22.96 -8.70
C ALA B 119 -30.89 23.28 -8.03
N SER B 120 -30.85 24.15 -7.01
CA SER B 120 -32.06 24.55 -6.30
C SER B 120 -33.11 25.15 -7.24
N ALA B 121 -32.66 25.84 -8.27
CA ALA B 121 -33.55 26.46 -9.24
C ALA B 121 -34.23 25.39 -10.09
N ASP B 122 -33.72 24.16 -10.00
CA ASP B 122 -34.24 23.06 -10.78
C ASP B 122 -34.87 21.98 -9.90
N GLY B 123 -35.26 22.34 -8.69
CA GLY B 123 -36.02 21.45 -7.83
C GLY B 123 -35.18 20.56 -6.94
N ILE B 124 -33.86 20.70 -7.02
CA ILE B 124 -32.93 19.93 -6.19
C ILE B 124 -32.67 20.66 -4.88
N CYS B 125 -32.75 19.94 -3.75
CA CYS B 125 -32.55 20.58 -2.45
C CYS B 125 -31.52 19.85 -1.59
N TRP B 126 -30.74 18.98 -2.21
CA TRP B 126 -29.82 18.13 -1.46
C TRP B 126 -28.78 17.56 -2.40
N THR B 127 -27.50 17.83 -2.13
CA THR B 127 -26.42 17.30 -2.95
C THR B 127 -25.56 16.30 -2.21
N PHE B 128 -25.15 15.23 -2.90
CA PHE B 128 -24.22 14.26 -2.34
C PHE B 128 -22.79 14.75 -2.54
N SER B 129 -22.46 15.84 -1.84
CA SER B 129 -21.21 16.55 -2.02
C SER B 129 -21.01 17.40 -0.78
N PRO B 130 -19.74 17.64 -0.37
CA PRO B 130 -18.47 17.30 -1.00
C PRO B 130 -17.92 15.92 -0.60
N MET B 131 -17.19 15.26 -1.49
CA MET B 131 -16.43 14.09 -1.07
C MET B 131 -15.06 14.58 -0.61
N VAL B 132 -14.70 14.19 0.60
CA VAL B 132 -13.53 14.74 1.25
C VAL B 132 -12.58 13.62 1.68
N ASP B 133 -12.69 12.48 1.00
CA ASP B 133 -11.81 11.35 1.29
C ASP B 133 -10.36 11.70 0.96
N ILE B 134 -9.50 11.62 1.98
CA ILE B 134 -8.07 11.74 1.77
C ILE B 134 -7.62 10.51 1.01
N SER B 135 -6.74 10.70 0.04
CA SER B 135 -6.14 9.56 -0.65
C SER B 135 -4.69 9.84 -1.03
N ARG B 136 -3.83 8.83 -0.82
CA ARG B 136 -2.43 8.89 -1.22
C ARG B 136 -2.17 7.90 -2.34
N ASP B 137 -3.23 7.53 -3.07
CA ASP B 137 -3.11 6.48 -4.07
C ASP B 137 -3.71 6.91 -5.42
N PRO B 138 -2.84 7.38 -6.32
CA PRO B 138 -3.20 7.89 -7.65
C PRO B 138 -3.90 6.85 -8.53
N ARG B 139 -3.89 5.58 -8.12
CA ARG B 139 -4.52 4.51 -8.89
C ARG B 139 -6.04 4.58 -8.79
N TRP B 140 -6.50 4.97 -7.60
CA TRP B 140 -7.91 5.14 -7.31
C TRP B 140 -8.52 6.22 -8.21
N GLY B 141 -9.52 5.84 -8.99
CA GLY B 141 -10.15 6.79 -9.89
C GLY B 141 -10.86 7.91 -9.17
N ARG B 142 -11.18 7.69 -7.89
CA ARG B 142 -11.95 8.67 -7.13
C ARG B 142 -11.11 9.79 -6.52
N VAL B 143 -9.78 9.74 -6.72
CA VAL B 143 -8.96 10.88 -6.29
C VAL B 143 -9.49 12.14 -6.97
N SER B 144 -10.08 11.95 -8.15
CA SER B 144 -10.60 13.06 -8.96
C SER B 144 -11.72 13.81 -8.26
N GLU B 145 -12.42 13.12 -7.36
CA GLU B 145 -13.58 13.70 -6.70
C GLU B 145 -13.21 14.44 -5.43
N GLY B 146 -11.97 14.23 -4.98
CA GLY B 146 -11.52 14.77 -3.72
C GLY B 146 -10.59 15.95 -3.85
N SER B 147 -9.78 16.18 -2.82
CA SER B 147 -8.96 17.37 -2.75
C SER B 147 -7.50 17.08 -2.38
N GLY B 148 -7.03 15.88 -2.68
CA GLY B 148 -5.64 15.53 -2.48
C GLY B 148 -5.33 14.76 -1.22
N GLU B 149 -4.07 14.85 -0.78
CA GLU B 149 -3.55 13.99 0.28
C GLU B 149 -3.43 14.70 1.64
N ASP B 150 -3.74 15.99 1.67
CA ASP B 150 -3.53 16.75 2.90
C ASP B 150 -4.78 17.08 3.71
N PRO B 151 -4.76 16.72 5.00
CA PRO B 151 -5.88 16.91 5.95
C PRO B 151 -6.22 18.37 6.20
N TYR B 152 -5.22 19.25 6.28
CA TYR B 152 -5.53 20.66 6.53
C TYR B 152 -6.17 21.33 5.31
N LEU B 153 -5.58 21.10 4.14
CA LEU B 153 -6.12 21.67 2.91
C LEU B 153 -7.48 21.06 2.64
N GLY B 154 -7.58 19.75 2.90
CA GLY B 154 -8.83 19.03 2.76
C GLY B 154 -9.92 19.59 3.66
N ALA B 155 -9.55 19.93 4.90
CA ALA B 155 -10.49 20.45 5.87
C ALA B 155 -10.96 21.86 5.50
N GLN B 156 -10.03 22.69 5.02
CA GLN B 156 -10.38 24.05 4.61
C GLN B 156 -11.34 24.00 3.42
N ILE B 157 -11.10 23.07 2.51
CA ILE B 157 -11.95 22.94 1.33
C ILE B 157 -13.33 22.39 1.70
N ALA B 158 -13.36 21.38 2.58
CA ALA B 158 -14.63 20.83 3.04
C ALA B 158 -15.52 21.93 3.61
N LYS B 159 -14.92 22.79 4.43
CA LYS B 159 -15.62 23.92 5.02
C LYS B 159 -16.17 24.85 3.95
N ALA B 160 -15.33 25.21 2.99
CA ALA B 160 -15.71 26.13 1.92
C ALA B 160 -16.85 25.58 1.07
N MET B 161 -16.85 24.27 0.87
CA MET B 161 -17.88 23.59 0.08
C MET B 161 -19.23 23.56 0.80
N VAL B 162 -19.23 23.20 2.08
CA VAL B 162 -20.46 23.17 2.85
C VAL B 162 -21.06 24.57 2.93
N LYS B 163 -20.22 25.56 3.20
CA LYS B 163 -20.65 26.95 3.27
C LYS B 163 -21.32 27.40 1.98
N GLY B 164 -20.69 27.09 0.85
CA GLY B 164 -21.21 27.48 -0.45
C GLY B 164 -22.59 26.89 -0.73
N TYR B 165 -22.75 25.60 -0.48
CA TYR B 165 -24.01 24.91 -0.74
C TYR B 165 -25.11 25.39 0.18
N GLN B 166 -24.84 25.38 1.48
CA GLN B 166 -25.89 25.54 2.50
C GLN B 166 -26.21 27.00 2.86
N GLY B 167 -25.30 27.91 2.53
CA GLY B 167 -25.52 29.32 2.77
C GLY B 167 -25.82 29.69 4.22
N LYS B 168 -26.57 30.76 4.39
CA LYS B 168 -26.91 31.26 5.72
C LYS B 168 -28.04 30.48 6.39
N ASP B 169 -28.98 29.98 5.60
CA ASP B 169 -30.11 29.24 6.15
C ASP B 169 -30.55 28.13 5.21
N PHE B 170 -30.81 26.95 5.75
CA PHE B 170 -31.31 25.83 4.95
C PHE B 170 -32.57 26.17 4.14
N SER B 171 -33.43 27.00 4.72
CA SER B 171 -34.73 27.30 4.13
C SER B 171 -34.70 28.35 3.00
N ASP B 172 -33.51 28.81 2.63
CA ASP B 172 -33.39 29.65 1.44
C ASP B 172 -33.61 28.79 0.21
N ASN B 173 -34.33 29.33 -0.77
CA ASN B 173 -34.60 28.59 -1.99
C ASN B 173 -33.40 28.57 -2.94
N THR B 174 -32.30 29.19 -2.50
CA THR B 174 -31.04 29.17 -3.24
C THR B 174 -29.99 28.34 -2.49
N SER B 175 -30.33 27.91 -1.29
CA SER B 175 -29.45 27.02 -0.55
C SER B 175 -29.96 25.59 -0.62
N ILE B 176 -29.02 24.65 -0.68
CA ILE B 176 -29.33 23.24 -0.62
C ILE B 176 -28.55 22.56 0.49
N MET B 177 -29.06 21.43 0.97
CA MET B 177 -28.36 20.70 2.03
C MET B 177 -27.17 19.94 1.46
N ALA B 178 -26.05 19.96 2.17
CA ALA B 178 -24.87 19.22 1.73
C ALA B 178 -24.78 17.85 2.38
N CYS B 179 -23.93 17.01 1.81
CA CYS B 179 -23.73 15.66 2.34
C CYS B 179 -22.26 15.32 2.20
N VAL B 180 -21.53 15.37 3.30
CA VAL B 180 -20.13 14.99 3.28
C VAL B 180 -20.00 13.47 3.14
N LYS B 181 -19.15 13.05 2.21
CA LYS B 181 -18.93 11.63 1.95
C LYS B 181 -17.43 11.39 1.65
N HIS B 182 -16.97 10.13 1.70
CA HIS B 182 -17.75 8.99 2.17
C HIS B 182 -17.17 8.53 3.51
N PHE B 183 -17.97 8.63 4.56
CA PHE B 183 -17.51 8.28 5.90
C PHE B 183 -17.38 6.76 6.04
N ALA B 184 -16.15 6.23 6.10
CA ALA B 184 -14.91 6.99 6.13
C ALA B 184 -13.77 6.10 5.65
N LEU B 185 -12.62 6.72 5.36
CA LEU B 185 -11.37 5.99 5.06
C LEU B 185 -11.39 5.37 3.67
N TYR B 186 -12.43 5.69 2.91
CA TYR B 186 -12.67 5.14 1.58
C TYR B 186 -11.43 5.26 0.68
N GLY B 187 -10.70 6.36 0.84
CA GLY B 187 -9.59 6.66 -0.05
C GLY B 187 -8.35 5.81 0.16
N ALA B 188 -8.39 4.90 1.13
CA ALA B 188 -7.24 4.05 1.42
C ALA B 188 -7.44 2.61 0.93
N GLY B 189 -8.41 2.39 0.04
CA GLY B 189 -8.66 1.07 -0.48
C GLY B 189 -7.37 0.40 -0.96
N GLU B 190 -7.17 -0.86 -0.60
CA GLU B 190 -5.93 -1.52 -0.94
C GLU B 190 -5.62 -1.59 -2.44
N ALA B 191 -4.35 -1.37 -2.75
CA ALA B 191 -3.86 -1.46 -4.13
C ALA B 191 -4.61 -0.50 -5.05
N GLY B 192 -5.23 0.52 -4.47
CA GLY B 192 -5.90 1.55 -5.25
C GLY B 192 -7.07 1.01 -6.06
N ARG B 193 -7.49 -0.21 -5.76
CA ARG B 193 -8.63 -0.80 -6.43
C ARG B 193 -9.91 -0.40 -5.71
N ASP B 194 -10.86 0.20 -6.45
CA ASP B 194 -12.06 0.77 -5.85
C ASP B 194 -12.84 -0.28 -5.04
N TYR B 195 -13.37 0.14 -3.89
CA TYR B 195 -14.16 -0.73 -3.01
C TYR B 195 -13.34 -1.75 -2.21
N ASN B 196 -12.03 -1.83 -2.48
CA ASN B 196 -11.20 -2.87 -1.87
C ASN B 196 -11.00 -2.64 -0.37
N THR B 197 -10.52 -3.67 0.31
CA THR B 197 -10.26 -3.62 1.74
C THR B 197 -9.49 -2.38 2.15
N VAL B 198 -9.90 -1.82 3.28
CA VAL B 198 -9.19 -0.72 3.91
C VAL B 198 -8.77 -1.17 5.31
N ASP B 199 -7.56 -0.83 5.71
CA ASP B 199 -7.10 -1.15 7.06
C ASP B 199 -6.03 -0.16 7.55
N MET B 200 -6.19 0.31 8.77
CA MET B 200 -5.21 1.22 9.36
C MET B 200 -5.41 1.33 10.86
N SER B 201 -4.46 1.95 11.53
CA SER B 201 -4.52 2.12 12.98
C SER B 201 -5.42 3.28 13.35
N ARG B 202 -5.92 3.27 14.58
CA ARG B 202 -6.79 4.33 15.06
C ARG B 202 -6.08 5.68 15.01
N VAL B 203 -4.80 5.70 15.40
CA VAL B 203 -4.07 6.97 15.48
C VAL B 203 -3.85 7.58 14.10
N ARG B 204 -3.62 6.74 13.08
CA ARG B 204 -3.54 7.24 11.71
C ARG B 204 -4.88 7.83 11.26
N MET B 205 -5.96 7.17 11.62
CA MET B 205 -7.29 7.68 11.26
C MET B 205 -7.46 9.12 11.72
N TYR B 206 -7.17 9.37 12.99
CA TYR B 206 -7.45 10.67 13.59
C TYR B 206 -6.57 11.78 13.04
N ASN B 207 -5.28 11.52 12.85
CA ASN B 207 -4.38 12.57 12.37
C ASN B 207 -4.42 12.73 10.86
N GLU B 208 -4.60 11.64 10.14
CA GLU B 208 -4.29 11.63 8.72
C GLU B 208 -5.52 11.57 7.79
N TYR B 209 -6.63 11.01 8.28
CA TYR B 209 -7.80 10.78 7.42
C TYR B 209 -9.10 11.48 7.85
N PHE B 210 -9.34 11.55 9.16
CA PHE B 210 -10.57 12.12 9.70
C PHE B 210 -10.75 13.64 9.53
N PRO B 211 -9.67 14.43 9.67
CA PRO B 211 -9.87 15.89 9.74
C PRO B 211 -10.87 16.52 8.74
N PRO B 212 -10.82 16.14 7.45
CA PRO B 212 -11.78 16.73 6.49
C PRO B 212 -13.24 16.41 6.85
N TYR B 213 -13.50 15.17 7.27
CA TYR B 213 -14.85 14.81 7.68
C TYR B 213 -15.27 15.70 8.85
N LYS B 214 -14.36 15.88 9.79
CA LYS B 214 -14.66 16.66 10.99
C LYS B 214 -14.96 18.11 10.65
N ALA B 215 -14.22 18.67 9.71
CA ALA B 215 -14.42 20.07 9.33
C ALA B 215 -15.80 20.24 8.68
N ALA B 216 -16.22 19.24 7.93
CA ALA B 216 -17.53 19.30 7.30
C ALA B 216 -18.59 19.41 8.39
N VAL B 217 -18.49 18.53 9.38
CA VAL B 217 -19.46 18.49 10.48
C VAL B 217 -19.46 19.81 11.26
N ASP B 218 -18.28 20.30 11.57
CA ASP B 218 -18.15 21.54 12.35
C ASP B 218 -18.68 22.73 11.56
N ALA B 219 -18.66 22.61 10.24
CA ALA B 219 -19.16 23.69 9.40
C ALA B 219 -20.68 23.61 9.30
N GLY B 220 -21.25 22.55 9.87
CA GLY B 220 -22.70 22.39 9.93
C GLY B 220 -23.32 21.57 8.83
N VAL B 221 -22.54 20.70 8.18
CA VAL B 221 -23.10 19.87 7.13
C VAL B 221 -24.35 19.13 7.63
N GLY B 222 -25.38 19.09 6.79
CA GLY B 222 -26.67 18.55 7.18
C GLY B 222 -26.76 17.03 7.21
N SER B 223 -25.90 16.37 6.43
CA SER B 223 -25.96 14.92 6.35
C SER B 223 -24.59 14.31 6.04
N VAL B 224 -24.50 13.00 6.20
CA VAL B 224 -23.26 12.27 5.97
C VAL B 224 -23.61 11.00 5.22
N MET B 225 -22.80 10.65 4.22
CA MET B 225 -23.00 9.41 3.49
C MET B 225 -21.92 8.40 3.85
N THR B 226 -22.33 7.15 4.11
CA THR B 226 -21.38 6.12 4.51
C THR B 226 -20.56 5.63 3.31
N SER B 227 -19.46 4.94 3.59
CA SER B 227 -18.63 4.39 2.52
C SER B 227 -18.78 2.87 2.33
N PHE B 228 -18.23 2.39 1.22
CA PHE B 228 -18.35 0.99 0.80
C PHE B 228 -17.35 0.05 1.47
N ASN B 229 -16.27 0.62 1.98
CA ASN B 229 -15.15 -0.14 2.58
C ASN B 229 -15.40 -0.61 4.00
N GLU B 230 -14.73 -1.70 4.37
CA GLU B 230 -14.77 -2.16 5.74
C GLU B 230 -13.73 -1.39 6.55
N ILE B 231 -13.88 -1.45 7.87
CA ILE B 231 -12.93 -0.83 8.76
C ILE B 231 -12.83 -1.73 9.97
N ASP B 232 -11.62 -2.17 10.26
CA ASP B 232 -11.39 -3.15 11.32
C ASP B 232 -12.21 -4.40 11.07
N GLY B 233 -12.48 -4.66 9.79
CA GLY B 233 -13.26 -5.83 9.39
C GLY B 233 -14.76 -5.65 9.47
N ILE B 234 -15.21 -4.41 9.69
CA ILE B 234 -16.64 -4.09 9.69
C ILE B 234 -16.94 -2.97 8.70
N PRO B 235 -17.77 -3.28 7.69
CA PRO B 235 -18.19 -2.28 6.69
C PRO B 235 -18.63 -1.00 7.38
N ALA B 236 -18.21 0.14 6.83
CA ALA B 236 -18.55 1.44 7.39
C ALA B 236 -20.04 1.54 7.71
N THR B 237 -20.87 1.08 6.79
CA THR B 237 -22.32 1.23 6.93
C THR B 237 -22.88 0.51 8.14
N GLY B 238 -22.18 -0.52 8.63
CA GLY B 238 -22.62 -1.22 9.83
C GLY B 238 -21.70 -1.01 11.03
N ASN B 239 -20.81 -0.03 10.93
CA ASN B 239 -19.79 0.16 11.96
C ASN B 239 -20.24 1.14 13.03
N LYS B 240 -20.67 0.61 14.17
CA LYS B 240 -21.23 1.44 15.23
C LYS B 240 -20.20 2.40 15.81
N TRP B 241 -18.99 1.92 16.03
CA TRP B 241 -17.94 2.77 16.54
C TRP B 241 -17.81 3.99 15.65
N LEU B 242 -17.86 3.76 14.35
CA LEU B 242 -17.69 4.84 13.38
C LEU B 242 -18.91 5.79 13.36
N MET B 243 -20.09 5.23 13.09
CA MET B 243 -21.29 6.05 12.92
C MET B 243 -21.82 6.71 14.19
N THR B 244 -21.48 6.15 15.35
CA THR B 244 -22.01 6.66 16.60
C THR B 244 -20.96 7.25 17.52
N ASP B 245 -19.94 6.46 17.84
CA ASP B 245 -18.90 6.89 18.77
C ASP B 245 -18.01 8.01 18.23
N VAL B 246 -17.63 7.90 16.97
CA VAL B 246 -16.81 8.94 16.34
C VAL B 246 -17.68 10.08 15.81
N LEU B 247 -18.53 9.75 14.83
CA LEU B 247 -19.41 10.74 14.20
C LEU B 247 -20.23 11.56 15.17
N ARG B 248 -20.88 10.90 16.13
CA ARG B 248 -21.71 11.60 17.09
C ARG B 248 -21.14 11.59 18.51
N LYS B 249 -19.84 11.85 18.66
CA LYS B 249 -19.22 11.81 19.98
C LYS B 249 -19.72 12.91 20.93
N ARG B 250 -19.64 14.17 20.49
CA ARG B 250 -19.94 15.29 21.38
C ARG B 250 -21.43 15.54 21.57
N ILE B 251 -21.76 16.36 22.56
CA ILE B 251 -23.15 16.66 22.91
C ILE B 251 -24.09 16.79 21.70
N GLY B 252 -24.03 17.95 21.03
CA GLY B 252 -24.80 18.17 19.81
C GLY B 252 -23.88 18.46 18.64
N ALA B 253 -22.84 17.64 18.49
CA ALA B 253 -21.81 17.84 17.48
C ALA B 253 -22.33 17.71 16.05
N PHE B 254 -22.80 16.52 15.67
CA PHE B 254 -23.37 16.34 14.33
C PHE B 254 -24.81 16.86 14.23
N LYS B 255 -25.77 16.08 14.68
CA LYS B 255 -27.18 16.48 14.71
C LYS B 255 -27.96 16.26 13.41
N GLY B 256 -27.26 16.06 12.30
CA GLY B 256 -27.92 15.79 11.02
C GLY B 256 -28.24 14.31 10.87
N PHE B 257 -28.35 13.84 9.63
CA PHE B 257 -28.63 12.42 9.44
C PHE B 257 -27.62 11.69 8.56
N VAL B 258 -27.62 10.37 8.67
CA VAL B 258 -26.71 9.53 7.91
C VAL B 258 -27.48 8.74 6.85
N VAL B 259 -27.06 8.87 5.61
CA VAL B 259 -27.60 8.06 4.51
C VAL B 259 -26.56 7.04 4.09
N THR B 260 -26.99 5.86 3.69
CA THR B 260 -26.06 4.86 3.18
C THR B 260 -25.63 5.25 1.77
N ASN B 261 -24.50 4.71 1.33
CA ASN B 261 -24.16 4.78 -0.08
C ASN B 261 -25.07 3.80 -0.84
N TYR B 262 -25.05 3.91 -2.16
CA TYR B 262 -25.87 3.09 -3.04
C TYR B 262 -25.83 1.60 -2.69
N THR B 263 -26.91 1.08 -2.12
CA THR B 263 -27.04 -0.33 -1.70
C THR B 263 -25.92 -0.83 -0.77
N ALA B 264 -25.34 0.07 0.01
CA ALA B 264 -24.22 -0.30 0.88
C ALA B 264 -24.65 -1.32 1.93
N ILE B 265 -25.90 -1.22 2.41
CA ILE B 265 -26.44 -2.21 3.34
C ILE B 265 -26.47 -3.59 2.68
N ASN B 266 -27.14 -3.68 1.52
CA ASN B 266 -27.22 -4.96 0.84
C ASN B 266 -25.83 -5.56 0.64
N GLU B 267 -24.88 -4.70 0.29
CA GLU B 267 -23.53 -5.16 -0.05
C GLU B 267 -22.79 -5.72 1.16
N MET B 268 -23.32 -5.44 2.35
CA MET B 268 -22.76 -6.04 3.55
C MET B 268 -22.94 -7.55 3.52
N ILE B 269 -23.95 -8.01 2.80
CA ILE B 269 -24.13 -9.44 2.56
C ILE B 269 -22.90 -9.99 1.83
N ASP B 270 -22.48 -9.31 0.78
CA ASP B 270 -21.29 -9.71 0.01
C ASP B 270 -20.04 -9.65 0.87
N HIS B 271 -19.93 -8.58 1.66
CA HIS B 271 -18.82 -8.42 2.60
C HIS B 271 -18.66 -9.66 3.45
N GLY B 272 -19.77 -10.30 3.83
CA GLY B 272 -19.73 -11.48 4.67
C GLY B 272 -20.27 -11.23 6.06
N MET B 273 -21.18 -10.26 6.19
CA MET B 273 -21.75 -9.90 7.49
C MET B 273 -23.10 -10.56 7.78
N GLY B 274 -23.66 -11.27 6.81
CA GLY B 274 -24.91 -11.98 7.02
C GLY B 274 -25.99 -11.63 6.02
N ASP B 275 -27.23 -12.01 6.32
CA ASP B 275 -28.36 -11.78 5.42
C ASP B 275 -28.91 -10.36 5.53
N LEU B 276 -29.87 -10.04 4.65
CA LEU B 276 -30.38 -8.68 4.55
C LEU B 276 -30.91 -8.18 5.89
N GLN B 277 -31.59 -9.03 6.64
CA GLN B 277 -32.21 -8.57 7.86
C GLN B 277 -31.14 -8.23 8.86
N THR B 278 -30.21 -9.15 9.02
CA THR B 278 -29.11 -9.00 9.95
C THR B 278 -28.33 -7.72 9.66
N VAL B 279 -27.96 -7.52 8.40
CA VAL B 279 -27.13 -6.37 8.06
C VAL B 279 -27.94 -5.06 8.15
N SER B 280 -29.23 -5.15 7.85
CA SER B 280 -30.11 -4.00 8.02
C SER B 280 -30.18 -3.57 9.47
N ALA B 281 -30.40 -4.52 10.36
CA ALA B 281 -30.51 -4.21 11.78
C ALA B 281 -29.18 -3.64 12.29
N LEU B 282 -28.08 -4.20 11.80
CA LEU B 282 -26.75 -3.75 12.18
C LEU B 282 -26.57 -2.28 11.81
N ALA B 283 -27.00 -1.94 10.60
CA ALA B 283 -26.92 -0.59 10.08
C ALA B 283 -27.70 0.39 10.97
N LEU B 284 -28.93 0.03 11.32
CA LEU B 284 -29.77 0.93 12.11
C LEU B 284 -29.16 1.15 13.48
N ARG B 285 -28.71 0.08 14.11
CA ARG B 285 -28.05 0.18 15.41
C ARG B 285 -26.77 1.02 15.32
N ALA B 286 -26.04 0.90 14.22
CA ALA B 286 -24.81 1.67 14.05
C ALA B 286 -25.08 3.18 13.97
N GLY B 287 -26.29 3.55 13.56
CA GLY B 287 -26.64 4.96 13.49
C GLY B 287 -26.95 5.46 12.09
N VAL B 288 -27.14 4.53 11.17
CA VAL B 288 -27.59 4.89 9.83
C VAL B 288 -29.09 5.22 9.85
N ASP B 289 -29.48 6.31 9.18
CA ASP B 289 -30.87 6.77 9.20
C ASP B 289 -31.61 6.53 7.88
N MET B 290 -30.90 6.63 6.75
CA MET B 290 -31.57 6.50 5.45
C MET B 290 -30.91 5.46 4.55
N ASP B 291 -31.75 4.65 3.93
CA ASP B 291 -31.33 3.48 3.17
C ASP B 291 -31.44 3.73 1.67
N MET B 292 -30.30 3.86 0.99
CA MET B 292 -30.29 4.21 -0.43
C MET B 292 -30.47 3.00 -1.37
N VAL B 293 -31.62 2.98 -2.05
CA VAL B 293 -31.94 2.01 -3.11
C VAL B 293 -32.20 0.56 -2.66
N GLY B 294 -31.42 0.06 -1.71
CA GLY B 294 -31.48 -1.34 -1.36
C GLY B 294 -32.75 -1.85 -0.68
N GLU B 295 -33.53 -0.94 -0.14
CA GLU B 295 -34.78 -1.26 0.57
C GLU B 295 -34.71 -2.34 1.65
N GLY B 296 -33.54 -2.48 2.29
CA GLY B 296 -33.38 -3.36 3.44
C GLY B 296 -34.14 -2.85 4.65
N PHE B 297 -34.07 -1.54 4.89
CA PHE B 297 -34.84 -0.93 5.97
C PHE B 297 -36.35 -1.14 5.75
N LEU B 298 -36.84 -0.83 4.55
CA LEU B 298 -38.26 -0.90 4.28
C LEU B 298 -38.79 -2.32 4.48
N THR B 299 -38.04 -3.31 3.97
CA THR B 299 -38.53 -4.68 3.97
C THR B 299 -38.23 -5.49 5.24
N THR B 300 -37.31 -5.04 6.09
CA THR B 300 -36.91 -5.87 7.22
C THR B 300 -37.02 -5.27 8.63
N LEU B 301 -37.09 -3.96 8.75
CA LEU B 301 -37.07 -3.36 10.08
C LEU B 301 -38.22 -3.83 10.98
N LYS B 302 -39.43 -3.92 10.43
CA LYS B 302 -40.59 -4.32 11.23
C LYS B 302 -40.41 -5.71 11.84
N LYS B 303 -39.90 -6.64 11.04
CA LYS B 303 -39.59 -7.99 11.51
C LYS B 303 -38.56 -7.95 12.64
N SER B 304 -37.43 -7.29 12.40
CA SER B 304 -36.39 -7.13 13.42
C SER B 304 -36.96 -6.54 14.71
N LEU B 305 -37.90 -5.61 14.57
CA LEU B 305 -38.49 -4.96 15.75
C LEU B 305 -39.34 -5.96 16.51
N GLN B 306 -40.14 -6.73 15.77
CA GLN B 306 -40.99 -7.74 16.36
C GLN B 306 -40.15 -8.83 17.01
N GLU B 307 -38.92 -9.00 16.54
CA GLU B 307 -38.04 -10.03 17.07
C GLU B 307 -37.14 -9.51 18.19
N GLY B 308 -37.18 -8.20 18.42
CA GLY B 308 -36.41 -7.59 19.49
C GLY B 308 -34.97 -7.32 19.11
N LYS B 309 -34.68 -7.36 17.82
CA LYS B 309 -33.33 -7.13 17.33
C LYS B 309 -33.05 -5.64 17.19
N ILE B 310 -34.10 -4.84 17.12
CA ILE B 310 -33.96 -3.39 17.19
C ILE B 310 -34.99 -2.84 18.16
N THR B 311 -34.95 -1.54 18.40
CA THR B 311 -35.88 -0.93 19.34
C THR B 311 -36.72 0.11 18.61
N GLN B 312 -37.86 0.44 19.22
CA GLN B 312 -38.75 1.47 18.70
C GLN B 312 -38.02 2.81 18.66
N ALA B 313 -37.28 3.10 19.73
CA ALA B 313 -36.58 4.38 19.86
C ALA B 313 -35.52 4.56 18.79
N GLN B 314 -34.95 3.44 18.33
CA GLN B 314 -33.97 3.50 17.25
C GLN B 314 -34.63 3.92 15.95
N ILE B 315 -35.83 3.41 15.70
CA ILE B 315 -36.58 3.78 14.51
C ILE B 315 -37.01 5.23 14.62
N ASP B 316 -37.54 5.60 15.79
CA ASP B 316 -38.03 6.95 16.02
C ASP B 316 -36.93 8.00 15.86
N ALA B 317 -35.73 7.66 16.31
CA ALA B 317 -34.61 8.60 16.26
C ALA B 317 -34.19 8.85 14.82
N ALA B 318 -34.22 7.80 14.01
CA ALA B 318 -33.84 7.90 12.61
C ALA B 318 -34.89 8.70 11.86
N CYS B 319 -36.14 8.35 12.11
CA CYS B 319 -37.24 9.01 11.45
C CYS B 319 -37.21 10.49 11.79
N LYS B 320 -36.95 10.79 13.06
CA LYS B 320 -36.96 12.16 13.54
C LYS B 320 -35.99 13.01 12.72
N ARG B 321 -34.80 12.47 12.48
CA ARG B 321 -33.73 13.19 11.80
C ARG B 321 -34.10 13.52 10.36
N ILE B 322 -34.72 12.58 9.67
CA ILE B 322 -35.17 12.79 8.30
C ILE B 322 -36.17 13.96 8.24
N LEU B 323 -37.11 13.99 9.19
CA LEU B 323 -38.12 15.03 9.25
C LEU B 323 -37.53 16.41 9.58
N GLU B 324 -36.55 16.42 10.48
CA GLU B 324 -35.90 17.66 10.85
C GLU B 324 -35.19 18.25 9.63
N ALA B 325 -34.58 17.38 8.84
CA ALA B 325 -33.93 17.80 7.60
C ALA B 325 -34.94 18.51 6.70
N LYS B 326 -36.08 17.87 6.50
CA LYS B 326 -37.14 18.42 5.66
C LYS B 326 -37.67 19.71 6.26
N TYR B 327 -37.77 19.74 7.58
CA TYR B 327 -38.26 20.95 8.24
C TYR B 327 -37.31 22.11 8.01
N LYS B 328 -36.02 21.89 8.27
CA LYS B 328 -35.00 22.92 8.12
C LYS B 328 -34.94 23.45 6.70
N LEU B 329 -35.16 22.56 5.73
CA LEU B 329 -35.09 22.94 4.33
C LEU B 329 -36.28 23.77 3.86
N GLY B 330 -37.29 23.88 4.72
CA GLY B 330 -38.47 24.69 4.42
C GLY B 330 -39.60 23.92 3.76
N LEU B 331 -39.43 22.59 3.66
CA LEU B 331 -40.37 21.73 2.96
C LEU B 331 -41.77 21.64 3.57
N PHE B 332 -41.86 21.72 4.90
CA PHE B 332 -43.16 21.65 5.54
C PHE B 332 -43.93 22.97 5.46
N SER B 333 -43.19 24.04 5.18
CA SER B 333 -43.80 25.34 4.95
C SER B 333 -44.22 25.47 3.50
N ASP B 334 -43.41 24.92 2.60
CA ASP B 334 -43.71 24.92 1.18
C ASP B 334 -42.99 23.79 0.46
N PRO B 335 -43.73 22.68 0.21
CA PRO B 335 -43.15 21.48 -0.41
C PRO B 335 -42.60 21.78 -1.80
N TYR B 336 -43.07 22.87 -2.39
CA TYR B 336 -42.69 23.22 -3.75
C TYR B 336 -41.62 24.32 -3.80
N LYS B 337 -41.08 24.68 -2.63
CA LYS B 337 -40.13 25.80 -2.51
C LYS B 337 -39.05 25.83 -3.59
N TYR B 338 -38.58 24.66 -3.99
CA TYR B 338 -37.49 24.56 -4.97
C TYR B 338 -38.02 24.30 -6.37
N CYS B 339 -39.34 24.47 -6.55
CA CYS B 339 -40.01 24.14 -7.80
C CYS B 339 -40.60 25.36 -8.49
N ASN B 340 -39.74 26.22 -9.04
CA ASN B 340 -40.22 27.38 -9.80
C ASN B 340 -39.72 27.36 -11.24
N GLU B 341 -40.65 27.20 -12.17
CA GLU B 341 -40.32 27.10 -13.59
C GLU B 341 -39.50 28.28 -14.10
N GLU B 342 -39.79 29.48 -13.56
CA GLU B 342 -39.11 30.69 -13.99
C GLU B 342 -37.65 30.72 -13.55
N ARG B 343 -37.40 30.35 -12.28
CA ARG B 343 -36.04 30.24 -11.81
C ARG B 343 -35.26 29.31 -12.71
N ALA B 344 -35.85 28.15 -13.00
CA ALA B 344 -35.15 27.13 -13.79
C ALA B 344 -34.80 27.66 -15.18
N ARG B 345 -35.64 28.53 -15.73
CA ARG B 345 -35.43 29.05 -17.07
C ARG B 345 -34.35 30.13 -17.12
N THR B 346 -34.25 30.92 -16.06
CA THR B 346 -33.41 32.12 -16.09
C THR B 346 -32.12 32.01 -15.28
N GLN B 347 -32.09 31.11 -14.30
CA GLN B 347 -30.96 31.09 -13.37
C GLN B 347 -29.96 29.96 -13.62
N ILE B 348 -30.07 29.29 -14.75
CA ILE B 348 -29.25 28.11 -15.00
C ILE B 348 -28.46 28.18 -16.31
N PHE B 349 -27.16 27.92 -16.23
CA PHE B 349 -26.29 27.93 -17.41
C PHE B 349 -26.33 29.31 -18.08
N THR B 350 -26.42 30.35 -17.26
CA THR B 350 -26.46 31.71 -17.75
C THR B 350 -25.09 32.15 -18.24
N PRO B 351 -25.05 33.14 -19.13
CA PRO B 351 -23.76 33.67 -19.59
C PRO B 351 -22.87 34.05 -18.41
N GLU B 352 -23.48 34.58 -17.36
CA GLU B 352 -22.76 35.01 -16.18
C GLU B 352 -22.06 33.83 -15.52
N HIS B 353 -22.83 32.77 -15.29
CA HIS B 353 -22.32 31.56 -14.67
C HIS B 353 -21.18 30.93 -15.48
N ARG B 354 -21.34 30.88 -16.79
CA ARG B 354 -20.28 30.32 -17.63
C ARG B 354 -19.01 31.16 -17.55
N LYS B 355 -19.16 32.48 -17.51
CA LYS B 355 -18.02 33.37 -17.38
C LYS B 355 -17.23 33.08 -16.11
N ILE B 356 -17.94 32.98 -14.99
CA ILE B 356 -17.33 32.67 -13.70
C ILE B 356 -16.61 31.34 -13.73
N ALA B 357 -17.25 30.34 -14.33
CA ALA B 357 -16.63 29.03 -14.45
C ALA B 357 -15.31 29.13 -15.23
N ARG B 358 -15.31 29.95 -16.28
CA ARG B 358 -14.12 30.15 -17.09
C ARG B 358 -13.02 30.81 -16.28
N GLU B 359 -13.41 31.80 -15.48
CA GLU B 359 -12.48 32.49 -14.59
C GLU B 359 -11.85 31.51 -13.60
N ILE B 360 -12.71 30.76 -12.92
CA ILE B 360 -12.26 29.81 -11.92
C ILE B 360 -11.34 28.73 -12.52
N ALA B 361 -11.75 28.17 -13.65
CA ALA B 361 -10.99 27.11 -14.31
C ALA B 361 -9.53 27.54 -14.53
N ALA B 362 -9.34 28.74 -15.08
CA ALA B 362 -8.00 29.24 -15.35
C ALA B 362 -7.13 29.36 -14.10
N GLN B 363 -7.77 29.40 -12.93
CA GLN B 363 -7.05 29.51 -11.66
C GLN B 363 -6.69 28.13 -11.09
N SER B 364 -7.15 27.08 -11.77
CA SER B 364 -7.00 25.73 -11.23
C SER B 364 -5.86 24.99 -11.92
N PHE B 365 -5.40 25.53 -13.03
CA PHE B 365 -4.34 24.89 -13.80
C PHE B 365 -3.03 24.91 -13.03
N VAL B 366 -2.24 23.86 -13.20
CA VAL B 366 -0.92 23.79 -12.59
C VAL B 366 0.16 23.72 -13.67
N LEU B 367 0.99 24.75 -13.73
CA LEU B 367 2.08 24.79 -14.69
C LEU B 367 3.25 23.97 -14.14
N LEU B 368 3.49 22.81 -14.75
CA LEU B 368 4.47 21.87 -14.22
C LEU B 368 5.88 22.12 -14.77
N LYS B 369 5.98 22.65 -15.99
CA LYS B 369 7.27 22.99 -16.58
C LYS B 369 7.13 24.09 -17.62
N ASN B 370 8.13 24.97 -17.70
CA ASN B 370 8.13 26.03 -18.67
C ASN B 370 9.56 26.46 -19.02
N ASP B 371 10.26 25.61 -19.77
CA ASP B 371 11.65 25.87 -20.13
C ASP B 371 11.77 26.84 -21.31
N ASN B 372 12.73 27.75 -21.22
CA ASN B 372 13.04 28.67 -22.31
C ASN B 372 11.85 29.54 -22.75
N ASN B 373 11.03 29.94 -21.79
CA ASN B 373 9.91 30.84 -22.02
C ASN B 373 9.01 30.41 -23.18
N VAL B 374 8.77 29.12 -23.29
CA VAL B 374 7.84 28.63 -24.31
C VAL B 374 6.46 29.26 -24.08
N LEU B 375 6.02 29.22 -22.83
CA LEU B 375 4.79 29.89 -22.42
C LEU B 375 5.14 31.21 -21.75
N PRO B 376 4.31 32.24 -21.95
CA PRO B 376 3.06 32.13 -22.71
C PRO B 376 3.31 32.23 -24.21
N LEU B 377 2.38 31.71 -25.00
CA LEU B 377 2.49 31.72 -26.45
C LEU B 377 2.31 33.12 -27.01
N LYS B 378 3.11 33.47 -28.00
CA LYS B 378 2.86 34.68 -28.76
C LYS B 378 1.63 34.42 -29.62
N LYS B 379 0.74 35.40 -29.68
CA LYS B 379 -0.44 35.30 -30.55
C LYS B 379 -0.07 35.81 -31.94
N SER B 380 0.71 35.00 -32.64
CA SER B 380 1.21 35.33 -33.96
C SER B 380 1.73 34.05 -34.61
N GLY B 381 1.91 34.09 -35.92
CA GLY B 381 2.40 32.94 -36.66
C GLY B 381 1.40 31.81 -36.72
N THR B 382 1.91 30.58 -36.64
CA THR B 382 1.05 29.41 -36.74
C THR B 382 1.26 28.45 -35.57
N ILE B 383 0.17 27.84 -35.13
CA ILE B 383 0.16 26.96 -33.98
C ILE B 383 -0.54 25.64 -34.33
N ALA B 384 0.15 24.54 -34.11
CA ALA B 384 -0.39 23.21 -34.42
C ALA B 384 -0.96 22.56 -33.17
N LEU B 385 -2.25 22.30 -33.18
CA LEU B 385 -2.91 21.61 -32.07
C LEU B 385 -3.15 20.15 -32.45
N VAL B 386 -2.64 19.25 -31.62
CA VAL B 386 -2.59 17.84 -31.96
C VAL B 386 -2.86 16.98 -30.73
N GLY B 387 -3.66 15.93 -30.89
CA GLY B 387 -3.92 15.00 -29.80
C GLY B 387 -5.38 14.61 -29.71
N PRO B 388 -5.66 13.43 -29.12
CA PRO B 388 -7.04 12.95 -29.01
C PRO B 388 -7.92 13.84 -28.14
N LEU B 389 -7.34 14.79 -27.42
CA LEU B 389 -8.14 15.68 -26.60
C LEU B 389 -8.20 17.11 -27.11
N ALA B 390 -7.74 17.30 -28.34
CA ALA B 390 -7.66 18.63 -28.94
C ALA B 390 -9.03 19.20 -29.34
N ASP B 391 -9.92 18.33 -29.82
CA ASP B 391 -11.21 18.80 -30.34
C ASP B 391 -12.35 17.88 -29.94
N ASN B 392 -12.69 17.90 -28.67
CA ASN B 392 -13.79 17.10 -28.15
C ASN B 392 -14.50 17.85 -27.03
N ARG B 393 -15.82 17.92 -27.13
CA ARG B 393 -16.62 18.67 -26.17
C ARG B 393 -17.01 17.87 -24.93
N VAL B 394 -17.59 16.69 -25.13
CA VAL B 394 -18.25 16.01 -24.03
C VAL B 394 -17.30 15.56 -22.91
N ASN B 395 -16.00 15.46 -23.21
CA ASN B 395 -15.05 15.06 -22.16
C ASN B 395 -14.59 16.21 -21.28
N MET B 396 -14.73 17.44 -21.78
CA MET B 396 -14.19 18.59 -21.07
C MET B 396 -14.64 18.71 -19.60
N PRO B 397 -15.93 18.44 -19.31
CA PRO B 397 -16.45 18.52 -17.93
C PRO B 397 -15.90 17.47 -16.96
N GLY B 398 -15.19 16.47 -17.45
CA GLY B 398 -14.69 15.41 -16.59
C GLY B 398 -15.78 14.47 -16.10
N THR B 399 -15.45 13.62 -15.15
CA THR B 399 -16.40 12.66 -14.58
C THR B 399 -17.28 13.33 -13.52
N TRP B 400 -18.31 12.62 -13.07
CA TRP B 400 -19.24 13.16 -12.08
C TRP B 400 -19.76 14.53 -12.48
N SER B 401 -20.21 14.64 -13.71
CA SER B 401 -20.82 15.86 -14.21
C SER B 401 -22.18 15.52 -14.80
N VAL B 402 -23.00 14.81 -14.03
CA VAL B 402 -24.23 14.23 -14.57
C VAL B 402 -25.26 15.23 -15.11
N ALA B 403 -25.24 16.45 -14.59
CA ALA B 403 -26.19 17.46 -15.03
C ALA B 403 -25.56 18.44 -16.02
N ALA B 404 -24.28 18.22 -16.32
CA ALA B 404 -23.55 19.13 -17.19
C ALA B 404 -24.10 19.17 -18.62
N LYS B 405 -23.99 20.33 -19.24
CA LYS B 405 -24.31 20.52 -20.65
C LYS B 405 -23.11 20.07 -21.50
N HIS B 406 -22.83 18.76 -21.49
CA HIS B 406 -21.57 18.26 -22.04
C HIS B 406 -21.32 18.71 -23.47
N ALA B 407 -22.39 18.70 -24.27
CA ALA B 407 -22.31 18.96 -25.70
C ALA B 407 -22.13 20.43 -26.02
N GLU B 408 -22.30 21.29 -25.02
CA GLU B 408 -22.16 22.73 -25.22
C GLU B 408 -20.84 23.24 -24.67
N SER B 409 -20.01 22.31 -24.20
CA SER B 409 -18.68 22.61 -23.71
C SER B 409 -17.81 23.15 -24.85
N VAL B 410 -16.85 24.00 -24.49
CA VAL B 410 -15.93 24.55 -25.48
C VAL B 410 -14.69 23.68 -25.62
N SER B 411 -14.53 23.09 -26.81
CA SER B 411 -13.36 22.25 -27.08
C SER B 411 -12.09 23.10 -27.08
N LEU B 412 -10.94 22.45 -27.03
CA LEU B 412 -9.68 23.18 -27.02
C LEU B 412 -9.44 23.83 -28.39
N LEU B 413 -9.73 23.10 -29.47
CA LEU B 413 -9.62 23.69 -30.79
C LEU B 413 -10.51 24.93 -30.91
N GLU B 414 -11.70 24.86 -30.32
CA GLU B 414 -12.66 25.96 -30.34
C GLU B 414 -12.18 27.21 -29.62
N GLY B 415 -11.71 27.04 -28.40
CA GLY B 415 -11.21 28.14 -27.59
C GLY B 415 -10.02 28.82 -28.24
N LEU B 416 -9.09 28.01 -28.74
CA LEU B 416 -7.87 28.50 -29.39
C LEU B 416 -8.15 29.32 -30.65
N LYS B 417 -9.03 28.84 -31.51
CA LYS B 417 -9.37 29.57 -32.73
C LYS B 417 -10.03 30.91 -32.41
N LYS B 418 -10.87 30.90 -31.38
CA LYS B 418 -11.53 32.11 -30.91
C LYS B 418 -10.48 33.13 -30.43
N ALA B 419 -9.58 32.68 -29.55
CA ALA B 419 -8.54 33.55 -29.00
C ALA B 419 -7.56 34.07 -30.05
N ALA B 420 -7.13 33.18 -30.96
CA ALA B 420 -6.18 33.54 -32.00
C ALA B 420 -6.74 34.63 -32.91
N GLY B 421 -8.01 34.47 -33.30
CA GLY B 421 -8.64 35.40 -34.21
C GLY B 421 -7.89 35.47 -35.52
N ASN B 422 -7.58 36.69 -35.95
CA ASN B 422 -6.83 36.89 -37.18
C ASN B 422 -5.32 37.00 -36.95
N ASP B 423 -4.90 36.94 -35.69
CA ASP B 423 -3.50 37.18 -35.35
C ASP B 423 -2.60 35.95 -35.49
N ALA B 424 -3.17 34.77 -35.30
CA ALA B 424 -2.43 33.52 -35.51
C ALA B 424 -3.33 32.47 -36.14
N ARG B 425 -2.74 31.64 -36.99
CA ARG B 425 -3.50 30.56 -37.60
C ARG B 425 -3.34 29.28 -36.80
N ILE B 426 -4.46 28.65 -36.49
CA ILE B 426 -4.47 27.40 -35.75
C ILE B 426 -4.64 26.22 -36.70
N LEU B 427 -3.79 25.20 -36.54
CA LEU B 427 -3.87 24.01 -37.38
C LEU B 427 -4.13 22.79 -36.51
N TYR B 428 -4.97 21.89 -37.02
CA TYR B 428 -5.39 20.74 -36.25
C TYR B 428 -4.95 19.40 -36.84
N ALA B 429 -4.73 18.42 -35.98
CA ALA B 429 -4.53 17.02 -36.40
C ALA B 429 -4.79 16.07 -35.25
N HIS B 430 -5.54 15.02 -35.53
CA HIS B 430 -5.95 14.05 -34.51
C HIS B 430 -4.73 13.48 -33.76
N GLY B 431 -3.73 13.04 -34.53
CA GLY B 431 -2.50 12.51 -33.97
C GLY B 431 -2.61 11.05 -33.59
N SER B 432 -3.54 10.75 -32.71
CA SER B 432 -3.79 9.37 -32.35
C SER B 432 -5.08 9.25 -31.54
N ASN B 433 -5.55 8.01 -31.42
CA ASN B 433 -6.65 7.70 -30.55
C ASN B 433 -6.21 7.77 -29.08
N LEU B 434 -7.13 7.46 -28.18
CA LEU B 434 -6.87 7.51 -26.75
C LEU B 434 -5.84 6.46 -26.34
N ASP B 435 -5.98 5.26 -26.91
CA ASP B 435 -5.12 4.13 -26.57
C ASP B 435 -5.08 3.15 -27.73
N GLU B 436 -4.09 2.28 -27.74
CA GLU B 436 -3.99 1.26 -28.78
C GLU B 436 -5.06 0.17 -28.61
N ASP B 437 -5.60 0.06 -27.39
CA ASP B 437 -6.56 -1.00 -27.07
C ASP B 437 -7.98 -0.44 -27.13
N LYS B 438 -8.73 -0.82 -28.15
CA LYS B 438 -10.08 -0.28 -28.34
C LYS B 438 -11.01 -0.63 -27.19
N SER B 439 -10.90 -1.86 -26.67
CA SER B 439 -11.77 -2.27 -25.57
C SER B 439 -11.48 -1.46 -24.31
N LEU B 440 -10.26 -0.96 -24.19
CA LEU B 440 -9.94 -0.08 -23.07
C LEU B 440 -10.58 1.28 -23.31
N ILE B 441 -10.48 1.75 -24.55
CA ILE B 441 -11.12 3.00 -24.94
C ILE B 441 -12.60 2.90 -24.64
N GLU B 442 -13.24 1.86 -25.15
CA GLU B 442 -14.67 1.66 -24.92
C GLU B 442 -14.99 1.82 -23.44
N ARG B 443 -14.31 1.05 -22.60
CA ARG B 443 -14.70 1.02 -21.19
C ARG B 443 -14.28 2.30 -20.45
N ALA B 444 -13.44 3.10 -21.10
CA ALA B 444 -12.97 4.34 -20.52
C ALA B 444 -13.78 5.54 -21.03
N THR B 445 -14.72 5.26 -21.93
CA THR B 445 -15.52 6.31 -22.52
C THR B 445 -17.02 6.02 -22.38
N MET B 446 -17.38 5.40 -21.26
CA MET B 446 -18.79 5.09 -20.97
C MET B 446 -19.58 6.36 -20.67
N PHE B 447 -20.88 6.18 -20.50
CA PHE B 447 -21.77 7.25 -20.06
C PHE B 447 -21.95 8.34 -21.12
N GLY B 448 -21.61 8.01 -22.37
CA GLY B 448 -21.84 8.91 -23.50
C GLY B 448 -20.66 9.82 -23.81
N LYS B 449 -19.59 9.70 -23.03
CA LYS B 449 -18.46 10.62 -23.16
C LYS B 449 -17.48 10.12 -24.23
N THR B 450 -17.98 9.90 -25.43
CA THR B 450 -17.17 9.24 -26.47
C THR B 450 -16.13 10.15 -27.12
N LEU B 451 -15.09 9.51 -27.68
CA LEU B 451 -14.09 10.21 -28.45
C LEU B 451 -14.13 9.65 -29.86
N LYS B 452 -14.06 10.53 -30.86
CA LYS B 452 -14.07 10.07 -32.24
C LYS B 452 -12.86 9.16 -32.49
N TYR B 453 -13.13 7.99 -33.03
CA TYR B 453 -12.11 6.96 -33.22
C TYR B 453 -11.56 6.97 -34.63
N ASP B 454 -10.24 7.00 -34.79
CA ASP B 454 -9.64 6.96 -36.13
C ASP B 454 -9.13 5.54 -36.43
N PRO B 455 -9.76 4.87 -37.40
CA PRO B 455 -9.52 3.46 -37.71
C PRO B 455 -8.25 3.22 -38.54
N ARG B 456 -7.58 4.29 -38.96
CA ARG B 456 -6.36 4.17 -39.74
C ARG B 456 -5.18 3.71 -38.88
N PRO B 457 -4.15 3.12 -39.53
CA PRO B 457 -2.91 2.71 -38.84
C PRO B 457 -2.31 3.87 -38.07
N LYS B 458 -1.90 3.63 -36.83
CA LYS B 458 -1.41 4.69 -35.96
C LYS B 458 -0.30 5.50 -36.64
N ASP B 459 0.54 4.80 -37.40
CA ASP B 459 1.67 5.43 -38.10
C ASP B 459 1.22 6.40 -39.17
N VAL B 460 0.13 6.05 -39.87
CA VAL B 460 -0.45 6.94 -40.87
C VAL B 460 -0.94 8.22 -40.21
N VAL B 461 -1.63 8.07 -39.07
CA VAL B 461 -2.18 9.21 -38.35
C VAL B 461 -1.09 10.07 -37.72
N ILE B 462 -0.07 9.40 -37.17
CA ILE B 462 1.08 10.11 -36.62
C ILE B 462 1.75 10.95 -37.70
N LYS B 463 1.98 10.35 -38.86
CA LYS B 463 2.59 11.04 -39.98
C LYS B 463 1.72 12.22 -40.41
N GLU B 464 0.41 12.05 -40.32
CA GLU B 464 -0.52 13.12 -40.67
C GLU B 464 -0.27 14.33 -39.77
N ALA B 465 -0.09 14.08 -38.47
CA ALA B 465 0.10 15.16 -37.51
C ALA B 465 1.48 15.79 -37.64
N VAL B 466 2.49 14.97 -37.93
CA VAL B 466 3.86 15.47 -38.08
C VAL B 466 3.98 16.46 -39.24
N ASP B 467 3.31 16.17 -40.34
CA ASP B 467 3.34 17.04 -41.52
C ASP B 467 2.63 18.36 -41.27
N ILE B 468 1.60 18.32 -40.42
CA ILE B 468 0.91 19.52 -40.01
C ILE B 468 1.82 20.32 -39.08
N ALA B 469 2.39 19.62 -38.10
CA ALA B 469 3.27 20.24 -37.12
C ALA B 469 4.44 20.96 -37.78
N ASN B 470 5.04 20.32 -38.78
CA ASN B 470 6.16 20.92 -39.50
C ASN B 470 5.80 22.24 -40.17
N GLN B 471 4.51 22.55 -40.22
CA GLN B 471 4.05 23.80 -40.82
C GLN B 471 3.87 24.87 -39.76
N ALA B 472 3.93 24.46 -38.49
CA ALA B 472 3.74 25.39 -37.38
C ALA B 472 5.05 25.81 -36.74
N ASP B 473 5.01 26.92 -36.01
CA ASP B 473 6.18 27.43 -35.30
C ASP B 473 6.23 26.84 -33.89
N VAL B 474 5.06 26.53 -33.34
CA VAL B 474 4.95 25.87 -32.05
C VAL B 474 3.84 24.81 -32.11
N ILE B 475 4.01 23.74 -31.32
CA ILE B 475 3.03 22.65 -31.27
C ILE B 475 2.37 22.57 -29.91
N VAL B 476 1.05 22.41 -29.91
CA VAL B 476 0.35 22.19 -28.65
C VAL B 476 -0.26 20.79 -28.63
N ALA B 477 0.25 19.95 -27.74
CA ALA B 477 -0.20 18.57 -27.64
C ALA B 477 -1.20 18.41 -26.52
N ALA B 478 -2.46 18.16 -26.89
CA ALA B 478 -3.53 17.92 -25.94
C ALA B 478 -3.63 16.43 -25.69
N LEU B 479 -2.91 15.95 -24.68
CA LEU B 479 -2.87 14.54 -24.37
C LEU B 479 -3.39 14.25 -22.97
N GLY B 480 -3.59 12.98 -22.67
CA GLY B 480 -3.91 12.57 -21.32
C GLY B 480 -4.99 11.51 -21.25
N GLU B 481 -5.85 11.65 -20.26
CA GLU B 481 -6.92 10.69 -20.01
C GLU B 481 -8.21 11.16 -20.65
N SER B 482 -9.16 10.24 -20.77
CA SER B 482 -10.53 10.58 -21.10
C SER B 482 -11.23 10.87 -19.78
N ALA B 483 -12.37 11.56 -19.84
CA ALA B 483 -13.11 11.91 -18.63
C ALA B 483 -13.33 10.71 -17.70
N GLU B 484 -13.78 9.60 -18.25
CA GLU B 484 -14.21 8.45 -17.45
C GLU B 484 -13.09 7.46 -17.17
N MET B 485 -11.84 7.86 -17.42
CA MET B 485 -10.70 7.07 -16.99
C MET B 485 -10.51 7.26 -15.50
N SER B 486 -11.23 8.23 -14.94
CA SER B 486 -11.28 8.42 -13.50
C SER B 486 -12.74 8.40 -13.07
N GLY B 487 -12.99 8.77 -11.82
CA GLY B 487 -14.34 8.68 -11.28
C GLY B 487 -14.50 7.38 -10.54
N GLU B 488 -15.75 6.98 -10.31
CA GLU B 488 -16.03 5.74 -9.58
C GLU B 488 -15.74 4.49 -10.43
N ALA B 489 -15.23 3.45 -9.79
CA ALA B 489 -14.88 2.22 -10.48
C ALA B 489 -14.05 2.48 -11.73
N SER B 490 -13.19 3.49 -11.62
CA SER B 490 -12.21 3.81 -12.65
C SER B 490 -10.80 3.77 -12.06
N SER B 491 -10.41 2.61 -11.53
CA SER B 491 -9.06 2.40 -11.03
C SER B 491 -8.10 2.01 -12.16
N ARG B 492 -6.86 2.50 -12.08
CA ARG B 492 -5.84 2.15 -13.07
C ARG B 492 -4.58 1.57 -12.39
N SER B 493 -4.08 0.44 -12.89
CA SER B 493 -2.87 -0.17 -12.35
C SER B 493 -1.66 0.50 -12.97
N ASN B 494 -1.89 1.14 -14.11
CA ASN B 494 -0.86 1.92 -14.79
C ASN B 494 -1.24 3.39 -14.79
N ILE B 495 -0.41 4.24 -14.18
CA ILE B 495 -0.74 5.66 -14.11
C ILE B 495 0.12 6.55 -15.01
N GLU B 496 0.43 6.05 -16.21
CA GLU B 496 1.12 6.83 -17.21
C GLU B 496 0.14 7.37 -18.23
N ILE B 497 0.59 8.30 -19.06
CA ILE B 497 -0.18 8.67 -20.24
C ILE B 497 -0.20 7.45 -21.15
N PRO B 498 -1.38 7.11 -21.71
CA PRO B 498 -1.50 5.93 -22.58
C PRO B 498 -0.37 5.84 -23.60
N ALA B 499 0.16 4.64 -23.78
CA ALA B 499 1.37 4.44 -24.60
C ALA B 499 1.26 5.02 -26.01
N LEU B 500 0.11 4.83 -26.65
CA LEU B 500 -0.11 5.35 -28.00
C LEU B 500 0.19 6.84 -28.05
N GLN B 501 -0.31 7.58 -27.06
CA GLN B 501 -0.10 9.03 -26.99
C GLN B 501 1.37 9.39 -26.74
N ARG B 502 2.04 8.62 -25.90
CA ARG B 502 3.45 8.87 -25.64
C ARG B 502 4.21 8.73 -26.95
N GLU B 503 3.82 7.74 -27.75
CA GLU B 503 4.46 7.51 -29.04
C GLU B 503 4.22 8.69 -29.97
N LEU B 504 2.98 9.18 -30.00
CA LEU B 504 2.65 10.40 -30.74
C LEU B 504 3.54 11.55 -30.28
N LEU B 505 3.60 11.76 -28.96
CA LEU B 505 4.36 12.86 -28.39
C LEU B 505 5.80 12.85 -28.86
N GLN B 506 6.41 11.67 -28.81
CA GLN B 506 7.77 11.49 -29.27
C GLN B 506 7.96 11.96 -30.72
N ALA B 507 7.01 11.60 -31.59
CA ALA B 507 7.11 11.96 -32.99
C ALA B 507 7.00 13.47 -33.18
N LEU B 508 6.25 14.11 -32.28
CA LEU B 508 6.13 15.56 -32.32
C LEU B 508 7.44 16.23 -31.93
N LEU B 509 8.01 15.81 -30.81
CA LEU B 509 9.26 16.40 -30.34
C LEU B 509 10.30 16.26 -31.44
N LYS B 510 10.26 15.11 -32.11
CA LYS B 510 11.24 14.77 -33.13
C LYS B 510 11.19 15.72 -34.33
N THR B 511 10.17 16.58 -34.39
CA THR B 511 10.05 17.55 -35.47
C THR B 511 11.00 18.72 -35.27
N GLY B 512 11.52 18.85 -34.05
CA GLY B 512 12.41 19.95 -33.72
C GLY B 512 11.66 21.20 -33.31
N LYS B 513 10.34 21.14 -33.41
CA LYS B 513 9.48 22.25 -33.00
C LYS B 513 9.31 22.24 -31.49
N PRO B 514 9.16 23.42 -30.88
CA PRO B 514 8.89 23.51 -29.43
C PRO B 514 7.50 22.98 -29.14
N VAL B 515 7.39 22.09 -28.15
CA VAL B 515 6.12 21.46 -27.84
C VAL B 515 5.62 21.82 -26.44
N VAL B 516 4.34 22.19 -26.36
CA VAL B 516 3.68 22.40 -25.08
C VAL B 516 2.76 21.22 -24.84
N LEU B 517 2.87 20.62 -23.66
CA LEU B 517 1.99 19.52 -23.30
C LEU B 517 0.88 20.00 -22.39
N VAL B 518 -0.31 20.15 -22.95
CA VAL B 518 -1.46 20.46 -22.12
C VAL B 518 -2.08 19.13 -21.70
N LEU B 519 -1.95 18.83 -20.41
CA LEU B 519 -2.29 17.52 -19.88
C LEU B 519 -3.69 17.48 -19.27
N PHE B 520 -4.52 16.59 -19.81
CA PHE B 520 -5.86 16.36 -19.31
C PHE B 520 -5.82 15.12 -18.45
N THR B 521 -6.23 15.24 -17.19
CA THR B 521 -6.22 14.08 -16.32
C THR B 521 -7.15 14.24 -15.12
N GLY B 522 -7.53 13.10 -14.54
CA GLY B 522 -8.33 13.10 -13.32
C GLY B 522 -7.52 12.63 -12.13
N ARG B 523 -6.24 12.36 -12.34
CA ARG B 523 -5.37 11.81 -11.31
C ARG B 523 -3.93 12.25 -11.53
N PRO B 524 -3.10 12.15 -10.47
CA PRO B 524 -1.65 12.29 -10.66
C PRO B 524 -1.18 11.23 -11.65
N LEU B 525 -0.21 11.56 -12.49
CA LEU B 525 0.34 10.61 -13.44
C LEU B 525 1.87 10.55 -13.32
N ALA B 526 2.46 9.44 -13.73
CA ALA B 526 3.92 9.31 -13.74
C ALA B 526 4.51 9.91 -15.02
N LEU B 527 5.21 11.03 -14.87
CA LEU B 527 5.58 11.86 -16.01
C LEU B 527 7.08 12.13 -16.17
N THR B 528 7.92 11.27 -15.62
CA THR B 528 9.36 11.56 -15.63
C THR B 528 9.87 11.76 -17.05
N TRP B 529 9.46 10.88 -17.96
CA TRP B 529 9.93 10.97 -19.34
C TRP B 529 9.45 12.25 -20.00
N GLU B 530 8.20 12.62 -19.74
CA GLU B 530 7.64 13.84 -20.32
C GLU B 530 8.34 15.07 -19.78
N HIS B 531 8.61 15.08 -18.47
CA HIS B 531 9.29 16.19 -17.85
C HIS B 531 10.69 16.34 -18.42
N GLU B 532 11.31 15.21 -18.76
CA GLU B 532 12.67 15.21 -19.29
C GLU B 532 12.75 15.77 -20.71
N ASN B 533 11.69 15.56 -21.50
CA ASN B 533 11.75 15.87 -22.93
C ASN B 533 10.87 17.01 -23.45
N VAL B 534 9.83 17.39 -22.69
CA VAL B 534 8.92 18.44 -23.15
C VAL B 534 9.20 19.80 -22.52
N PRO B 535 9.34 20.84 -23.37
CA PRO B 535 9.73 22.18 -22.95
C PRO B 535 8.76 22.78 -21.93
N ALA B 536 7.47 22.55 -22.13
CA ALA B 536 6.44 23.13 -21.28
C ALA B 536 5.31 22.14 -21.02
N ILE B 537 4.82 22.11 -19.78
CA ILE B 537 3.77 21.19 -19.37
C ILE B 537 2.75 21.93 -18.52
N LEU B 538 1.53 22.00 -19.02
CA LEU B 538 0.44 22.60 -18.26
C LEU B 538 -0.61 21.54 -17.94
N ASN B 539 -0.74 21.21 -16.66
CA ASN B 539 -1.78 20.30 -16.23
C ASN B 539 -3.13 21.00 -16.11
N VAL B 540 -4.07 20.67 -16.99
CA VAL B 540 -5.38 21.33 -16.99
C VAL B 540 -6.48 20.49 -16.34
N TRP B 541 -6.12 19.36 -15.76
CA TRP B 541 -7.10 18.48 -15.12
C TRP B 541 -8.25 18.24 -16.07
N PHE B 542 -9.47 18.45 -15.58
CA PHE B 542 -10.65 18.58 -16.43
C PHE B 542 -11.38 19.85 -16.00
N ALA B 543 -11.40 20.84 -16.88
CA ALA B 543 -11.71 22.20 -16.49
C ALA B 543 -13.20 22.59 -16.53
N GLY B 544 -14.07 21.71 -17.02
CA GLY B 544 -15.50 22.00 -17.09
C GLY B 544 -16.02 22.40 -18.47
N THR B 545 -17.22 22.98 -18.51
CA THR B 545 -17.83 23.33 -19.79
C THR B 545 -17.07 24.44 -20.53
N GLU B 546 -16.23 25.18 -19.80
CA GLU B 546 -15.53 26.31 -20.40
C GLU B 546 -14.07 26.01 -20.67
N ALA B 547 -13.72 24.72 -20.64
CA ALA B 547 -12.32 24.27 -20.72
C ALA B 547 -11.49 25.01 -21.79
N GLY B 548 -11.96 24.96 -23.04
CA GLY B 548 -11.26 25.56 -24.16
C GLY B 548 -10.95 27.03 -24.00
N ASP B 549 -11.91 27.79 -23.48
CA ASP B 549 -11.71 29.22 -23.26
C ASP B 549 -10.72 29.46 -22.11
N ALA B 550 -10.88 28.69 -21.04
CA ALA B 550 -10.02 28.82 -19.87
C ALA B 550 -8.57 28.46 -20.21
N ILE B 551 -8.39 27.35 -20.91
CA ILE B 551 -7.06 26.90 -21.29
C ILE B 551 -6.38 27.92 -22.21
N SER B 552 -7.14 28.42 -23.19
CA SER B 552 -6.64 29.45 -24.10
C SER B 552 -6.21 30.71 -23.33
N ASP B 553 -6.92 31.04 -22.25
CA ASP B 553 -6.52 32.16 -21.40
C ASP B 553 -5.11 31.94 -20.86
N ALA B 554 -4.86 30.72 -20.38
CA ALA B 554 -3.56 30.36 -19.87
C ALA B 554 -2.52 30.40 -20.98
N LEU B 555 -2.80 29.71 -22.08
CA LEU B 555 -1.82 29.59 -23.16
C LEU B 555 -1.27 30.93 -23.66
N PHE B 556 -2.14 31.91 -23.88
CA PHE B 556 -1.71 33.20 -24.42
C PHE B 556 -1.33 34.23 -23.36
N GLY B 557 -1.45 33.85 -22.09
CA GLY B 557 -1.04 34.72 -21.01
C GLY B 557 -2.09 35.71 -20.56
N VAL B 558 -3.36 35.47 -20.90
CA VAL B 558 -4.45 36.30 -20.40
C VAL B 558 -4.55 36.09 -18.88
N VAL B 559 -4.36 34.85 -18.46
CA VAL B 559 -4.32 34.52 -17.04
C VAL B 559 -3.02 33.79 -16.70
N ASN B 560 -2.23 34.35 -15.79
CA ASN B 560 -0.99 33.73 -15.36
C ASN B 560 -1.27 32.57 -14.40
N PRO B 561 -1.00 31.34 -14.85
CA PRO B 561 -1.29 30.13 -14.05
C PRO B 561 -0.81 30.29 -12.62
N SER B 562 -1.58 29.78 -11.67
CA SER B 562 -1.30 30.02 -10.26
C SER B 562 -1.65 28.83 -9.41
N GLY B 563 -1.94 27.70 -10.05
CA GLY B 563 -2.32 26.51 -9.32
C GLY B 563 -1.13 25.77 -8.74
N LYS B 564 -1.39 24.93 -7.74
CA LYS B 564 -0.34 24.14 -7.10
C LYS B 564 -0.89 22.79 -6.68
N LEU B 565 -0.09 21.75 -6.85
CA LEU B 565 -0.53 20.39 -6.61
C LEU B 565 -1.04 20.19 -5.20
N SER B 566 -2.19 19.53 -5.09
CA SER B 566 -2.74 19.15 -3.80
C SER B 566 -2.45 17.67 -3.55
N ALA B 567 -1.88 17.01 -4.55
CA ALA B 567 -1.50 15.61 -4.43
C ALA B 567 -0.14 15.37 -5.09
N THR B 568 0.64 14.44 -4.53
CA THR B 568 1.98 14.15 -5.02
C THR B 568 1.99 13.41 -6.37
N PHE B 569 2.86 13.83 -7.28
CA PHE B 569 3.05 13.12 -8.55
C PHE B 569 4.26 12.19 -8.47
N PRO B 570 4.02 10.88 -8.41
CA PRO B 570 5.09 9.88 -8.29
C PRO B 570 5.93 9.78 -9.56
N ARG B 571 7.16 9.28 -9.44
CA ARG B 571 7.99 9.00 -10.60
C ARG B 571 7.46 7.76 -11.32
N ASN B 572 6.91 6.84 -10.54
CA ASN B 572 6.27 5.65 -11.08
C ASN B 572 5.37 5.03 -10.03
N VAL B 573 4.49 4.13 -10.46
CA VAL B 573 3.48 3.59 -9.58
C VAL B 573 4.11 2.73 -8.49
N GLY B 574 5.37 2.38 -8.69
CA GLY B 574 6.14 1.62 -7.72
C GLY B 574 6.48 2.40 -6.45
N GLN B 575 6.35 3.72 -6.51
CA GLN B 575 6.58 4.55 -5.32
C GLN B 575 5.33 4.64 -4.45
N VAL B 576 4.18 4.25 -4.98
CA VAL B 576 2.92 4.43 -4.28
C VAL B 576 2.81 3.51 -3.07
N PRO B 577 2.36 4.04 -1.92
CA PRO B 577 2.01 5.45 -1.74
C PRO B 577 3.20 6.33 -1.35
N ILE B 578 3.29 7.51 -1.96
CA ILE B 578 4.33 8.47 -1.60
C ILE B 578 3.67 9.82 -1.39
N TYR B 579 3.91 10.43 -0.24
CA TYR B 579 3.24 11.65 0.14
C TYR B 579 4.15 12.54 0.98
N TYR B 580 3.84 13.82 1.06
CA TYR B 580 4.75 14.79 1.67
C TYR B 580 4.80 14.71 3.20
N ASN B 581 3.67 14.44 3.84
CA ASN B 581 3.62 14.39 5.30
C ASN B 581 3.97 13.02 5.86
N HIS B 582 5.17 12.56 5.57
CA HIS B 582 5.60 11.22 5.96
C HIS B 582 6.52 11.25 7.18
N LYS B 583 6.62 10.10 7.84
CA LYS B 583 7.53 9.94 8.97
C LYS B 583 8.97 9.87 8.46
N ASN B 584 9.93 10.16 9.35
CA ASN B 584 11.32 10.23 8.95
C ASN B 584 11.95 8.84 8.75
N THR B 585 11.37 7.83 9.40
CA THR B 585 11.99 6.52 9.53
C THR B 585 13.27 6.62 10.35
N GLY B 586 13.88 5.48 10.64
CA GLY B 586 15.09 5.46 11.43
C GLY B 586 16.33 5.47 10.56
N ARG B 587 16.15 5.33 9.24
CA ARG B 587 17.25 5.33 8.30
C ARG B 587 17.00 6.25 7.10
N PRO B 588 16.71 7.54 7.35
CA PRO B 588 16.34 8.43 6.24
C PRO B 588 17.50 8.65 5.29
N LEU B 589 17.19 8.75 4.01
CA LEU B 589 18.17 9.10 3.00
C LEU B 589 18.42 10.59 3.05
N PRO B 590 19.68 10.99 3.31
CA PRO B 590 20.03 12.41 3.31
C PRO B 590 19.70 13.01 1.95
N GLU B 591 19.32 14.29 1.93
CA GLU B 591 18.87 14.93 0.71
C GLU B 591 19.98 14.96 -0.34
N GLY B 592 19.65 14.60 -1.57
CA GLY B 592 20.60 14.62 -2.67
C GLY B 592 21.50 13.40 -2.76
N GLN B 593 21.43 12.49 -1.80
CA GLN B 593 22.39 11.39 -1.72
C GLN B 593 21.97 10.03 -2.32
N TRP B 594 20.81 9.93 -2.96
CA TRP B 594 20.44 8.67 -3.61
C TRP B 594 21.55 8.31 -4.62
N PHE B 595 22.03 7.06 -4.63
CA PHE B 595 21.55 5.96 -3.79
C PHE B 595 22.52 5.67 -2.65
N GLN B 596 21.99 5.33 -1.47
CA GLN B 596 22.83 4.94 -0.34
C GLN B 596 22.37 3.60 0.22
N LYS B 597 23.26 2.61 0.22
CA LYS B 597 22.94 1.29 0.76
C LYS B 597 22.63 1.42 2.24
N PHE B 598 21.68 0.61 2.73
CA PHE B 598 21.29 0.61 4.14
C PHE B 598 20.58 1.88 4.59
N ARG B 599 20.12 2.67 3.63
CA ARG B 599 19.18 3.74 3.93
C ARG B 599 17.86 3.31 3.36
N SER B 600 16.78 3.98 3.76
CA SER B 600 15.46 3.73 3.21
C SER B 600 15.34 4.33 1.81
N ASN B 601 15.60 3.50 0.80
CA ASN B 601 15.52 3.91 -0.60
C ASN B 601 15.55 2.70 -1.56
N TYR B 602 15.15 2.93 -2.80
CA TYR B 602 15.10 1.87 -3.82
C TYR B 602 16.39 1.76 -4.61
N LEU B 603 16.61 0.59 -5.18
CA LEU B 603 17.71 0.37 -6.11
C LEU B 603 17.55 1.11 -7.43
N ASP B 604 16.31 1.35 -7.83
CA ASP B 604 16.03 1.72 -9.22
C ASP B 604 15.32 3.06 -9.45
N VAL B 605 15.01 3.78 -8.37
CA VAL B 605 14.37 5.08 -8.49
C VAL B 605 14.70 5.90 -7.26
N PRO B 606 14.87 7.22 -7.44
CA PRO B 606 15.07 8.12 -6.29
C PRO B 606 13.90 8.04 -5.32
N ASN B 607 14.07 8.62 -4.14
CA ASN B 607 13.01 8.68 -3.14
C ASN B 607 12.03 9.80 -3.44
N ASP B 608 12.53 10.84 -4.10
CA ASP B 608 11.72 11.99 -4.45
C ASP B 608 10.64 11.60 -5.44
N PRO B 609 9.44 12.15 -5.25
CA PRO B 609 8.43 12.12 -6.32
C PRO B 609 8.93 13.01 -7.46
N LEU B 610 8.22 13.04 -8.58
CA LEU B 610 8.60 13.93 -9.67
C LEU B 610 8.26 15.37 -9.30
N TYR B 611 7.02 15.58 -8.85
CA TYR B 611 6.59 16.87 -8.34
C TYR B 611 5.99 16.67 -6.96
N PRO B 612 6.41 17.48 -5.99
CA PRO B 612 5.99 17.33 -4.60
C PRO B 612 4.65 18.03 -4.34
N PHE B 613 4.03 17.72 -3.20
CA PHE B 613 2.87 18.45 -2.73
C PHE B 613 3.12 19.96 -2.76
N GLY B 614 2.15 20.71 -3.28
CA GLY B 614 2.22 22.15 -3.27
C GLY B 614 3.04 22.74 -4.38
N TYR B 615 3.51 21.90 -5.30
CA TYR B 615 4.29 22.39 -6.43
C TYR B 615 3.43 23.11 -7.45
N GLY B 616 3.95 24.23 -7.96
CA GLY B 616 3.28 24.94 -9.04
C GLY B 616 4.13 26.09 -9.52
N LEU B 617 4.34 26.17 -10.83
CA LEU B 617 5.12 27.24 -11.42
C LEU B 617 4.24 28.41 -11.89
N SER B 618 4.91 29.46 -12.34
CA SER B 618 4.21 30.63 -12.86
C SER B 618 4.91 31.12 -14.14
N PHE B 619 4.24 31.99 -14.87
CA PHE B 619 4.89 32.67 -15.99
C PHE B 619 5.96 33.63 -15.46
N THR B 620 5.77 34.07 -14.23
CA THR B 620 6.73 34.95 -13.56
C THR B 620 7.51 34.16 -12.50
N LYS B 621 8.38 34.86 -11.77
CA LYS B 621 9.17 34.25 -10.70
C LYS B 621 8.85 34.91 -9.37
N PHE B 622 8.91 34.15 -8.29
CA PHE B 622 8.71 34.70 -6.95
C PHE B 622 9.94 34.48 -6.06
N THR B 623 10.41 35.55 -5.45
CA THR B 623 11.55 35.51 -4.55
C THR B 623 11.10 35.63 -3.11
N TYR B 624 11.58 34.72 -2.25
CA TYR B 624 11.28 34.81 -0.83
C TYR B 624 12.44 35.40 -0.06
N GLY B 625 12.14 36.32 0.85
CA GLY B 625 13.12 36.84 1.79
C GLY B 625 13.29 35.84 2.91
N ASP B 626 13.99 36.23 3.96
CA ASP B 626 14.20 35.34 5.10
C ASP B 626 12.99 35.31 6.05
N LEU B 627 12.79 34.18 6.70
CA LEU B 627 11.67 34.02 7.63
C LEU B 627 11.90 34.77 8.93
N LYS B 628 10.96 35.62 9.28
CA LYS B 628 11.00 36.39 10.52
C LYS B 628 10.05 35.78 11.53
N LEU B 629 10.53 35.52 12.74
CA LEU B 629 9.67 35.03 13.80
C LEU B 629 9.61 36.03 14.95
N SER B 630 8.42 36.24 15.51
CA SER B 630 8.29 37.20 16.60
C SER B 630 9.09 36.73 17.83
N SER B 631 9.28 35.41 17.93
CA SER B 631 10.02 34.85 19.06
C SER B 631 10.49 33.44 18.78
N THR B 632 11.52 33.00 19.49
CA THR B 632 12.07 31.65 19.35
C THR B 632 11.83 30.85 20.61
N ASN B 633 11.34 31.54 21.64
CA ASN B 633 11.08 30.91 22.93
C ASN B 633 9.71 31.30 23.43
N LEU B 634 8.77 30.38 23.30
CA LEU B 634 7.39 30.67 23.63
C LEU B 634 6.93 29.80 24.78
N LYS B 635 5.88 30.21 25.45
CA LYS B 635 5.41 29.51 26.63
C LYS B 635 3.89 29.59 26.70
N GLY B 636 3.26 28.45 26.92
CA GLY B 636 1.81 28.39 27.05
C GLY B 636 1.09 28.99 25.86
N ASN B 637 -0.07 29.58 26.12
CA ASN B 637 -0.90 30.14 25.05
C ASN B 637 -0.44 31.50 24.57
N GLN B 638 0.57 31.51 23.72
CA GLN B 638 1.02 32.75 23.11
C GLN B 638 0.80 32.65 21.62
N THR B 639 0.92 33.79 20.95
CA THR B 639 0.85 33.84 19.50
C THR B 639 2.23 34.10 18.93
N LEU B 640 2.67 33.21 18.06
CA LEU B 640 3.89 33.42 17.31
C LEU B 640 3.52 34.11 16.01
N THR B 641 4.25 35.15 15.64
CA THR B 641 4.02 35.80 14.37
C THR B 641 5.17 35.46 13.44
N ALA B 642 4.84 34.89 12.29
CA ALA B 642 5.84 34.53 11.29
C ALA B 642 5.60 35.32 10.01
N SER B 643 6.59 36.12 9.62
CA SER B 643 6.44 36.93 8.41
C SER B 643 7.58 36.71 7.43
N ILE B 644 7.38 37.15 6.19
CA ILE B 644 8.33 36.89 5.12
C ILE B 644 8.04 37.81 3.94
N GLU B 645 9.09 38.28 3.28
CA GLU B 645 8.94 39.15 2.12
C GLU B 645 8.82 38.30 0.87
N LEU B 646 7.77 38.54 0.10
CA LEU B 646 7.61 37.89 -1.20
C LEU B 646 7.70 38.93 -2.29
N THR B 647 8.56 38.67 -3.28
CA THR B 647 8.76 39.60 -4.38
C THR B 647 8.49 38.96 -5.73
N ASN B 648 7.74 39.65 -6.58
CA ASN B 648 7.54 39.21 -7.95
C ASN B 648 8.76 39.64 -8.77
N SER B 649 9.68 38.70 -8.97
CA SER B 649 10.97 39.02 -9.59
C SER B 649 11.04 38.60 -11.05
N GLY B 650 9.88 38.32 -11.64
CA GLY B 650 9.80 37.90 -13.03
C GLY B 650 9.27 38.98 -13.96
N ASP B 651 8.73 38.57 -15.09
CA ASP B 651 8.35 39.50 -16.16
C ASP B 651 6.85 39.79 -16.21
N TYR B 652 6.07 39.12 -15.38
CA TYR B 652 4.62 39.25 -15.45
C TYR B 652 3.96 39.40 -14.08
N ASP B 653 2.80 40.03 -14.10
CA ASP B 653 1.90 40.01 -12.95
C ASP B 653 1.52 38.56 -12.70
N GLY B 654 1.27 38.22 -11.45
CA GLY B 654 0.89 36.86 -11.13
C GLY B 654 0.57 36.64 -9.67
N ALA B 655 -0.08 35.51 -9.39
CA ALA B 655 -0.35 35.11 -8.02
C ALA B 655 0.49 33.89 -7.66
N GLU B 656 0.83 33.77 -6.39
CA GLU B 656 1.49 32.58 -5.90
C GLU B 656 0.95 32.21 -4.54
N VAL B 657 0.99 30.92 -4.23
CA VAL B 657 0.39 30.41 -3.01
C VAL B 657 1.49 30.23 -1.97
N VAL B 658 1.47 31.08 -0.94
CA VAL B 658 2.44 30.98 0.14
C VAL B 658 1.97 29.96 1.18
N GLN B 659 2.81 28.97 1.44
CA GLN B 659 2.43 27.83 2.27
C GLN B 659 3.20 27.78 3.58
N LEU B 660 2.47 27.53 4.67
CA LEU B 660 3.07 27.39 5.99
C LEU B 660 3.09 25.94 6.42
N TYR B 661 4.28 25.43 6.74
CA TYR B 661 4.44 24.08 7.26
C TYR B 661 5.06 24.09 8.64
N ILE B 662 4.68 23.13 9.48
CA ILE B 662 5.27 23.03 10.80
C ILE B 662 5.74 21.61 11.04
N ARG B 663 6.93 21.49 11.61
CA ARG B 663 7.44 20.18 12.01
C ARG B 663 7.62 20.10 13.52
N ASP B 664 7.05 19.06 14.11
CA ASP B 664 7.25 18.78 15.51
C ASP B 664 8.42 17.80 15.59
N LEU B 665 9.56 18.28 16.10
CA LEU B 665 10.85 17.55 16.01
C LEU B 665 10.91 16.25 16.81
N VAL B 666 10.58 16.32 18.10
CA VAL B 666 10.51 15.14 18.94
C VAL B 666 9.09 14.97 19.48
N GLY B 667 8.65 13.72 19.62
CA GLY B 667 7.33 13.45 20.16
C GLY B 667 7.28 12.12 20.90
N SER B 668 6.30 11.96 21.77
CA SER B 668 6.03 10.68 22.41
C SER B 668 5.75 9.60 21.34
N THR B 669 5.31 10.06 20.17
CA THR B 669 5.25 9.22 18.97
C THR B 669 5.96 9.97 17.85
N THR B 670 6.30 9.27 16.78
CA THR B 670 6.98 9.93 15.67
C THR B 670 6.05 10.93 14.97
N ARG B 671 6.59 12.10 14.66
CA ARG B 671 5.84 13.13 13.99
C ARG B 671 6.28 13.24 12.53
N PRO B 672 5.36 13.64 11.64
CA PRO B 672 5.68 13.78 10.22
C PRO B 672 6.78 14.81 10.02
N VAL B 673 7.58 14.67 8.96
CA VAL B 673 8.69 15.62 8.76
C VAL B 673 8.16 17.03 8.55
N LYS B 674 6.90 17.13 8.13
CA LYS B 674 6.24 18.43 8.04
C LYS B 674 4.74 18.30 7.81
N GLU B 675 4.00 19.36 8.15
CA GLU B 675 2.55 19.38 7.96
C GLU B 675 2.07 20.75 7.54
N LEU B 676 1.27 20.80 6.46
CA LEU B 676 0.62 22.04 6.07
C LEU B 676 -0.26 22.53 7.21
N LYS B 677 -0.11 23.80 7.57
CA LYS B 677 -0.81 24.37 8.71
C LYS B 677 -1.43 25.72 8.38
N GLY B 678 -1.10 26.24 7.20
CA GLY B 678 -1.66 27.50 6.74
C GLY B 678 -1.30 27.81 5.30
N PHE B 679 -2.03 28.73 4.70
CA PHE B 679 -1.70 29.22 3.35
C PHE B 679 -2.45 30.48 2.98
N GLN B 680 -1.87 31.26 2.06
CA GLN B 680 -2.50 32.45 1.51
C GLN B 680 -2.06 32.61 0.07
N LYS B 681 -3.02 32.87 -0.80
CA LYS B 681 -2.75 33.13 -2.20
C LYS B 681 -2.72 34.64 -2.40
N VAL B 682 -1.64 35.16 -2.95
CA VAL B 682 -1.50 36.62 -3.08
C VAL B 682 -1.12 37.03 -4.49
N PHE B 683 -1.80 38.05 -5.00
CA PHE B 683 -1.48 38.56 -6.32
C PHE B 683 -0.43 39.67 -6.23
N LEU B 684 0.55 39.62 -7.13
CA LEU B 684 1.64 40.60 -7.11
C LEU B 684 1.96 41.14 -8.50
N LYS B 685 1.91 42.46 -8.66
CA LYS B 685 2.34 43.10 -9.88
C LYS B 685 3.80 42.75 -10.13
N LYS B 686 4.20 42.76 -11.40
CA LYS B 686 5.60 42.54 -11.73
C LYS B 686 6.48 43.45 -10.89
N GLY B 687 7.37 42.87 -10.09
CA GLY B 687 8.31 43.64 -9.30
C GLY B 687 7.78 44.14 -7.97
N GLU B 688 6.54 43.78 -7.63
CA GLU B 688 5.94 44.18 -6.37
C GLU B 688 6.40 43.29 -5.21
N THR B 689 6.53 43.87 -4.02
CA THR B 689 6.93 43.13 -2.82
C THR B 689 5.91 43.29 -1.70
N LYS B 690 5.53 42.18 -1.08
CA LYS B 690 4.58 42.20 0.02
C LYS B 690 5.05 41.37 1.20
N THR B 691 4.68 41.79 2.41
CA THR B 691 5.00 41.05 3.62
C THR B 691 3.86 40.10 3.97
N ILE B 692 4.13 38.81 3.83
CA ILE B 692 3.13 37.80 4.17
C ILE B 692 3.27 37.40 5.64
N THR B 693 2.15 37.39 6.36
CA THR B 693 2.19 37.15 7.79
C THR B 693 1.27 36.01 8.23
N PHE B 694 1.79 35.13 9.07
CA PHE B 694 1.03 34.03 9.65
C PHE B 694 0.98 34.12 11.17
N LYS B 695 -0.19 33.89 11.74
CA LYS B 695 -0.34 33.84 13.19
C LYS B 695 -0.42 32.39 13.63
N ILE B 696 0.48 31.98 14.51
CA ILE B 696 0.57 30.60 14.96
C ILE B 696 0.32 30.50 16.45
N THR B 697 -0.53 29.56 16.84
CA THR B 697 -0.78 29.30 18.26
C THR B 697 -0.67 27.81 18.51
N PRO B 698 -0.70 27.39 19.79
CA PRO B 698 -0.56 25.97 20.13
C PRO B 698 -1.60 25.09 19.44
N GLU B 699 -2.74 25.67 19.06
CA GLU B 699 -3.74 24.90 18.33
C GLU B 699 -3.13 24.32 17.07
N ASP B 700 -2.22 25.08 16.47
CA ASP B 700 -1.56 24.66 15.24
C ASP B 700 -0.55 23.55 15.50
N LEU B 701 -0.33 23.23 16.77
CA LEU B 701 0.70 22.27 17.17
C LEU B 701 0.12 20.96 17.65
N LYS B 702 -1.18 20.91 17.85
CA LYS B 702 -1.80 19.72 18.41
C LYS B 702 -1.86 18.54 17.45
N PHE B 703 -1.90 17.34 18.01
CA PHE B 703 -2.05 16.11 17.23
C PHE B 703 -2.69 15.06 18.13
N TYR B 704 -3.01 13.91 17.56
CA TYR B 704 -3.55 12.81 18.36
C TYR B 704 -2.40 11.88 18.74
N ASN B 705 -2.16 11.76 20.04
CA ASN B 705 -1.04 10.94 20.49
C ASN B 705 -1.40 9.47 20.49
N TYR B 706 -0.51 8.66 21.04
CA TYR B 706 -0.67 7.21 21.08
C TYR B 706 -1.99 6.81 21.72
N ASP B 707 -2.42 7.58 22.71
CA ASP B 707 -3.66 7.29 23.40
C ASP B 707 -4.85 8.06 22.80
N LEU B 708 -4.60 8.70 21.67
CA LEU B 708 -5.61 9.44 20.94
C LEU B 708 -6.02 10.71 21.67
N LYS B 709 -5.19 11.15 22.60
CA LYS B 709 -5.40 12.44 23.25
C LYS B 709 -4.96 13.53 22.28
N TYR B 710 -5.84 14.51 22.07
CA TYR B 710 -5.56 15.65 21.21
C TYR B 710 -4.92 16.74 22.07
N ASP B 711 -3.64 17.01 21.80
CA ASP B 711 -2.88 17.96 22.61
C ASP B 711 -1.56 18.27 21.92
N TRP B 712 -0.82 19.24 22.44
CA TRP B 712 0.52 19.50 21.94
C TRP B 712 1.51 19.17 23.04
N GLU B 713 2.76 18.91 22.66
CA GLU B 713 3.82 18.62 23.63
C GLU B 713 4.91 19.68 23.57
N PRO B 714 5.42 20.10 24.74
CA PRO B 714 6.46 21.12 24.74
C PRO B 714 7.74 20.59 24.07
N GLY B 715 8.50 21.47 23.44
CA GLY B 715 9.69 21.07 22.73
C GLY B 715 10.00 21.96 21.53
N GLU B 716 10.85 21.46 20.64
CA GLU B 716 11.24 22.24 19.47
C GLU B 716 10.35 22.00 18.26
N PHE B 717 10.18 23.05 17.46
CA PHE B 717 9.42 22.96 16.22
C PHE B 717 10.19 23.71 15.14
N VAL B 718 9.96 23.32 13.89
CA VAL B 718 10.51 24.06 12.77
C VAL B 718 9.38 24.71 11.97
N ILE B 719 9.44 26.03 11.86
CA ILE B 719 8.46 26.80 11.12
C ILE B 719 8.98 27.00 9.71
N MET B 720 8.18 26.65 8.72
CA MET B 720 8.62 26.68 7.33
C MET B 720 7.65 27.45 6.45
N VAL B 721 8.18 28.26 5.54
CA VAL B 721 7.35 29.01 4.59
C VAL B 721 7.97 29.03 3.20
N GLY B 722 7.15 28.83 2.18
CA GLY B 722 7.60 28.84 0.79
C GLY B 722 6.46 28.47 -0.15
N GLY B 723 6.76 28.31 -1.43
CA GLY B 723 5.74 27.96 -2.41
C GLY B 723 5.78 26.49 -2.82
N ASN B 724 6.04 25.63 -1.85
CA ASN B 724 6.35 24.23 -2.07
C ASN B 724 6.51 23.55 -0.74
N SER B 725 6.11 22.28 -0.65
CA SER B 725 6.44 21.50 0.54
C SER B 725 7.93 21.15 0.51
N ARG B 726 8.59 21.50 -0.58
CA ARG B 726 10.00 21.15 -0.77
C ARG B 726 10.95 22.33 -0.55
N ASP B 727 10.66 23.45 -1.21
CA ASP B 727 11.52 24.62 -1.18
C ASP B 727 11.00 25.61 -0.14
N LEU B 728 11.65 25.65 1.01
CA LEU B 728 11.15 26.44 2.12
C LEU B 728 12.24 27.26 2.83
N LYS B 729 11.84 28.40 3.38
CA LYS B 729 12.66 29.09 4.35
C LYS B 729 12.18 28.57 5.70
N SER B 730 13.09 28.39 6.64
CA SER B 730 12.70 27.79 7.91
C SER B 730 13.42 28.37 9.11
N GLN B 731 12.88 28.08 10.29
CA GLN B 731 13.50 28.52 11.53
C GLN B 731 12.95 27.71 12.70
N LYS B 732 13.86 27.30 13.58
CA LYS B 732 13.52 26.48 14.73
C LYS B 732 13.12 27.35 15.93
N ILE B 733 12.15 26.87 16.69
CA ILE B 733 11.71 27.56 17.89
C ILE B 733 11.54 26.58 19.04
N ASN B 734 11.39 27.11 20.24
CA ASN B 734 11.15 26.28 21.41
C ASN B 734 9.84 26.71 22.08
N TRP B 735 8.96 25.77 22.32
CA TRP B 735 7.65 26.10 22.91
C TRP B 735 7.41 25.27 24.17
N LEU B 736 7.21 25.95 25.29
CA LEU B 736 7.04 25.27 26.56
C LEU B 736 5.63 25.41 27.13
N LYS B 737 5.26 24.47 27.99
CA LYS B 737 3.99 24.54 28.70
C LYS B 737 4.06 25.59 29.81
N ASP B 738 2.88 26.10 30.18
CA ASP B 738 2.79 27.00 31.32
C ASP B 738 2.22 26.23 32.51
N PRO B 739 3.07 25.95 33.51
CA PRO B 739 2.70 25.20 34.71
C PRO B 739 1.43 25.73 35.35
N ALA B 740 1.31 27.06 35.43
CA ALA B 740 0.11 27.68 36.01
C ALA B 740 -1.18 27.19 35.35
N PHE B 741 -1.14 27.02 34.03
CA PHE B 741 -2.34 26.68 33.27
C PHE B 741 -2.38 25.22 32.82
N LEU B 742 -1.99 24.32 33.71
CA LEU B 742 -1.99 22.89 33.35
C LEU B 742 -3.31 22.20 33.74
N TYR B 743 -4.25 22.19 32.79
CA TYR B 743 -5.56 21.60 32.98
C TYR B 743 -6.34 21.59 31.66
#